data_7M59
# 
_entry.id   7M59 
# 
_audit_conform.dict_name       mmcif_pdbx.dic 
_audit_conform.dict_version    5.380 
_audit_conform.dict_location   http://mmcif.pdb.org/dictionaries/ascii/mmcif_pdbx.dic 
# 
loop_
_database_2.database_id 
_database_2.database_code 
_database_2.pdbx_database_accession 
_database_2.pdbx_DOI 
PDB   7M59         pdb_00007m59 10.2210/pdb7m59/pdb 
WWPDB D_1000255652 ?            ?                   
# 
_pdbx_database_status.status_code                     REL 
_pdbx_database_status.status_code_sf                  REL 
_pdbx_database_status.status_code_mr                  ? 
_pdbx_database_status.entry_id                        7M59 
_pdbx_database_status.recvd_initial_deposition_date   2021-03-23 
_pdbx_database_status.SG_entry                        N 
_pdbx_database_status.deposit_site                    RCSB 
_pdbx_database_status.process_site                    RCSB 
_pdbx_database_status.status_code_cs                  ? 
_pdbx_database_status.status_code_nmr_data            ? 
_pdbx_database_status.methods_development_category    ? 
_pdbx_database_status.pdb_format_compatible           Y 
# 
loop_
_audit_author.name 
_audit_author.pdbx_ordinal 
_audit_author.identifier_ORCID 
'Medellin, B.P.' 1 ? 
'Moreno, R.Y.'   2 ? 
'Zhang, Y.J.'    3 ? 
# 
_citation.abstract                  ? 
_citation.abstract_id_CAS           ? 
_citation.book_id_ISBN              ? 
_citation.book_publisher            ? 
_citation.book_publisher_city       ? 
_citation.book_title                ? 
_citation.coordinate_linkage        ? 
_citation.country                   US 
_citation.database_id_Medline       ? 
_citation.details                   ? 
_citation.id                        primary 
_citation.journal_abbrev            Biochemistry 
_citation.journal_id_ASTM           BICHAW 
_citation.journal_id_CSD            0033 
_citation.journal_id_ISSN           0006-2960 
_citation.journal_full              ? 
_citation.journal_issue             ? 
_citation.journal_volume            60 
_citation.language                  ? 
_citation.page_first                1776 
_citation.page_last                 1786 
_citation.title                     
'Kinetic and Structural Analysis of Two Linkers in the Tautomerase Superfamily: Analysis and Implications.' 
_citation.year                      2021 
_citation.database_id_CSD           ? 
_citation.pdbx_database_id_DOI      10.1021/acs.biochem.1c00220 
_citation.pdbx_database_id_PubMed   34019384 
_citation.pdbx_database_id_patent   ? 
_citation.unpublished_flag          ? 
# 
loop_
_citation_author.citation_id 
_citation_author.name 
_citation_author.ordinal 
_citation_author.identifier_ORCID 
primary 'Baas, B.J.'        1  ? 
primary 'Medellin, B.P.'    2  ? 
primary 'LeVieux, J.A.'     3  ? 
primary 'Erwin, K.'         4  ? 
primary 'Lancaster, E.B.'   5  ? 
primary 'Johnson Jr., W.H.' 6  ? 
primary 'Kaoud, T.S.'       7  ? 
primary 'Moreno, R.Y.'      8  ? 
primary 'de Ruijter, M.'    9  ? 
primary 'Babbitt, P.C.'     10 ? 
primary 'Zhang, Y.J.'       11 ? 
primary 'Whitman, C.P.'     12 ? 
# 
_cell.angle_alpha                  90.000 
_cell.angle_alpha_esd              ? 
_cell.angle_beta                   90.000 
_cell.angle_beta_esd               ? 
_cell.angle_gamma                  120.000 
_cell.angle_gamma_esd              ? 
_cell.entry_id                     7M59 
_cell.details                      ? 
_cell.formula_units_Z              ? 
_cell.length_a                     78.839 
_cell.length_a_esd                 ? 
_cell.length_b                     78.839 
_cell.length_b_esd                 ? 
_cell.length_c                     182.952 
_cell.length_c_esd                 ? 
_cell.volume                       ? 
_cell.volume_esd                   ? 
_cell.Z_PDB                        36 
_cell.reciprocal_angle_alpha       ? 
_cell.reciprocal_angle_beta        ? 
_cell.reciprocal_angle_gamma       ? 
_cell.reciprocal_angle_alpha_esd   ? 
_cell.reciprocal_angle_beta_esd    ? 
_cell.reciprocal_angle_gamma_esd   ? 
_cell.reciprocal_length_a          ? 
_cell.reciprocal_length_b          ? 
_cell.reciprocal_length_c          ? 
_cell.reciprocal_length_a_esd      ? 
_cell.reciprocal_length_b_esd      ? 
_cell.reciprocal_length_c_esd      ? 
_cell.pdbx_unique_axis             ? 
# 
_symmetry.entry_id                         7M59 
_symmetry.cell_setting                     ? 
_symmetry.Int_Tables_number                155 
_symmetry.space_group_name_Hall            ? 
_symmetry.space_group_name_H-M             'H 3 2' 
_symmetry.pdbx_full_space_group_name_H-M   ? 
# 
loop_
_entity.id 
_entity.type 
_entity.src_method 
_entity.pdbx_description 
_entity.formula_weight 
_entity.pdbx_number_of_molecules 
_entity.pdbx_ec 
_entity.pdbx_mutation 
_entity.pdbx_fragment 
_entity.details 
1 polymer man 'Tautomerase domain-containing protein' 7024.948 2  ? ? ? ? 
2 water   nat water                                   18.015   91 ? ? ? ? 
# 
_entity_poly.entity_id                      1 
_entity_poly.type                           'polypeptide(L)' 
_entity_poly.nstd_linkage                   no 
_entity_poly.nstd_monomer                   no 
_entity_poly.pdbx_seq_one_letter_code       PVIQCDIRQGRTAEQKQAMAEAITRAVHETIGAPVEYIYVLIRETPGAHHVKAGRTLPEYTGDG 
_entity_poly.pdbx_seq_one_letter_code_can   PVIQCDIRQGRTAEQKQAMAEAITRAVHETIGAPVEYIYVLIRETPGAHHVKAGRTLPEYTGDG 
_entity_poly.pdbx_strand_id                 A,B 
_entity_poly.pdbx_target_identifier         ? 
# 
loop_
_entity_poly_seq.entity_id 
_entity_poly_seq.num 
_entity_poly_seq.mon_id 
_entity_poly_seq.hetero 
1 1  PRO n 
1 2  VAL n 
1 3  ILE n 
1 4  GLN n 
1 5  CYS n 
1 6  ASP n 
1 7  ILE n 
1 8  ARG n 
1 9  GLN n 
1 10 GLY n 
1 11 ARG n 
1 12 THR n 
1 13 ALA n 
1 14 GLU n 
1 15 GLN n 
1 16 LYS n 
1 17 GLN n 
1 18 ALA n 
1 19 MET n 
1 20 ALA n 
1 21 GLU n 
1 22 ALA n 
1 23 ILE n 
1 24 THR n 
1 25 ARG n 
1 26 ALA n 
1 27 VAL n 
1 28 HIS n 
1 29 GLU n 
1 30 THR n 
1 31 ILE n 
1 32 GLY n 
1 33 ALA n 
1 34 PRO n 
1 35 VAL n 
1 36 GLU n 
1 37 TYR n 
1 38 ILE n 
1 39 TYR n 
1 40 VAL n 
1 41 LEU n 
1 42 ILE n 
1 43 ARG n 
1 44 GLU n 
1 45 THR n 
1 46 PRO n 
1 47 GLY n 
1 48 ALA n 
1 49 HIS n 
1 50 HIS n 
1 51 VAL n 
1 52 LYS n 
1 53 ALA n 
1 54 GLY n 
1 55 ARG n 
1 56 THR n 
1 57 LEU n 
1 58 PRO n 
1 59 GLU n 
1 60 TYR n 
1 61 THR n 
1 62 GLY n 
1 63 ASP n 
1 64 GLY n 
# 
_entity_src_gen.entity_id                          1 
_entity_src_gen.pdbx_src_id                        1 
_entity_src_gen.pdbx_alt_source_flag               sample 
_entity_src_gen.pdbx_seq_type                      'Biological sequence' 
_entity_src_gen.pdbx_beg_seq_num                   1 
_entity_src_gen.pdbx_end_seq_num                   64 
_entity_src_gen.gene_src_common_name               ? 
_entity_src_gen.gene_src_genus                     ? 
_entity_src_gen.pdbx_gene_src_gene                 AMJ59_12120 
_entity_src_gen.gene_src_species                   ? 
_entity_src_gen.gene_src_strain                    ? 
_entity_src_gen.gene_src_tissue                    ? 
_entity_src_gen.gene_src_tissue_fraction           ? 
_entity_src_gen.gene_src_details                   ? 
_entity_src_gen.pdbx_gene_src_fragment             ? 
_entity_src_gen.pdbx_gene_src_scientific_name      'Gammaproteobacteria bacterium SG8_31' 
_entity_src_gen.pdbx_gene_src_ncbi_taxonomy_id     1703405 
_entity_src_gen.pdbx_gene_src_variant              ? 
_entity_src_gen.pdbx_gene_src_cell_line            ? 
_entity_src_gen.pdbx_gene_src_atcc                 ? 
_entity_src_gen.pdbx_gene_src_organ                ? 
_entity_src_gen.pdbx_gene_src_organelle            ? 
_entity_src_gen.pdbx_gene_src_cell                 ? 
_entity_src_gen.pdbx_gene_src_cellular_location    ? 
_entity_src_gen.host_org_common_name               ? 
_entity_src_gen.pdbx_host_org_scientific_name      
;Escherichia coli 'BL21-Gold(DE3)pLysS AG'
;
_entity_src_gen.pdbx_host_org_ncbi_taxonomy_id     866768 
_entity_src_gen.host_org_genus                     ? 
_entity_src_gen.pdbx_host_org_gene                 ? 
_entity_src_gen.pdbx_host_org_organ                ? 
_entity_src_gen.host_org_species                   ? 
_entity_src_gen.pdbx_host_org_tissue               ? 
_entity_src_gen.pdbx_host_org_tissue_fraction      ? 
_entity_src_gen.pdbx_host_org_strain               ? 
_entity_src_gen.pdbx_host_org_variant              ? 
_entity_src_gen.pdbx_host_org_cell_line            ? 
_entity_src_gen.pdbx_host_org_atcc                 ? 
_entity_src_gen.pdbx_host_org_culture_collection   ? 
_entity_src_gen.pdbx_host_org_cell                 ? 
_entity_src_gen.pdbx_host_org_organelle            ? 
_entity_src_gen.pdbx_host_org_cellular_location    ? 
_entity_src_gen.pdbx_host_org_vector_type          ? 
_entity_src_gen.pdbx_host_org_vector               ? 
_entity_src_gen.host_org_details                   ? 
_entity_src_gen.expression_system_id               ? 
_entity_src_gen.plasmid_name                       ? 
_entity_src_gen.plasmid_details                    ? 
_entity_src_gen.pdbx_description                   ? 
# 
_struct_ref.id                         1 
_struct_ref.db_name                    UNP 
_struct_ref.db_code                    A0A0S8FF56_9GAMM 
_struct_ref.pdbx_db_accession          A0A0S8FF56 
_struct_ref.pdbx_db_isoform            ? 
_struct_ref.entity_id                  1 
_struct_ref.pdbx_seq_one_letter_code   PVIQCDIRQGRTAEQKQAMAEAITRAVHETIGAPVEYIYVLIRETPGAHHVKAGRTLPEYTGDG 
_struct_ref.pdbx_align_begin           2 
# 
loop_
_struct_ref_seq.align_id 
_struct_ref_seq.ref_id 
_struct_ref_seq.pdbx_PDB_id_code 
_struct_ref_seq.pdbx_strand_id 
_struct_ref_seq.seq_align_beg 
_struct_ref_seq.pdbx_seq_align_beg_ins_code 
_struct_ref_seq.seq_align_end 
_struct_ref_seq.pdbx_seq_align_end_ins_code 
_struct_ref_seq.pdbx_db_accession 
_struct_ref_seq.db_align_beg 
_struct_ref_seq.pdbx_db_align_beg_ins_code 
_struct_ref_seq.db_align_end 
_struct_ref_seq.pdbx_db_align_end_ins_code 
_struct_ref_seq.pdbx_auth_seq_align_beg 
_struct_ref_seq.pdbx_auth_seq_align_end 
1 1 7M59 A 1 ? 64 ? A0A0S8FF56 2 ? 65 ? 1 64 
2 1 7M59 B 1 ? 64 ? A0A0S8FF56 2 ? 65 ? 1 64 
# 
loop_
_chem_comp.id 
_chem_comp.type 
_chem_comp.mon_nstd_flag 
_chem_comp.name 
_chem_comp.pdbx_synonyms 
_chem_comp.formula 
_chem_comp.formula_weight 
ALA 'L-peptide linking' y ALANINE         ? 'C3 H7 N O2'     89.093  
ARG 'L-peptide linking' y ARGININE        ? 'C6 H15 N4 O2 1' 175.209 
ASP 'L-peptide linking' y 'ASPARTIC ACID' ? 'C4 H7 N O4'     133.103 
CYS 'L-peptide linking' y CYSTEINE        ? 'C3 H7 N O2 S'   121.158 
GLN 'L-peptide linking' y GLUTAMINE       ? 'C5 H10 N2 O3'   146.144 
GLU 'L-peptide linking' y 'GLUTAMIC ACID' ? 'C5 H9 N O4'     147.129 
GLY 'peptide linking'   y GLYCINE         ? 'C2 H5 N O2'     75.067  
HIS 'L-peptide linking' y HISTIDINE       ? 'C6 H10 N3 O2 1' 156.162 
HOH non-polymer         . WATER           ? 'H2 O'           18.015  
ILE 'L-peptide linking' y ISOLEUCINE      ? 'C6 H13 N O2'    131.173 
LEU 'L-peptide linking' y LEUCINE         ? 'C6 H13 N O2'    131.173 
LYS 'L-peptide linking' y LYSINE          ? 'C6 H15 N2 O2 1' 147.195 
MET 'L-peptide linking' y METHIONINE      ? 'C5 H11 N O2 S'  149.211 
PRO 'L-peptide linking' y PROLINE         ? 'C5 H9 N O2'     115.130 
THR 'L-peptide linking' y THREONINE       ? 'C4 H9 N O3'     119.119 
TYR 'L-peptide linking' y TYROSINE        ? 'C9 H11 N O3'    181.189 
VAL 'L-peptide linking' y VALINE          ? 'C5 H11 N O2'    117.146 
# 
_exptl.absorpt_coefficient_mu     ? 
_exptl.absorpt_correction_T_max   ? 
_exptl.absorpt_correction_T_min   ? 
_exptl.absorpt_correction_type    ? 
_exptl.absorpt_process_details    ? 
_exptl.entry_id                   7M59 
_exptl.crystals_number            1 
_exptl.details                    ? 
_exptl.method                     'X-RAY DIFFRACTION' 
_exptl.method_details             ? 
# 
_exptl_crystal.colour                      ? 
_exptl_crystal.density_diffrn              ? 
_exptl_crystal.density_Matthews            3.89 
_exptl_crystal.density_method              ? 
_exptl_crystal.density_percent_sol         68.41 
_exptl_crystal.description                 ? 
_exptl_crystal.F_000                       ? 
_exptl_crystal.id                          1 
_exptl_crystal.preparation                 ? 
_exptl_crystal.size_max                    ? 
_exptl_crystal.size_mid                    ? 
_exptl_crystal.size_min                    ? 
_exptl_crystal.size_rad                    ? 
_exptl_crystal.colour_lustre               ? 
_exptl_crystal.colour_modifier             ? 
_exptl_crystal.colour_primary              ? 
_exptl_crystal.density_meas                ? 
_exptl_crystal.density_meas_esd            ? 
_exptl_crystal.density_meas_gt             ? 
_exptl_crystal.density_meas_lt             ? 
_exptl_crystal.density_meas_temp           ? 
_exptl_crystal.density_meas_temp_esd       ? 
_exptl_crystal.density_meas_temp_gt        ? 
_exptl_crystal.density_meas_temp_lt        ? 
_exptl_crystal.pdbx_crystal_image_url      ? 
_exptl_crystal.pdbx_crystal_image_format   ? 
_exptl_crystal.pdbx_mosaicity              ? 
_exptl_crystal.pdbx_mosaicity_esd          ? 
# 
_exptl_crystal_grow.apparatus       ? 
_exptl_crystal_grow.atmosphere      ? 
_exptl_crystal_grow.crystal_id      1 
_exptl_crystal_grow.details         ? 
_exptl_crystal_grow.method          'VAPOR DIFFUSION, SITTING DROP' 
_exptl_crystal_grow.method_ref      ? 
_exptl_crystal_grow.pH              ? 
_exptl_crystal_grow.pressure        ? 
_exptl_crystal_grow.pressure_esd    ? 
_exptl_crystal_grow.seeding         ? 
_exptl_crystal_grow.seeding_ref     ? 
_exptl_crystal_grow.temp            277 
_exptl_crystal_grow.temp_details    ? 
_exptl_crystal_grow.temp_esd        ? 
_exptl_crystal_grow.time            ? 
_exptl_crystal_grow.pdbx_details    '40% 2-methyl-2,4-pentanediol, 4% PEG 8000, 1% sodium cacodylate' 
_exptl_crystal_grow.pdbx_pH_range   ? 
# 
_diffrn.ambient_environment              ? 
_diffrn.ambient_temp                     100 
_diffrn.ambient_temp_details             ? 
_diffrn.ambient_temp_esd                 ? 
_diffrn.crystal_id                       1 
_diffrn.crystal_support                  ? 
_diffrn.crystal_treatment                ? 
_diffrn.details                          ? 
_diffrn.id                               1 
_diffrn.ambient_pressure                 ? 
_diffrn.ambient_pressure_esd             ? 
_diffrn.ambient_pressure_gt              ? 
_diffrn.ambient_pressure_lt              ? 
_diffrn.ambient_temp_gt                  ? 
_diffrn.ambient_temp_lt                  ? 
_diffrn.pdbx_serial_crystal_experiment   N 
# 
_diffrn_detector.details                      ? 
_diffrn_detector.detector                     PIXEL 
_diffrn_detector.diffrn_id                    1 
_diffrn_detector.type                         'DECTRIS PILATUS3 S 6M' 
_diffrn_detector.area_resol_mean              ? 
_diffrn_detector.dtime                        ? 
_diffrn_detector.pdbx_frames_total            ? 
_diffrn_detector.pdbx_collection_time_total   ? 
_diffrn_detector.pdbx_collection_date         2018-05-27 
_diffrn_detector.pdbx_frequency               ? 
# 
_diffrn_radiation.collimation                      ? 
_diffrn_radiation.diffrn_id                        1 
_diffrn_radiation.filter_edge                      ? 
_diffrn_radiation.inhomogeneity                    ? 
_diffrn_radiation.monochromator                    ? 
_diffrn_radiation.polarisn_norm                    ? 
_diffrn_radiation.polarisn_ratio                   ? 
_diffrn_radiation.probe                            ? 
_diffrn_radiation.type                             ? 
_diffrn_radiation.xray_symbol                      ? 
_diffrn_radiation.wavelength_id                    1 
_diffrn_radiation.pdbx_monochromatic_or_laue_m_l   M 
_diffrn_radiation.pdbx_wavelength_list             ? 
_diffrn_radiation.pdbx_wavelength                  ? 
_diffrn_radiation.pdbx_diffrn_protocol             'SINGLE WAVELENGTH' 
_diffrn_radiation.pdbx_analyzer                    ? 
_diffrn_radiation.pdbx_scattering_type             x-ray 
# 
_diffrn_radiation_wavelength.id           1 
_diffrn_radiation_wavelength.wavelength   1.0 
_diffrn_radiation_wavelength.wt           1.0 
# 
_diffrn_source.current                     ? 
_diffrn_source.details                     ? 
_diffrn_source.diffrn_id                   1 
_diffrn_source.power                       ? 
_diffrn_source.size                        ? 
_diffrn_source.source                      SYNCHROTRON 
_diffrn_source.target                      ? 
_diffrn_source.type                        'APS BEAMLINE 23-ID-B' 
_diffrn_source.voltage                     ? 
_diffrn_source.take-off_angle              ? 
_diffrn_source.pdbx_wavelength_list        1.0 
_diffrn_source.pdbx_wavelength             ? 
_diffrn_source.pdbx_synchrotron_beamline   23-ID-B 
_diffrn_source.pdbx_synchrotron_site       APS 
# 
_reflns.B_iso_Wilson_estimate            23.890 
_reflns.entry_id                         7M59 
_reflns.data_reduction_details           ? 
_reflns.data_reduction_method            ? 
_reflns.d_resolution_high                1.650 
_reflns.d_resolution_low                 50.000 
_reflns.details                          ? 
_reflns.limit_h_max                      ? 
_reflns.limit_h_min                      ? 
_reflns.limit_k_max                      ? 
_reflns.limit_k_min                      ? 
_reflns.limit_l_max                      ? 
_reflns.limit_l_min                      ? 
_reflns.number_all                       ? 
_reflns.number_obs                       26628 
_reflns.observed_criterion               ? 
_reflns.observed_criterion_F_max         ? 
_reflns.observed_criterion_F_min         ? 
_reflns.observed_criterion_I_max         ? 
_reflns.observed_criterion_I_min         ? 
_reflns.observed_criterion_sigma_F       ? 
_reflns.observed_criterion_sigma_I       ? 
_reflns.percent_possible_obs             99.700 
_reflns.R_free_details                   ? 
_reflns.Rmerge_F_all                     ? 
_reflns.Rmerge_F_obs                     ? 
_reflns.Friedel_coverage                 ? 
_reflns.number_gt                        ? 
_reflns.threshold_expression             ? 
_reflns.pdbx_redundancy                  10.900 
_reflns.pdbx_Rmerge_I_obs                0.057 
_reflns.pdbx_Rmerge_I_all                ? 
_reflns.pdbx_Rsym_value                  ? 
_reflns.pdbx_netI_over_av_sigmaI         ? 
_reflns.pdbx_netI_over_sigmaI            11.700 
_reflns.pdbx_res_netI_over_av_sigmaI_2   ? 
_reflns.pdbx_res_netI_over_sigmaI_2      ? 
_reflns.pdbx_chi_squared                 1.174 
_reflns.pdbx_scaling_rejects             ? 
_reflns.pdbx_d_res_high_opt              ? 
_reflns.pdbx_d_res_low_opt               ? 
_reflns.pdbx_d_res_opt_method            ? 
_reflns.phase_calculation_details        ? 
_reflns.pdbx_Rrim_I_all                  0.060 
_reflns.pdbx_Rpim_I_all                  0.018 
_reflns.pdbx_d_opt                       ? 
_reflns.pdbx_number_measured_all         289310 
_reflns.pdbx_diffrn_id                   1 
_reflns.pdbx_ordinal                     1 
_reflns.pdbx_CC_half                     ? 
_reflns.pdbx_CC_star                     ? 
_reflns.pdbx_R_split                     ? 
# 
loop_
_reflns_shell.d_res_high 
_reflns_shell.d_res_low 
_reflns_shell.meanI_over_sigI_all 
_reflns_shell.meanI_over_sigI_obs 
_reflns_shell.number_measured_all 
_reflns_shell.number_measured_obs 
_reflns_shell.number_possible 
_reflns_shell.number_unique_all 
_reflns_shell.number_unique_obs 
_reflns_shell.percent_possible_all 
_reflns_shell.percent_possible_obs 
_reflns_shell.Rmerge_F_all 
_reflns_shell.Rmerge_F_obs 
_reflns_shell.Rmerge_I_all 
_reflns_shell.Rmerge_I_obs 
_reflns_shell.meanI_over_sigI_gt 
_reflns_shell.meanI_over_uI_all 
_reflns_shell.meanI_over_uI_gt 
_reflns_shell.number_measured_gt 
_reflns_shell.number_unique_gt 
_reflns_shell.percent_possible_gt 
_reflns_shell.Rmerge_F_gt 
_reflns_shell.Rmerge_I_gt 
_reflns_shell.pdbx_redundancy 
_reflns_shell.pdbx_Rsym_value 
_reflns_shell.pdbx_chi_squared 
_reflns_shell.pdbx_netI_over_sigmaI_all 
_reflns_shell.pdbx_netI_over_sigmaI_obs 
_reflns_shell.pdbx_Rrim_I_all 
_reflns_shell.pdbx_Rpim_I_all 
_reflns_shell.pdbx_rejects 
_reflns_shell.pdbx_ordinal 
_reflns_shell.pdbx_diffrn_id 
_reflns_shell.pdbx_CC_half 
_reflns_shell.pdbx_CC_star 
_reflns_shell.pdbx_R_split 
1.650 1.680  ? ? ? ? ? ? 1270 97.000  ? ? ? ? 0.616 ? ? ? ? ? ? ? ? 5.300  ? 0.568 ? ? 0.683 0.290 ? 1  1 0.767 ? ? 
1.680 1.710  ? ? ? ? ? ? 1293 98.200  ? ? ? ? 0.529 ? ? ? ? ? ? ? ? 6.100  ? 0.593 ? ? 0.578 0.229 ? 2  1 0.835 ? ? 
1.710 1.740  ? ? ? ? ? ? 1291 99.100  ? ? ? ? 0.484 ? ? ? ? ? ? ? ? 7.000  ? 0.609 ? ? 0.523 0.195 ? 3  1 0.855 ? ? 
1.740 1.780  ? ? ? ? ? ? 1331 99.800  ? ? ? ? 0.415 ? ? ? ? ? ? ? ? 8.000  ? 0.646 ? ? 0.443 0.155 ? 4  1 0.912 ? ? 
1.780 1.820  ? ? ? ? ? ? 1315 100.000 ? ? ? ? 0.355 ? ? ? ? ? ? ? ? 9.800  ? 0.681 ? ? 0.375 0.119 ? 5  1 0.958 ? ? 
1.820 1.860  ? ? ? ? ? ? 1338 100.000 ? ? ? ? 0.287 ? ? ? ? ? ? ? ? 11.400 ? 0.707 ? ? 0.300 0.089 ? 6  1 0.977 ? ? 
1.860 1.900  ? ? ? ? ? ? 1310 100.000 ? ? ? ? 0.218 ? ? ? ? ? ? ? ? 12.300 ? 0.784 ? ? 0.228 0.065 ? 7  1 0.988 ? ? 
1.900 1.960  ? ? ? ? ? ? 1321 100.000 ? ? ? ? 0.171 ? ? ? ? ? ? ? ? 12.300 ? 0.837 ? ? 0.179 0.051 ? 8  1 0.992 ? ? 
1.960 2.010  ? ? ? ? ? ? 1323 100.000 ? ? ? ? 0.154 ? ? ? ? ? ? ? ? 12.300 ? 0.869 ? ? 0.161 0.046 ? 9  1 0.992 ? ? 
2.010 2.080  ? ? ? ? ? ? 1317 100.000 ? ? ? ? 0.126 ? ? ? ? ? ? ? ? 12.300 ? 0.912 ? ? 0.132 0.037 ? 10 1 0.995 ? ? 
2.080 2.150  ? ? ? ? ? ? 1319 100.000 ? ? ? ? 0.104 ? ? ? ? ? ? ? ? 12.300 ? 1.011 ? ? 0.108 0.031 ? 11 1 0.997 ? ? 
2.150 2.240  ? ? ? ? ? ? 1364 100.000 ? ? ? ? 0.087 ? ? ? ? ? ? ? ? 12.300 ? 1.034 ? ? 0.091 0.026 ? 12 1 0.997 ? ? 
2.240 2.340  ? ? ? ? ? ? 1298 100.000 ? ? ? ? 0.075 ? ? ? ? ? ? ? ? 12.300 ? 1.087 ? ? 0.078 0.022 ? 13 1 0.998 ? ? 
2.340 2.460  ? ? ? ? ? ? 1351 100.000 ? ? ? ? 0.065 ? ? ? ? ? ? ? ? 12.300 ? 1.145 ? ? 0.068 0.019 ? 14 1 0.998 ? ? 
2.460 2.620  ? ? ? ? ? ? 1344 100.000 ? ? ? ? 0.057 ? ? ? ? ? ? ? ? 12.300 ? 1.201 ? ? 0.059 0.017 ? 15 1 0.999 ? ? 
2.620 2.820  ? ? ? ? ? ? 1343 100.000 ? ? ? ? 0.052 ? ? ? ? ? ? ? ? 12.200 ? 1.195 ? ? 0.054 0.016 ? 16 1 0.999 ? ? 
2.820 3.110  ? ? ? ? ? ? 1331 100.000 ? ? ? ? 0.055 ? ? ? ? ? ? ? ? 12.200 ? 1.808 ? ? 0.057 0.016 ? 17 1 0.998 ? ? 
3.110 3.550  ? ? ? ? ? ? 1361 100.000 ? ? ? ? 0.057 ? ? ? ? ? ? ? ? 11.600 ? 2.798 ? ? 0.060 0.018 ? 18 1 0.998 ? ? 
3.550 4.480  ? ? ? ? ? ? 1372 100.000 ? ? ? ? 0.052 ? ? ? ? ? ? ? ? 11.400 ? 2.887 ? ? 0.055 0.016 ? 19 1 0.998 ? ? 
4.480 50.000 ? ? ? ? ? ? 1436 99.400  ? ? ? ? 0.028 ? ? ? ? ? ? ? ? 11.300 ? 0.906 ? ? 0.029 0.009 ? 20 1 0.999 ? ? 
# 
_refine.aniso_B[1][1]                            ? 
_refine.aniso_B[1][2]                            ? 
_refine.aniso_B[1][3]                            ? 
_refine.aniso_B[2][2]                            ? 
_refine.aniso_B[2][3]                            ? 
_refine.aniso_B[3][3]                            ? 
_refine.B_iso_max                                62.350 
_refine.B_iso_mean                               26.1264 
_refine.B_iso_min                                10.850 
_refine.correlation_coeff_Fo_to_Fc               ? 
_refine.correlation_coeff_Fo_to_Fc_free          ? 
_refine.details                                  ? 
_refine.diff_density_max                         ? 
_refine.diff_density_max_esd                     ? 
_refine.diff_density_min                         ? 
_refine.diff_density_min_esd                     ? 
_refine.diff_density_rms                         ? 
_refine.diff_density_rms_esd                     ? 
_refine.entry_id                                 7M59 
_refine.pdbx_refine_id                           'X-RAY DIFFRACTION' 
_refine.ls_abs_structure_details                 ? 
_refine.ls_abs_structure_Flack                   ? 
_refine.ls_abs_structure_Flack_esd               ? 
_refine.ls_abs_structure_Rogers                  ? 
_refine.ls_abs_structure_Rogers_esd              ? 
_refine.ls_d_res_high                            1.6500 
_refine.ls_d_res_low                             38.0000 
_refine.ls_extinction_coef                       ? 
_refine.ls_extinction_coef_esd                   ? 
_refine.ls_extinction_expression                 ? 
_refine.ls_extinction_method                     ? 
_refine.ls_goodness_of_fit_all                   ? 
_refine.ls_goodness_of_fit_all_esd               ? 
_refine.ls_goodness_of_fit_obs                   ? 
_refine.ls_goodness_of_fit_obs_esd               ? 
_refine.ls_hydrogen_treatment                    ? 
_refine.ls_matrix_type                           ? 
_refine.ls_number_constraints                    ? 
_refine.ls_number_parameters                     ? 
_refine.ls_number_reflns_all                     ? 
_refine.ls_number_reflns_obs                     26626 
_refine.ls_number_reflns_R_free                  2018 
_refine.ls_number_reflns_R_work                  24608 
_refine.ls_number_restraints                     ? 
_refine.ls_percent_reflns_obs                    99.5800 
_refine.ls_percent_reflns_R_free                 7.5800 
_refine.ls_R_factor_all                          ? 
_refine.ls_R_factor_obs                          0.1761 
_refine.ls_R_factor_R_free                       0.1869 
_refine.ls_R_factor_R_free_error                 ? 
_refine.ls_R_factor_R_free_error_details         ? 
_refine.ls_R_factor_R_work                       0.1752 
_refine.ls_R_Fsqd_factor_obs                     ? 
_refine.ls_R_I_factor_obs                        ? 
_refine.ls_redundancy_reflns_all                 ? 
_refine.ls_redundancy_reflns_obs                 ? 
_refine.ls_restrained_S_all                      ? 
_refine.ls_restrained_S_obs                      ? 
_refine.ls_shift_over_esd_max                    ? 
_refine.ls_shift_over_esd_mean                   ? 
_refine.ls_structure_factor_coef                 ? 
_refine.ls_weighting_details                     ? 
_refine.ls_weighting_scheme                      ? 
_refine.ls_wR_factor_all                         ? 
_refine.ls_wR_factor_obs                         ? 
_refine.ls_wR_factor_R_free                      ? 
_refine.ls_wR_factor_R_work                      ? 
_refine.occupancy_max                            ? 
_refine.occupancy_min                            ? 
_refine.solvent_model_details                    'FLAT BULK SOLVENT MODEL' 
_refine.solvent_model_param_bsol                 ? 
_refine.solvent_model_param_ksol                 ? 
_refine.pdbx_R_complete                          ? 
_refine.ls_R_factor_gt                           ? 
_refine.ls_goodness_of_fit_gt                    ? 
_refine.ls_goodness_of_fit_ref                   ? 
_refine.ls_shift_over_su_max                     ? 
_refine.ls_shift_over_su_max_lt                  ? 
_refine.ls_shift_over_su_mean                    ? 
_refine.ls_shift_over_su_mean_lt                 ? 
_refine.pdbx_ls_sigma_I                          ? 
_refine.pdbx_ls_sigma_F                          1.370 
_refine.pdbx_ls_sigma_Fsqd                       ? 
_refine.pdbx_data_cutoff_high_absF               ? 
_refine.pdbx_data_cutoff_high_rms_absF           ? 
_refine.pdbx_data_cutoff_low_absF                ? 
_refine.pdbx_isotropic_thermal_model             ? 
_refine.pdbx_ls_cross_valid_method               THROUGHOUT 
_refine.pdbx_method_to_determine_struct          'MOLECULAR REPLACEMENT' 
_refine.pdbx_starting_model                      3RY0 
_refine.pdbx_stereochemistry_target_values       ML 
_refine.pdbx_R_Free_selection_details            ? 
_refine.pdbx_stereochem_target_val_spec_case     ? 
_refine.pdbx_overall_ESU_R                       ? 
_refine.pdbx_overall_ESU_R_Free                  ? 
_refine.pdbx_solvent_vdw_probe_radii             1.1100 
_refine.pdbx_solvent_ion_probe_radii             ? 
_refine.pdbx_solvent_shrinkage_radii             0.9000 
_refine.pdbx_real_space_R                        ? 
_refine.pdbx_density_correlation                 ? 
_refine.pdbx_pd_number_of_powder_patterns        ? 
_refine.pdbx_pd_number_of_points                 ? 
_refine.pdbx_pd_meas_number_of_points            ? 
_refine.pdbx_pd_proc_ls_prof_R_factor            ? 
_refine.pdbx_pd_proc_ls_prof_wR_factor           ? 
_refine.pdbx_pd_Marquardt_correlation_coeff      ? 
_refine.pdbx_pd_Fsqrd_R_factor                   ? 
_refine.pdbx_pd_ls_matrix_band_width             ? 
_refine.pdbx_overall_phase_error                 18.3100 
_refine.pdbx_overall_SU_R_free_Cruickshank_DPI   ? 
_refine.pdbx_overall_SU_R_free_Blow_DPI          ? 
_refine.pdbx_overall_SU_R_Blow_DPI               ? 
_refine.pdbx_TLS_residual_ADP_flag               ? 
_refine.pdbx_diffrn_id                           1 
_refine.overall_SU_B                             ? 
_refine.overall_SU_ML                            0.1700 
_refine.overall_SU_R_Cruickshank_DPI             ? 
_refine.overall_SU_R_free                        ? 
_refine.overall_FOM_free_R_set                   ? 
_refine.overall_FOM_work_R_set                   ? 
_refine.pdbx_average_fsc_overall                 ? 
_refine.pdbx_average_fsc_work                    ? 
_refine.pdbx_average_fsc_free                    ? 
# 
_refine_hist.pdbx_refine_id                   'X-RAY DIFFRACTION' 
_refine_hist.cycle_id                         final 
_refine_hist.details                          ? 
_refine_hist.d_res_high                       1.6500 
_refine_hist.d_res_low                        38.0000 
_refine_hist.number_atoms_solvent             91 
_refine_hist.number_atoms_total               1075 
_refine_hist.number_reflns_all                ? 
_refine_hist.number_reflns_obs                ? 
_refine_hist.number_reflns_R_free             ? 
_refine_hist.number_reflns_R_work             ? 
_refine_hist.R_factor_all                     ? 
_refine_hist.R_factor_obs                     ? 
_refine_hist.R_factor_R_free                  ? 
_refine_hist.R_factor_R_work                  ? 
_refine_hist.pdbx_number_residues_total       128 
_refine_hist.pdbx_B_iso_mean_ligand           ? 
_refine_hist.pdbx_B_iso_mean_solvent          34.36 
_refine_hist.pdbx_number_atoms_protein        984 
_refine_hist.pdbx_number_atoms_nucleic_acid   0 
_refine_hist.pdbx_number_atoms_ligand         0 
_refine_hist.pdbx_number_atoms_lipid          ? 
_refine_hist.pdbx_number_atoms_carb           ? 
_refine_hist.pdbx_pseudo_atom_details         ? 
# 
loop_
_refine_ls_restr.pdbx_refine_id 
_refine_ls_restr.criterion 
_refine_ls_restr.dev_ideal 
_refine_ls_restr.dev_ideal_target 
_refine_ls_restr.number 
_refine_ls_restr.rejects 
_refine_ls_restr.type 
_refine_ls_restr.weight 
_refine_ls_restr.pdbx_restraint_function 
'X-RAY DIFFRACTION' ? 0.006 ? 1002 ? f_bond_d           ? ? 
'X-RAY DIFFRACTION' ? 0.732 ? 1358 ? f_angle_d          ? ? 
'X-RAY DIFFRACTION' ? 0.052 ? 154  ? f_chiral_restr     ? ? 
'X-RAY DIFFRACTION' ? 0.004 ? 178  ? f_plane_restr      ? ? 
'X-RAY DIFFRACTION' ? 7.661 ? 608  ? f_dihedral_angle_d ? ? 
# 
loop_
_refine_ls_shell.pdbx_refine_id 
_refine_ls_shell.d_res_high 
_refine_ls_shell.d_res_low 
_refine_ls_shell.number_reflns_all 
_refine_ls_shell.number_reflns_obs 
_refine_ls_shell.number_reflns_R_free 
_refine_ls_shell.number_reflns_R_work 
_refine_ls_shell.percent_reflns_obs 
_refine_ls_shell.percent_reflns_R_free 
_refine_ls_shell.R_factor_all 
_refine_ls_shell.R_factor_obs 
_refine_ls_shell.R_factor_R_free 
_refine_ls_shell.R_factor_R_free_error 
_refine_ls_shell.R_factor_R_work 
_refine_ls_shell.redundancy_reflns_all 
_refine_ls_shell.redundancy_reflns_obs 
_refine_ls_shell.wR_factor_all 
_refine_ls_shell.wR_factor_obs 
_refine_ls_shell.wR_factor_R_free 
_refine_ls_shell.wR_factor_R_work 
_refine_ls_shell.pdbx_R_complete 
_refine_ls_shell.pdbx_total_number_of_bins_used 
_refine_ls_shell.pdbx_phase_error 
_refine_ls_shell.pdbx_fsc_work 
_refine_ls_shell.pdbx_fsc_free 
'X-RAY DIFFRACTION' 1.650  1.6911  . . 135 1679 96.0000  . . . 0.2823 0.0000 0.2484 . . . . . . . . . . . 
'X-RAY DIFFRACTION' 1.6911 1.7368  . . 140 1698 99.0000  . . . 0.2431 0.0000 0.2249 . . . . . . . . . . . 
'X-RAY DIFFRACTION' 1.7368 1.7879  . . 151 1729 100.0000 . . . 0.2194 0.0000 0.2194 . . . . . . . . . . . 
'X-RAY DIFFRACTION' 1.7879 1.8456  . . 144 1758 100.0000 . . . 0.2199 0.0000 0.1893 . . . . . . . . . . . 
'X-RAY DIFFRACTION' 1.8456 1.9115  . . 139 1735 100.0000 . . . 0.1993 0.0000 0.1777 . . . . . . . . . . . 
'X-RAY DIFFRACTION' 1.9115 1.9881  . . 154 1753 100.0000 . . . 0.2014 0.0000 0.1791 . . . . . . . . . . . 
'X-RAY DIFFRACTION' 1.9881 2.0786  . . 132 1756 100.0000 . . . 0.2273 0.0000 0.1831 . . . . . . . . . . . 
'X-RAY DIFFRACTION' 2.0786 2.1881  . . 148 1750 100.0000 . . . 0.1952 0.0000 0.1873 . . . . . . . . . . . 
'X-RAY DIFFRACTION' 2.1881 2.3252  . . 141 1768 100.0000 . . . 0.2115 0.0000 0.1776 . . . . . . . . . . . 
'X-RAY DIFFRACTION' 2.3252 2.5047  . . 145 1756 100.0000 . . . 0.1890 0.0000 0.1734 . . . . . . . . . . . 
'X-RAY DIFFRACTION' 2.5047 2.7567  . . 148 1762 100.0000 . . . 0.1992 0.0000 0.1696 . . . . . . . . . . . 
'X-RAY DIFFRACTION' 2.7567 3.1554  . . 143 1791 100.0000 . . . 0.1768 0.0000 0.1708 . . . . . . . . . . . 
'X-RAY DIFFRACTION' 3.1554 3.9748  . . 145 1799 100.0000 . . . 0.1787 0.0000 0.1703 . . . . . . . . . . . 
'X-RAY DIFFRACTION' 3.9748 38.0000 . . 153 1874 100.0000 . . . 0.1565 0.0000 0.1565 . . . . . . . . . . . 
# 
_struct.entry_id                     7M59 
_struct.title                        'Crystal structure of N2, a member of 4-oxalocrotonate tautomerase (4-OT) family' 
_struct.pdbx_model_details           ? 
_struct.pdbx_formula_weight          ? 
_struct.pdbx_formula_weight_method   ? 
_struct.pdbx_model_type_details      ? 
_struct.pdbx_CASP_flag               N 
# 
_struct_keywords.entry_id        7M59 
_struct_keywords.text            ISOMERASE 
_struct_keywords.pdbx_keywords   ISOMERASE 
# 
loop_
_struct_asym.id 
_struct_asym.pdbx_blank_PDB_chainid_flag 
_struct_asym.pdbx_modified 
_struct_asym.entity_id 
_struct_asym.details 
A N N 1 ? 
B N N 1 ? 
C N N 2 ? 
D N N 2 ? 
# 
loop_
_struct_conf.conf_type_id 
_struct_conf.id 
_struct_conf.pdbx_PDB_helix_id 
_struct_conf.beg_label_comp_id 
_struct_conf.beg_label_asym_id 
_struct_conf.beg_label_seq_id 
_struct_conf.pdbx_beg_PDB_ins_code 
_struct_conf.end_label_comp_id 
_struct_conf.end_label_asym_id 
_struct_conf.end_label_seq_id 
_struct_conf.pdbx_end_PDB_ins_code 
_struct_conf.beg_auth_comp_id 
_struct_conf.beg_auth_asym_id 
_struct_conf.beg_auth_seq_id 
_struct_conf.end_auth_comp_id 
_struct_conf.end_auth_asym_id 
_struct_conf.end_auth_seq_id 
_struct_conf.pdbx_PDB_helix_class 
_struct_conf.details 
_struct_conf.pdbx_PDB_helix_length 
HELX_P HELX_P1 AA1 THR A 12 ? GLY A 32 ? THR A 12 GLY A 32 1 ? 21 
HELX_P HELX_P2 AA2 PRO A 34 ? ILE A 38 ? PRO A 34 ILE A 38 5 ? 5  
HELX_P HELX_P3 AA3 PRO A 46 ? HIS A 49 ? PRO A 46 HIS A 49 5 ? 4  
HELX_P HELX_P4 AA4 THR B 12 ? GLY B 32 ? THR B 12 GLY B 32 1 ? 21 
HELX_P HELX_P5 AA5 PRO B 34 ? ILE B 38 ? PRO B 34 ILE B 38 5 ? 5  
HELX_P HELX_P6 AA6 PRO B 46 ? HIS B 49 ? PRO B 46 HIS B 49 5 ? 4  
# 
_struct_conf_type.id          HELX_P 
_struct_conf_type.criteria    ? 
_struct_conf_type.reference   ? 
# 
loop_
_struct_sheet.id 
_struct_sheet.type 
_struct_sheet.number_strands 
_struct_sheet.details 
AA1 ? 4 ? 
AA2 ? 2 ? 
AA3 ? 2 ? 
# 
loop_
_struct_sheet_order.sheet_id 
_struct_sheet_order.range_id_1 
_struct_sheet_order.range_id_2 
_struct_sheet_order.offset 
_struct_sheet_order.sense 
AA1 1 2 ? parallel      
AA1 2 3 ? anti-parallel 
AA1 3 4 ? parallel      
AA2 1 2 ? anti-parallel 
AA3 1 2 ? anti-parallel 
# 
loop_
_struct_sheet_range.sheet_id 
_struct_sheet_range.id 
_struct_sheet_range.beg_label_comp_id 
_struct_sheet_range.beg_label_asym_id 
_struct_sheet_range.beg_label_seq_id 
_struct_sheet_range.pdbx_beg_PDB_ins_code 
_struct_sheet_range.end_label_comp_id 
_struct_sheet_range.end_label_asym_id 
_struct_sheet_range.end_label_seq_id 
_struct_sheet_range.pdbx_end_PDB_ins_code 
_struct_sheet_range.beg_auth_comp_id 
_struct_sheet_range.beg_auth_asym_id 
_struct_sheet_range.beg_auth_seq_id 
_struct_sheet_range.end_auth_comp_id 
_struct_sheet_range.end_auth_asym_id 
_struct_sheet_range.end_auth_seq_id 
AA1 1 TYR A 39 ? THR A 45 ? TYR A 39 THR A 45 
AA1 2 VAL A 2  ? ARG A 8  ? VAL A 2  ARG A 8  
AA1 3 VAL B 2  ? ARG B 8  ? VAL B 2  ARG B 8  
AA1 4 TYR B 39 ? THR B 45 ? TYR B 39 THR B 45 
AA2 1 VAL A 51 ? LYS A 52 ? VAL A 51 LYS A 52 
AA2 2 ARG A 55 ? THR A 56 ? ARG A 55 THR A 56 
AA3 1 VAL B 51 ? LYS B 52 ? VAL B 51 LYS B 52 
AA3 2 ARG B 55 ? THR B 56 ? ARG B 55 THR B 56 
# 
loop_
_pdbx_struct_sheet_hbond.sheet_id 
_pdbx_struct_sheet_hbond.range_id_1 
_pdbx_struct_sheet_hbond.range_id_2 
_pdbx_struct_sheet_hbond.range_1_label_atom_id 
_pdbx_struct_sheet_hbond.range_1_label_comp_id 
_pdbx_struct_sheet_hbond.range_1_label_asym_id 
_pdbx_struct_sheet_hbond.range_1_label_seq_id 
_pdbx_struct_sheet_hbond.range_1_PDB_ins_code 
_pdbx_struct_sheet_hbond.range_1_auth_atom_id 
_pdbx_struct_sheet_hbond.range_1_auth_comp_id 
_pdbx_struct_sheet_hbond.range_1_auth_asym_id 
_pdbx_struct_sheet_hbond.range_1_auth_seq_id 
_pdbx_struct_sheet_hbond.range_2_label_atom_id 
_pdbx_struct_sheet_hbond.range_2_label_comp_id 
_pdbx_struct_sheet_hbond.range_2_label_asym_id 
_pdbx_struct_sheet_hbond.range_2_label_seq_id 
_pdbx_struct_sheet_hbond.range_2_PDB_ins_code 
_pdbx_struct_sheet_hbond.range_2_auth_atom_id 
_pdbx_struct_sheet_hbond.range_2_auth_comp_id 
_pdbx_struct_sheet_hbond.range_2_auth_asym_id 
_pdbx_struct_sheet_hbond.range_2_auth_seq_id 
AA1 1 2 O LEU A 41 ? O LEU A 41 N CYS A 5  ? N CYS A 5  
AA1 2 3 N ASP A 6  ? N ASP A 6  O VAL B 2  ? O VAL B 2  
AA1 3 4 N CYS B 5  ? N CYS B 5  O LEU B 41 ? O LEU B 41 
AA2 1 2 N LYS A 52 ? N LYS A 52 O ARG A 55 ? O ARG A 55 
AA3 1 2 N LYS B 52 ? N LYS B 52 O ARG B 55 ? O ARG B 55 
# 
_atom_sites.entry_id                    7M59 
_atom_sites.Cartn_transf_matrix[1][1]   ? 
_atom_sites.Cartn_transf_matrix[1][2]   ? 
_atom_sites.Cartn_transf_matrix[1][3]   ? 
_atom_sites.Cartn_transf_matrix[2][1]   ? 
_atom_sites.Cartn_transf_matrix[2][2]   ? 
_atom_sites.Cartn_transf_matrix[2][3]   ? 
_atom_sites.Cartn_transf_matrix[3][1]   ? 
_atom_sites.Cartn_transf_matrix[3][2]   ? 
_atom_sites.Cartn_transf_matrix[3][3]   ? 
_atom_sites.Cartn_transf_vector[1]      ? 
_atom_sites.Cartn_transf_vector[2]      ? 
_atom_sites.Cartn_transf_vector[3]      ? 
_atom_sites.fract_transf_matrix[1][1]   0.00296890 
_atom_sites.fract_transf_matrix[1][2]   0.01238622 
_atom_sites.fract_transf_matrix[1][3]   -0.00723031 
_atom_sites.fract_transf_matrix[2][1]   -0.00539773 
_atom_sites.fract_transf_matrix[2][2]   0.00210034 
_atom_sites.fract_transf_matrix[2][3]   -0.01345208 
_atom_sites.fract_transf_matrix[3][1]   -0.00445573 
_atom_sites.fract_transf_matrix[3][2]   0.00232343 
_atom_sites.fract_transf_matrix[3][3]   0.00215066 
_atom_sites.fract_transf_vector[1]      -0.196068 
_atom_sites.fract_transf_vector[2]      0.307295 
_atom_sites.fract_transf_vector[3]      0.083943 
_atom_sites.solution_primary            ? 
_atom_sites.solution_secondary          ? 
_atom_sites.solution_hydrogens          ? 
_atom_sites.special_details             ? 
# 
loop_
_atom_type.symbol 
C 
N 
O 
S 
# 
loop_
_atom_site.group_PDB 
_atom_site.id 
_atom_site.type_symbol 
_atom_site.label_atom_id 
_atom_site.label_alt_id 
_atom_site.label_comp_id 
_atom_site.label_asym_id 
_atom_site.label_entity_id 
_atom_site.label_seq_id 
_atom_site.pdbx_PDB_ins_code 
_atom_site.Cartn_x 
_atom_site.Cartn_y 
_atom_site.Cartn_z 
_atom_site.occupancy 
_atom_site.B_iso_or_equiv 
_atom_site.pdbx_formal_charge 
_atom_site.auth_seq_id 
_atom_site.auth_comp_id 
_atom_site.auth_asym_id 
_atom_site.auth_atom_id 
_atom_site.pdbx_PDB_model_num 
ATOM   1    N N   . PRO A 1 1  ? -2.499  -1.944  10.279  1.00 21.97 ? 1   PRO A N   1 
ATOM   2    C CA  . PRO A 1 1  ? -3.120  -2.211  8.969   1.00 18.83 ? 1   PRO A CA  1 
ATOM   3    C C   . PRO A 1 1  ? -2.246  -3.111  8.120   1.00 21.73 ? 1   PRO A C   1 
ATOM   4    O O   . PRO A 1 1  ? -1.045  -3.209  8.374   1.00 21.21 ? 1   PRO A O   1 
ATOM   5    C CB  . PRO A 1 1  ? -3.224  -0.821  8.331   1.00 19.33 ? 1   PRO A CB  1 
ATOM   6    C CG  . PRO A 1 1  ? -2.098  -0.046  8.981   1.00 19.90 ? 1   PRO A CG  1 
ATOM   7    C CD  . PRO A 1 1  ? -2.083  -0.533  10.405  1.00 19.75 ? 1   PRO A CD  1 
ATOM   8    N N   . VAL A 1 2  ? -2.836  -3.759  7.121   1.00 18.33 ? 2   VAL A N   1 
ATOM   9    C CA  . VAL A 1 2  ? -2.088  -4.574  6.171   1.00 18.28 ? 2   VAL A CA  1 
ATOM   10   C C   . VAL A 1 2  ? -2.107  -3.854  4.832   1.00 16.45 ? 2   VAL A C   1 
ATOM   11   O O   . VAL A 1 2  ? -3.178  -3.462  4.353   1.00 18.27 ? 2   VAL A O   1 
ATOM   12   C CB  . VAL A 1 2  ? -2.686  -5.986  6.049   1.00 18.37 ? 2   VAL A CB  1 
ATOM   13   C CG1 . VAL A 1 2  ? -1.891  -6.824  5.027   1.00 19.68 ? 2   VAL A CG1 1 
ATOM   14   C CG2 . VAL A 1 2  ? -2.696  -6.671  7.411   1.00 21.49 ? 2   VAL A CG2 1 
ATOM   15   N N   . ILE A 1 3  ? -0.926  -3.659  4.243   1.00 18.31 ? 3   ILE A N   1 
ATOM   16   C CA  . ILE A 1 3  ? -0.785  -3.034  2.928   1.00 17.12 ? 3   ILE A CA  1 
ATOM   17   C C   . ILE A 1 3  ? -0.158  -4.071  2.011   1.00 18.12 ? 3   ILE A C   1 
ATOM   18   O O   . ILE A 1 3  ? 1.024   -4.395  2.163   1.00 19.63 ? 3   ILE A O   1 
ATOM   19   C CB  . ILE A 1 3  ? 0.075   -1.757  2.959   1.00 17.92 ? 3   ILE A CB  1 
ATOM   20   C CG1 . ILE A 1 3  ? -0.251  -0.872  4.182   1.00 18.97 ? 3   ILE A CG1 1 
ATOM   21   C CG2 . ILE A 1 3  ? -0.075  -0.992  1.631   1.00 20.00 ? 3   ILE A CG2 1 
ATOM   22   C CD1 . ILE A 1 3  ? -1.659  -0.266  4.158   1.00 20.00 ? 3   ILE A CD1 1 
ATOM   23   N N   . GLN A 1 4  ? -0.946  -4.617  1.086   1.00 16.74 ? 4   GLN A N   1 
ATOM   24   C CA  . GLN A 1 4  ? -0.446  -5.596  0.128   1.00 16.34 ? 4   GLN A CA  1 
ATOM   25   C C   . GLN A 1 4  ? -0.102  -4.879  -1.165  1.00 16.40 ? 4   GLN A C   1 
ATOM   26   O O   . GLN A 1 4  ? -0.905  -4.092  -1.671  1.00 16.88 ? 4   GLN A O   1 
ATOM   27   C CB  . GLN A 1 4  ? -1.468  -6.696  -0.149  1.00 17.53 ? 4   GLN A CB  1 
ATOM   28   C CG  . GLN A 1 4  ? -1.787  -7.540  1.071   1.00 18.64 ? 4   GLN A CG  1 
ATOM   29   C CD  . GLN A 1 4  ? -2.974  -8.437  0.820   1.00 19.42 ? 4   GLN A CD  1 
ATOM   30   O OE1 . GLN A 1 4  ? -2.841  -9.520  0.233   1.00 19.12 ? 4   GLN A OE1 1 
ATOM   31   N NE2 . GLN A 1 4  ? -4.151  -7.990  1.249   1.00 21.25 ? 4   GLN A NE2 1 
ATOM   32   N N   . CYS A 1 5  ? 1.078   -5.166  -1.696  1.00 17.53 ? 5   CYS A N   1 
ATOM   33   C CA  . CYS A 1 5  ? 1.598   -4.487  -2.882  1.00 17.68 ? 5   CYS A CA  1 
ATOM   34   C C   . CYS A 1 5  ? 1.898   -5.545  -3.930  1.00 17.57 ? 5   CYS A C   1 
ATOM   35   O O   . CYS A 1 5  ? 2.894   -6.262  -3.817  1.00 18.10 ? 5   CYS A O   1 
ATOM   36   C CB  . CYS A 1 5  ? 2.860   -3.693  -2.549  1.00 18.94 ? 5   CYS A CB  1 
ATOM   37   S SG  . CYS A 1 5  ? 2.679   -2.581  -1.159  1.00 20.99 ? 5   CYS A SG  1 
ATOM   38   N N   . ASP A 1 6  ? 1.032   -5.665  -4.937  1.00 16.85 ? 6   ASP A N   1 
ATOM   39   C CA  . ASP A 1 6  ? 1.274   -6.577  -6.054  1.00 18.03 ? 6   ASP A CA  1 
ATOM   40   C C   . ASP A 1 6  ? 1.922   -5.773  -7.171  1.00 19.34 ? 6   ASP A C   1 
ATOM   41   O O   . ASP A 1 6  ? 1.249   -5.008  -7.877  1.00 19.29 ? 6   ASP A O   1 
ATOM   42   C CB  . ASP A 1 6  ? -0.016  -7.237  -6.519  1.00 18.05 ? 6   ASP A CB  1 
ATOM   43   C CG  . ASP A 1 6  ? -0.465  -8.347  -5.595  1.00 18.50 ? 6   ASP A CG  1 
ATOM   44   O OD1 . ASP A 1 6  ? 0.052   -9.485  -5.726  1.00 18.07 ? 6   ASP A OD1 1 
ATOM   45   O OD2 . ASP A 1 6  ? -1.343  -8.074  -4.761  1.00 17.86 ? 6   ASP A OD2 1 
ATOM   46   N N   . ILE A 1 7  ? 3.233   -5.956  -7.335  1.00 19.16 ? 7   ILE A N   1 
ATOM   47   C CA  . ILE A 1 7  ? 4.032   -5.164  -8.261  1.00 19.36 ? 7   ILE A CA  1 
ATOM   48   C C   . ILE A 1 7  ? 4.659   -6.083  -9.302  1.00 20.31 ? 7   ILE A C   1 
ATOM   49   O O   . ILE A 1 7  ? 4.751   -7.299  -9.127  1.00 20.42 ? 7   ILE A O   1 
ATOM   50   C CB  . ILE A 1 7  ? 5.114   -4.351  -7.521  1.00 18.08 ? 7   ILE A CB  1 
ATOM   51   C CG1 . ILE A 1 7  ? 6.203   -5.282  -6.971  1.00 18.75 ? 7   ILE A CG1 1 
ATOM   52   C CG2 . ILE A 1 7  ? 4.480   -3.531  -6.403  1.00 20.61 ? 7   ILE A CG2 1 
ATOM   53   C CD1 . ILE A 1 7  ? 7.360   -4.521  -6.278  1.00 22.73 ? 7   ILE A CD1 1 
ATOM   54   N N   . ARG A 1 8  ? 5.098   -5.487  -10.405 1.00 21.54 ? 8   ARG A N   1 
ATOM   55   C CA  . ARG A 1 8  ? 5.773   -6.276  -11.428 1.00 19.30 ? 8   ARG A CA  1 
ATOM   56   C C   . ARG A 1 8  ? 7.213   -6.564  -11.008 1.00 19.63 ? 8   ARG A C   1 
ATOM   57   O O   . ARG A 1 8  ? 7.871   -5.729  -10.383 1.00 23.25 ? 8   ARG A O   1 
ATOM   58   C CB  . ARG A 1 8  ? 5.729   -5.556  -12.776 1.00 21.64 ? 8   ARG A CB  1 
ATOM   59   C CG  . ARG A 1 8  ? 4.363   -5.669  -13.480 1.00 21.88 ? 8   ARG A CG  1 
ATOM   60   C CD  . ARG A 1 8  ? 4.249   -4.679  -14.644 1.00 25.62 ? 8   ARG A CD  1 
ATOM   61   N NE  . ARG A 1 8  ? 4.415   -3.333  -14.118 1.00 25.84 ? 8   ARG A NE  1 
ATOM   62   C CZ  . ARG A 1 8  ? 5.121   -2.362  -14.682 1.00 28.48 ? 8   ARG A CZ  1 
ATOM   63   N NH1 . ARG A 1 8  ? 5.737   -2.548  -15.848 1.00 27.16 ? 8   ARG A NH1 1 
ATOM   64   N NH2 . ARG A 1 8  ? 5.210   -1.193  -14.062 1.00 26.00 ? 8   ARG A NH2 1 
ATOM   65   N N   . GLN A 1 9  ? 7.684   -7.763  -11.352 1.00 21.64 ? 9   GLN A N   1 
ATOM   66   C CA  . GLN A 1 9  ? 9.035   -8.204  -11.032 1.00 22.05 ? 9   GLN A CA  1 
ATOM   67   C C   . GLN A 1 9  ? 10.069  -7.321  -11.730 1.00 24.08 ? 9   GLN A C   1 
ATOM   68   O O   . GLN A 1 9  ? 9.781   -6.652  -12.722 1.00 25.10 ? 9   GLN A O   1 
ATOM   69   C CB  . GLN A 1 9  ? 9.228   -9.659  -11.471 1.00 23.79 ? 9   GLN A CB  1 
ATOM   70   C CG  . GLN A 1 9  ? 9.049   -9.830  -12.975 1.00 25.06 ? 9   GLN A CG  1 
ATOM   71   C CD  . GLN A 1 9  ? 8.965   -11.280 -13.426 1.00 28.56 ? 9   GLN A CD  1 
ATOM   72   O OE1 . GLN A 1 9  ? 8.833   -12.194 -12.611 1.00 32.47 ? 9   GLN A OE1 1 
ATOM   73   N NE2 . GLN A 1 9  ? 9.041   -11.495 -14.735 1.00 30.79 ? 9   GLN A NE2 1 
ATOM   74   N N   . GLY A 1 10 ? 11.291  -7.329  -11.200 1.00 23.67 ? 10  GLY A N   1 
ATOM   75   C CA  . GLY A 1 10 ? 12.409  -6.653  -11.849 1.00 26.61 ? 10  GLY A CA  1 
ATOM   76   C C   . GLY A 1 10 ? 13.034  -5.526  -11.057 1.00 30.20 ? 10  GLY A C   1 
ATOM   77   O O   . GLY A 1 10 ? 14.072  -4.992  -11.484 1.00 27.21 ? 10  GLY A O   1 
ATOM   78   N N   . ARG A 1 11 ? 12.452  -5.128  -9.930  1.00 26.70 ? 11  ARG A N   1 
ATOM   79   C CA  . ARG A 1 11 ? 13.047  -4.098  -9.096  1.00 26.29 ? 11  ARG A CA  1 
ATOM   80   C C   . ARG A 1 11 ? 14.151  -4.685  -8.222  1.00 25.86 ? 11  ARG A C   1 
ATOM   81   O O   . ARG A 1 11 ? 14.166  -5.876  -7.902  1.00 26.93 ? 11  ARG A O   1 
ATOM   82   C CB  . ARG A 1 11 ? 11.989  -3.443  -8.209  1.00 25.58 ? 11  ARG A CB  1 
ATOM   83   C CG  . ARG A 1 11 ? 11.238  -2.294  -8.856  1.00 25.48 ? 11  ARG A CG  1 
ATOM   84   C CD  . ARG A 1 11 ? 10.131  -2.790  -9.770  1.00 23.25 ? 11  ARG A CD  1 
ATOM   85   N NE  . ARG A 1 11 ? 9.405   -1.664  -10.344 1.00 22.48 ? 11  ARG A NE  1 
ATOM   86   C CZ  . ARG A 1 11 ? 8.192   -1.747  -10.873 1.00 23.38 ? 11  ARG A CZ  1 
ATOM   87   N NH1 . ARG A 1 11 ? 7.550   -2.911  -10.897 1.00 24.23 ? 11  ARG A NH1 1 
ATOM   88   N NH2 . ARG A 1 11 ? 7.611   -0.657  -11.364 1.00 25.65 ? 11  ARG A NH2 1 
ATOM   89   N N   . THR A 1 12 ? 15.078  -3.817  -7.815  1.00 29.59 ? 12  THR A N   1 
ATOM   90   C CA  . THR A 1 12 ? 16.138  -4.224  -6.909  1.00 31.06 ? 12  THR A CA  1 
ATOM   91   C C   . THR A 1 12 ? 15.609  -4.353  -5.486  1.00 30.28 ? 12  THR A C   1 
ATOM   92   O O   . THR A 1 12 ? 14.552  -3.819  -5.135  1.00 27.27 ? 12  THR A O   1 
ATOM   93   C CB  . THR A 1 12 ? 17.289  -3.214  -6.925  1.00 29.47 ? 12  THR A CB  1 
ATOM   94   O OG1 . THR A 1 12 ? 16.871  -2.009  -6.269  1.00 29.38 ? 12  THR A OG1 1 
ATOM   95   C CG2 . THR A 1 12 ? 17.709  -2.898  -8.350  1.00 31.00 ? 12  THR A CG2 1 
ATOM   96   N N   . ALA A 1 13 ? 16.376  -5.063  -4.652  1.00 29.22 ? 13  ALA A N   1 
ATOM   97   C CA  . ALA A 1 13 ? 16.048  -5.139  -3.232  1.00 29.74 ? 13  ALA A CA  1 
ATOM   98   C C   . ALA A 1 13 ? 15.954  -3.751  -2.611  1.00 30.79 ? 13  ALA A C   1 
ATOM   99   O O   . ALA A 1 13 ? 15.121  -3.508  -1.729  1.00 28.00 ? 13  ALA A O   1 
ATOM   100  C CB  . ALA A 1 13 ? 17.088  -5.987  -2.496  1.00 31.34 ? 13  ALA A CB  1 
ATOM   101  N N   . GLU A 1 14 ? 16.798  -2.822  -3.066  1.00 30.47 ? 14  GLU A N   1 
ATOM   102  C CA  . GLU A 1 14 ? 16.798  -1.481  -2.497  1.00 29.75 ? 14  GLU A CA  1 
ATOM   103  C C   . GLU A 1 14 ? 15.533  -0.718  -2.872  1.00 27.78 ? 14  GLU A C   1 
ATOM   104  O O   . GLU A 1 14 ? 14.979  0.014   -2.043  1.00 29.53 ? 14  GLU A O   1 
ATOM   105  C CB  . GLU A 1 14 ? 18.044  -0.720  -2.956  1.00 34.86 ? 14  GLU A CB  1 
ATOM   106  C CG  . GLU A 1 14 ? 19.355  -1.252  -2.375  1.00 36.95 ? 14  GLU A CG  1 
ATOM   107  C CD  . GLU A 1 14 ? 19.768  -2.600  -2.953  1.00 38.35 ? 14  GLU A CD  1 
ATOM   108  O OE1 . GLU A 1 14 ? 20.447  -3.369  -2.239  1.00 45.16 ? 14  GLU A OE1 1 
ATOM   109  O OE2 . GLU A 1 14 ? 19.406  -2.897  -4.112  1.00 36.66 ? 14  GLU A OE2 1 
ATOM   110  N N   . GLN A 1 15 ? 15.066  -0.869  -4.116  1.00 28.31 ? 15  GLN A N   1 
ATOM   111  C CA  . GLN A 1 15 ? 13.831  -0.205  -4.535  1.00 25.60 ? 15  GLN A CA  1 
ATOM   112  C C   . GLN A 1 15 ? 12.631  -0.708  -3.740  1.00 25.58 ? 15  GLN A C   1 
ATOM   113  O O   . GLN A 1 15 ? 11.786  0.086   -3.313  1.00 25.61 ? 15  GLN A O   1 
ATOM   114  C CB  . GLN A 1 15 ? 13.583  -0.429  -6.023  1.00 27.63 ? 15  GLN A CB  1 
ATOM   115  C CG  . GLN A 1 15 ? 14.505  0.324   -6.966  1.00 29.48 ? 15  GLN A CG  1 
ATOM   116  C CD  . GLN A 1 15 ? 14.201  -0.038  -8.398  1.00 27.80 ? 15  GLN A CD  1 
ATOM   117  O OE1 . GLN A 1 15 ? 14.493  -1.146  -8.842  1.00 29.37 ? 15  GLN A OE1 1 
ATOM   118  N NE2 . GLN A 1 15 ? 13.570  0.879   -9.120  1.00 31.63 ? 15  GLN A NE2 1 
ATOM   119  N N   . LYS A 1 16 ? 12.529  -2.027  -3.557  1.00 26.94 ? 16  LYS A N   1 
ATOM   120  C CA  . LYS A 1 16 ? 11.391  -2.588  -2.832  1.00 25.71 ? 16  LYS A CA  1 
ATOM   121  C C   . LYS A 1 16 ? 11.410  -2.181  -1.362  1.00 27.50 ? 16  LYS A C   1 
ATOM   122  O O   . LYS A 1 16 ? 10.358  -1.891  -0.781  1.00 24.78 ? 16  LYS A O   1 
ATOM   123  C CB  . LYS A 1 16 ? 11.379  -4.113  -2.990  1.00 25.16 ? 16  LYS A CB  1 
ATOM   124  C CG  . LYS A 1 16 ? 11.003  -4.553  -4.403  1.00 25.48 ? 16  LYS A CG  1 
ATOM   125  C CD  . LYS A 1 16 ? 10.952  -6.063  -4.538  1.00 24.97 ? 16  LYS A CD  1 
ATOM   126  C CE  . LYS A 1 16 ? 12.361  -6.658  -4.650  1.00 27.25 ? 16  LYS A CE  1 
ATOM   127  N NZ  . LYS A 1 16 ? 12.318  -8.131  -4.877  1.00 25.20 ? 16  LYS A NZ  1 
ATOM   128  N N   . GLN A 1 17 ? 12.594  -2.136  -0.742  1.00 26.27 ? 17  GLN A N   1 
ATOM   129  C CA  . GLN A 1 17 ? 12.664  -1.680  0.645   1.00 27.28 ? 17  GLN A CA  1 
ATOM   130  C C   . GLN A 1 17 ? 12.315  -0.201  0.752   1.00 26.13 ? 17  GLN A C   1 
ATOM   131  O O   . GLN A 1 17 ? 11.611  0.214   1.683   1.00 26.68 ? 17  GLN A O   1 
ATOM   132  C CB  . GLN A 1 17 ? 14.055  -1.962  1.226   1.00 30.51 ? 17  GLN A CB  1 
ATOM   133  C CG  . GLN A 1 17 ? 14.249  -1.497  2.677   1.00 31.05 ? 17  GLN A CG  1 
ATOM   134  C CD  . GLN A 1 17 ? 13.313  -2.182  3.667   1.00 37.57 ? 17  GLN A CD  1 
ATOM   135  O OE1 . GLN A 1 17 ? 12.726  -3.224  3.372   1.00 39.41 ? 17  GLN A OE1 1 
ATOM   136  N NE2 . GLN A 1 17 ? 13.179  -1.598  4.854   1.00 35.13 ? 17  GLN A NE2 1 
ATOM   137  N N   . ALA A 1 18 ? 12.797  0.610   -0.194  1.00 26.17 ? 18  ALA A N   1 
ATOM   138  C CA  . ALA A 1 18 ? 12.416  2.019   -0.231  1.00 25.65 ? 18  ALA A CA  1 
ATOM   139  C C   . ALA A 1 18 ? 10.909  2.178   -0.347  1.00 24.19 ? 18  ALA A C   1 
ATOM   140  O O   . ALA A 1 18 ? 10.315  3.038   0.312   1.00 25.44 ? 18  ALA A O   1 
ATOM   141  C CB  . ALA A 1 18 ? 13.108  2.718   -1.401  1.00 26.19 ? 18  ALA A CB  1 
ATOM   142  N N   . MET A 1 19 ? 10.273  1.353   -1.180  1.00 23.37 ? 19  MET A N   1 
ATOM   143  C CA  . MET A 1 19 ? 8.822   1.424   -1.312  1.00 22.05 ? 19  MET A CA  1 
ATOM   144  C C   . MET A 1 19 ? 8.137   1.065   -0.003  1.00 20.98 ? 19  MET A C   1 
ATOM   145  O O   . MET A 1 19 ? 7.199   1.747   0.425   1.00 21.91 ? 19  MET A O   1 
ATOM   146  C CB  . MET A 1 19 ? 8.340   0.499   -2.430  1.00 22.30 ? 19  MET A CB  1 
ATOM   147  C CG  . MET A 1 19 ? 6.836   0.605   -2.672  1.00 22.03 ? 19  MET A CG  1 
ATOM   148  S SD  . MET A 1 19 ? 6.191   -0.657  -3.782  1.00 22.33 ? 19  MET A SD  1 
ATOM   149  C CE  . MET A 1 19 ? 6.345   -2.146  -2.802  1.00 22.11 ? 19  MET A CE  1 
ATOM   150  N N   . ALA A 1 20 ? 8.586   -0.016  0.641   1.00 21.66 ? 20  ALA A N   1 
ATOM   151  C CA  . ALA A 1 20 ? 7.940   -0.454  1.875   1.00 22.07 ? 20  ALA A CA  1 
ATOM   152  C C   . ALA A 1 20 ? 8.085   0.597   2.966   1.00 24.52 ? 20  ALA A C   1 
ATOM   153  O O   . ALA A 1 20 ? 7.136   0.872   3.710   1.00 23.04 ? 20  ALA A O   1 
ATOM   154  C CB  . ALA A 1 20 ? 8.530   -1.791  2.325   1.00 22.22 ? 20  ALA A CB  1 
ATOM   155  N N   . GLU A 1 21 ? 9.265   1.212   3.066   1.00 24.87 ? 21  GLU A N   1 
ATOM   156  C CA  . GLU A 1 21 ? 9.470   2.257   4.063   1.00 26.04 ? 21  GLU A CA  1 
ATOM   157  C C   . GLU A 1 21 ? 8.629   3.490   3.764   1.00 23.61 ? 21  GLU A C   1 
ATOM   158  O O   . GLU A 1 21 ? 8.024   4.073   4.672   1.00 24.99 ? 21  GLU A O   1 
ATOM   159  C CB  . GLU A 1 21 ? 10.956  2.612   4.134   1.00 26.26 ? 21  GLU A CB  1 
ATOM   160  C CG  . GLU A 1 21 ? 11.781  1.496   4.738   1.00 26.92 ? 21  GLU A CG  1 
ATOM   161  C CD  . GLU A 1 21 ? 13.275  1.764   4.708   1.00 35.44 ? 21  GLU A CD  1 
ATOM   162  O OE1 . GLU A 1 21 ? 13.686  2.789   4.122   1.00 38.43 ? 21  GLU A OE1 1 
ATOM   163  O OE2 . GLU A 1 21 ? 14.031  0.929   5.251   1.00 33.73 ? 21  GLU A OE2 1 
ATOM   164  N N   . ALA A 1 22 ? 8.571   3.903   2.497   1.00 23.36 ? 22  ALA A N   1 
ATOM   165  C CA  . ALA A 1 22 ? 7.789   5.082   2.138   1.00 22.13 ? 22  ALA A CA  1 
ATOM   166  C C   . ALA A 1 22 ? 6.300   4.854   2.371   1.00 23.82 ? 22  ALA A C   1 
ATOM   167  O O   . ALA A 1 22 ? 5.589   5.763   2.811   1.00 23.49 ? 22  ALA A O   1 
ATOM   168  C CB  . ALA A 1 22 ? 8.052   5.455   0.683   1.00 24.02 ? 22  ALA A CB  1 
ATOM   169  N N   . ILE A 1 23 ? 5.811   3.646   2.080   1.00 22.87 ? 23  ILE A N   1 
ATOM   170  C CA  . ILE A 1 23 ? 4.409   3.338   2.363   1.00 21.78 ? 23  ILE A CA  1 
ATOM   171  C C   . ILE A 1 23 ? 4.151   3.341   3.863   1.00 21.81 ? 23  ILE A C   1 
ATOM   172  O O   . ILE A 1 23 ? 3.116   3.834   4.327   1.00 22.19 ? 23  ILE A O   1 
ATOM   173  C CB  . ILE A 1 23 ? 4.012   1.997   1.716   1.00 20.16 ? 23  ILE A CB  1 
ATOM   174  C CG1 . ILE A 1 23 ? 3.898   2.175   0.202   1.00 19.89 ? 23  ILE A CG1 1 
ATOM   175  C CG2 . ILE A 1 23 ? 2.689   1.495   2.301   1.00 20.55 ? 23  ILE A CG2 1 
ATOM   176  C CD1 . ILE A 1 23 ? 3.707   0.866   -0.584  1.00 20.75 ? 23  ILE A CD1 1 
ATOM   177  N N   . THR A 1 24 ? 5.082   2.787   4.645   1.00 21.91 ? 24  THR A N   1 
ATOM   178  C CA  . THR A 1 24 ? 4.920   2.775   6.095   1.00 21.59 ? 24  THR A CA  1 
ATOM   179  C C   . THR A 1 24 ? 4.795   4.197   6.635   1.00 24.49 ? 24  THR A C   1 
ATOM   180  O O   . THR A 1 24 ? 3.892   4.500   7.427   1.00 23.43 ? 24  THR A O   1 
ATOM   181  C CB  . THR A 1 24 ? 6.096   2.037   6.741   1.00 22.68 ? 24  THR A CB  1 
ATOM   182  O OG1 . THR A 1 24 ? 6.155   0.699   6.222   1.00 24.80 ? 24  THR A OG1 1 
ATOM   183  C CG2 . THR A 1 24 ? 5.942   1.978   8.269   1.00 23.22 ? 24  THR A CG2 1 
ATOM   184  N N   . ARG A 1 25 ? 5.686   5.092   6.193   1.00 23.21 ? 25  ARG A N   1 
ATOM   185  C CA  . ARG A 1 25 ? 5.604   6.493   6.603   1.00 24.99 ? 25  ARG A CA  1 
ATOM   186  C C   . ARG A 1 25 ? 4.309   7.140   6.124   1.00 25.97 ? 25  ARG A C   1 
ATOM   187  O O   . ARG A 1 25 ? 3.652   7.861   6.885   1.00 26.26 ? 25  ARG A O   1 
ATOM   188  C CB  . ARG A 1 25 ? 6.808   7.272   6.068   1.00 27.81 ? 25  ARG A CB  1 
ATOM   189  C CG  . ARG A 1 25 ? 8.129   6.928   6.736   1.00 33.01 ? 25  ARG A CG  1 
ATOM   190  C CD  . ARG A 1 25 ? 9.204   7.941   6.360   1.00 33.10 ? 25  ARG A CD  1 
ATOM   191  N NE  . ARG A 1 25 ? 9.420   7.995   4.916   1.00 35.27 ? 25  ARG A NE  1 
ATOM   192  C CZ  . ARG A 1 25 ? 10.239  7.183   4.252   1.00 33.99 ? 25  ARG A CZ  1 
ATOM   193  N NH1 . ARG A 1 25 ? 10.926  6.251   4.900   1.00 35.79 ? 25  ARG A NH1 1 
ATOM   194  N NH2 . ARG A 1 25 ? 10.373  7.304   2.937   1.00 34.26 ? 25  ARG A NH2 1 
ATOM   195  N N   . ALA A 1 26 ? 3.927   6.895   4.864   1.00 24.54 ? 26  ALA A N   1 
ATOM   196  C CA  . ALA A 1 26 ? 2.703   7.488   4.327   1.00 25.28 ? 26  ALA A CA  1 
ATOM   197  C C   . ALA A 1 26 ? 1.478   7.066   5.129   1.00 24.26 ? 26  ALA A C   1 
ATOM   198  O O   . ALA A 1 26 ? 0.627   7.898   5.463   1.00 23.87 ? 26  ALA A O   1 
ATOM   199  C CB  . ALA A 1 26 ? 2.529   7.115   2.854   1.00 23.67 ? 26  ALA A CB  1 
ATOM   200  N N   . VAL A 1 27 ? 1.361   5.772   5.438   1.00 21.38 ? 27  VAL A N   1 
ATOM   201  C CA  . VAL A 1 27 ? 0.204   5.306   6.195   1.00 20.85 ? 27  VAL A CA  1 
ATOM   202  C C   . VAL A 1 27 ? 0.216   5.894   7.603   1.00 23.17 ? 27  VAL A C   1 
ATOM   203  O O   . VAL A 1 27 ? -0.803  6.395   8.092   1.00 22.80 ? 27  VAL A O   1 
ATOM   204  C CB  . VAL A 1 27 ? 0.166   3.766   6.210   1.00 21.84 ? 27  VAL A CB  1 
ATOM   205  C CG1 . VAL A 1 27 ? -0.893  3.249   7.183   1.00 20.91 ? 27  VAL A CG1 1 
ATOM   206  C CG2 . VAL A 1 27 ? -0.098  3.266   4.796   1.00 20.96 ? 27  VAL A CG2 1 
ATOM   207  N N   . HIS A 1 28 ? 1.373   5.851   8.270   1.00 23.20 ? 28  HIS A N   1 
ATOM   208  C CA  . HIS A 1 28 ? 1.491   6.425   9.610   1.00 25.25 ? 28  HIS A CA  1 
ATOM   209  C C   . HIS A 1 28 ? 1.069   7.892   9.627   1.00 24.55 ? 28  HIS A C   1 
ATOM   210  O O   . HIS A 1 28 ? 0.297   8.320   10.495  1.00 25.79 ? 28  HIS A O   1 
ATOM   211  C CB  . HIS A 1 28 ? 2.932   6.265   10.102  1.00 25.30 ? 28  HIS A CB  1 
ATOM   212  C CG  . HIS A 1 28 ? 3.208   6.933   11.414  1.00 28.92 ? 28  HIS A CG  1 
ATOM   213  N ND1 . HIS A 1 28 ? 2.429   6.741   12.536  1.00 30.99 ? 28  HIS A ND1 1 
ATOM   214  C CD2 . HIS A 1 28 ? 4.196   7.784   11.783  1.00 29.80 ? 28  HIS A CD2 1 
ATOM   215  C CE1 . HIS A 1 28 ? 2.924   7.449   13.538  1.00 31.19 ? 28  HIS A CE1 1 
ATOM   216  N NE2 . HIS A 1 28 ? 3.994   8.089   13.107  1.00 33.17 ? 28  HIS A NE2 1 
ATOM   217  N N   . GLU A 1 29 ? 1.547   8.679   8.660   1.00 23.71 ? 29  GLU A N   1 
ATOM   218  C CA  . GLU A 1 29 ? 1.321   10.121  8.705   1.00 25.66 ? 29  GLU A CA  1 
ATOM   219  C C   . GLU A 1 29 ? -0.093  10.527  8.306   1.00 29.52 ? 29  GLU A C   1 
ATOM   220  O O   . GLU A 1 29 ? -0.600  11.538  8.809   1.00 29.98 ? 29  GLU A O   1 
ATOM   221  C CB  . GLU A 1 29 ? 2.333   10.830  7.808   1.00 26.38 ? 29  GLU A CB  1 
ATOM   222  C CG  . GLU A 1 29 ? 3.754   10.714  8.325   1.00 30.62 ? 29  GLU A CG  1 
ATOM   223  C CD  . GLU A 1 29 ? 4.776   11.121  7.295   1.00 36.80 ? 29  GLU A CD  1 
ATOM   224  O OE1 . GLU A 1 29 ? 4.377   11.684  6.250   1.00 38.93 ? 29  GLU A OE1 1 
ATOM   225  O OE2 . GLU A 1 29 ? 5.975   10.867  7.529   1.00 39.51 ? 29  GLU A OE2 1 
ATOM   226  N N   . THR A 1 30 ? -0.749  9.776   7.416   1.00 23.61 ? 30  THR A N   1 
ATOM   227  C CA  . THR A 1 30 ? -2.043  10.210  6.898   1.00 24.22 ? 30  THR A CA  1 
ATOM   228  C C   . THR A 1 30 ? -3.232  9.698   7.702   1.00 24.88 ? 30  THR A C   1 
ATOM   229  O O   . THR A 1 30 ? -4.249  10.395  7.781   1.00 25.87 ? 30  THR A O   1 
ATOM   230  C CB  . THR A 1 30 ? -2.218  9.779   5.436   1.00 24.26 ? 30  THR A CB  1 
ATOM   231  O OG1 . THR A 1 30 ? -2.019  8.362   5.324   1.00 22.58 ? 30  THR A OG1 1 
ATOM   232  C CG2 . THR A 1 30 ? -1.219  10.497  4.537   1.00 23.85 ? 30  THR A CG2 1 
ATOM   233  N N   . ILE A 1 31 ? -3.162  8.495   8.279   1.00 22.11 ? 31  ILE A N   1 
ATOM   234  C CA  . ILE A 1 31 ? -4.288  7.947   9.025   1.00 21.32 ? 31  ILE A CA  1 
ATOM   235  C C   . ILE A 1 31 ? -3.954  7.667   10.480  1.00 21.58 ? 31  ILE A C   1 
ATOM   236  O O   . ILE A 1 31 ? -4.825  7.210   11.225  1.00 21.52 ? 31  ILE A O   1 
ATOM   237  C CB  . ILE A 1 31 ? -4.874  6.684   8.348   1.00 22.79 ? 31  ILE A CB  1 
ATOM   238  C CG1 . ILE A 1 31 ? -3.918  5.489   8.435   1.00 22.68 ? 31  ILE A CG1 1 
ATOM   239  C CG2 . ILE A 1 31 ? -5.211  6.982   6.912   1.00 22.68 ? 31  ILE A CG2 1 
ATOM   240  C CD1 . ILE A 1 31 ? -4.603  4.149   8.087   1.00 20.39 ? 31  ILE A CD1 1 
ATOM   241  N N   . GLY A 1 32 ? -2.730  7.956   10.922  1.00 24.78 ? 32  GLY A N   1 
ATOM   242  C CA  . GLY A 1 32 ? -2.424  7.819   12.330  1.00 23.63 ? 32  GLY A CA  1 
ATOM   243  C C   . GLY A 1 32 ? -2.283  6.399   12.819  1.00 24.81 ? 32  GLY A C   1 
ATOM   244  O O   . GLY A 1 32 ? -2.389  6.153   14.021  1.00 28.26 ? 32  GLY A O   1 
ATOM   245  N N   . ALA A 1 33 ? -2.063  5.447   11.920  1.00 23.72 ? 33  ALA A N   1 
ATOM   246  C CA  . ALA A 1 33 ? -1.757  4.094   12.348  1.00 22.45 ? 33  ALA A CA  1 
ATOM   247  C C   . ALA A 1 33 ? -0.376  4.082   12.988  1.00 23.20 ? 33  ALA A C   1 
ATOM   248  O O   . ALA A 1 33 ? 0.583   4.582   12.386  1.00 25.64 ? 33  ALA A O   1 
ATOM   249  C CB  . ALA A 1 33 ? -1.797  3.134   11.158  1.00 22.76 ? 33  ALA A CB  1 
ATOM   250  N N   . PRO A 1 34 ? -0.234  3.554   14.201  1.00 25.17 ? 34  PRO A N   1 
ATOM   251  C CA  . PRO A 1 34 ? 1.108   3.425   14.775  1.00 25.55 ? 34  PRO A CA  1 
ATOM   252  C C   . PRO A 1 34 ? 1.972   2.546   13.892  1.00 26.62 ? 34  PRO A C   1 
ATOM   253  O O   . PRO A 1 34 ? 1.501   1.568   13.309  1.00 25.82 ? 34  PRO A O   1 
ATOM   254  C CB  . PRO A 1 34 ? 0.865   2.789   16.149  1.00 26.44 ? 34  PRO A CB  1 
ATOM   255  C CG  . PRO A 1 34 ? -0.578  2.550   16.267  1.00 28.43 ? 34  PRO A CG  1 
ATOM   256  C CD  . PRO A 1 34 ? -1.301  3.242   15.165  1.00 26.53 ? 34  PRO A CD  1 
ATOM   257  N N   . VAL A 1 35 ? 3.248   2.917   13.787  1.00 25.39 ? 35  VAL A N   1 
ATOM   258  C CA  . VAL A 1 35 ? 4.173   2.139   12.968  1.00 24.71 ? 35  VAL A CA  1 
ATOM   259  C C   . VAL A 1 35 ? 4.162   0.678   13.400  1.00 24.62 ? 35  VAL A C   1 
ATOM   260  O O   . VAL A 1 35 ? 4.238   -0.231  12.566  1.00 25.08 ? 35  VAL A O   1 
ATOM   261  C CB  . VAL A 1 35 ? 5.584   2.750   13.040  1.00 26.24 ? 35  VAL A CB  1 
ATOM   262  C CG1 . VAL A 1 35 ? 6.600   1.847   12.354  1.00 26.06 ? 35  VAL A CG1 1 
ATOM   263  C CG2 . VAL A 1 35 ? 5.577   4.136   12.418  1.00 28.31 ? 35  VAL A CG2 1 
ATOM   264  N N   . GLU A 1 36 ? 4.015   0.430   14.704  1.00 25.81 ? 36  GLU A N   1 
ATOM   265  C CA  . GLU A 1 36 ? 4.009   -0.936  15.221  1.00 26.55 ? 36  GLU A CA  1 
ATOM   266  C C   . GLU A 1 36 ? 2.873   -1.779  14.631  1.00 26.57 ? 36  GLU A C   1 
ATOM   267  O O   . GLU A 1 36 ? 3.007   -3.007  14.550  1.00 27.40 ? 36  GLU A O   1 
ATOM   268  C CB  . GLU A 1 36 ? 3.921   -0.908  16.754  1.00 32.53 ? 36  GLU A CB  1 
ATOM   269  C CG  . GLU A 1 36 ? 3.355   -2.176  17.381  1.00 37.76 ? 36  GLU A CG  1 
ATOM   270  C CD  . GLU A 1 36 ? 3.133   -2.068  18.874  1.00 48.01 ? 36  GLU A CD  1 
ATOM   271  O OE1 . GLU A 1 36 ? 3.783   -1.214  19.521  1.00 51.52 ? 36  GLU A OE1 1 
ATOM   272  O OE2 . GLU A 1 36 ? 2.296   -2.842  19.395  1.00 49.57 ? 36  GLU A OE2 1 
ATOM   273  N N   . TYR A 1 37 ? 1.772   -1.152  14.207  1.00 23.94 ? 37  TYR A N   1 
ATOM   274  C CA  . TYR A 1 37 ? 0.626   -1.872  13.655  1.00 23.48 ? 37  TYR A CA  1 
ATOM   275  C C   . TYR A 1 37 ? 0.729   -2.121  12.155  1.00 23.39 ? 37  TYR A C   1 
ATOM   276  O O   . TYR A 1 37 ? -0.129  -2.824  11.603  1.00 22.68 ? 37  TYR A O   1 
ATOM   277  C CB  . TYR A 1 37 ? -0.683  -1.102  13.889  1.00 23.48 ? 37  TYR A CB  1 
ATOM   278  C CG  . TYR A 1 37 ? -1.180  -1.003  15.317  1.00 23.25 ? 37  TYR A CG  1 
ATOM   279  C CD1 . TYR A 1 37 ? -2.387  -0.377  15.588  1.00 25.23 ? 37  TYR A CD1 1 
ATOM   280  C CD2 . TYR A 1 37 ? -0.449  -1.521  16.380  1.00 27.15 ? 37  TYR A CD2 1 
ATOM   281  C CE1 . TYR A 1 37 ? -2.870  -0.267  16.878  1.00 27.00 ? 37  TYR A CE1 1 
ATOM   282  C CE2 . TYR A 1 37 ? -0.923  -1.412  17.689  1.00 29.68 ? 37  TYR A CE2 1 
ATOM   283  C CZ  . TYR A 1 37 ? -2.132  -0.780  17.924  1.00 28.70 ? 37  TYR A CZ  1 
ATOM   284  O OH  . TYR A 1 37 ? -2.623  -0.667  19.206  1.00 32.60 ? 37  TYR A OH  1 
ATOM   285  N N   . ILE A 1 38 ? 1.717   -1.557  11.474  1.00 21.61 ? 38  ILE A N   1 
ATOM   286  C CA  . ILE A 1 38 ? 1.740   -1.573  10.013  1.00 21.61 ? 38  ILE A CA  1 
ATOM   287  C C   . ILE A 1 38 ? 2.485   -2.812  9.528   1.00 22.44 ? 38  ILE A C   1 
ATOM   288  O O   . ILE A 1 38 ? 3.569   -3.144  10.027  1.00 24.87 ? 38  ILE A O   1 
ATOM   289  C CB  . ILE A 1 38 ? 2.376   -0.290  9.457   1.00 23.07 ? 38  ILE A CB  1 
ATOM   290  C CG1 . ILE A 1 38 ? 1.535   0.929   9.851   1.00 23.32 ? 38  ILE A CG1 1 
ATOM   291  C CG2 . ILE A 1 38 ? 2.517   -0.382  7.947   1.00 21.55 ? 38  ILE A CG2 1 
ATOM   292  C CD1 . ILE A 1 38 ? 2.174   2.254   9.495   1.00 22.39 ? 38  ILE A CD1 1 
ATOM   293  N N   . TYR A 1 39 ? 1.903   -3.504  8.548   1.00 18.02 ? 39  TYR A N   1 
ATOM   294  C CA  . TYR A 1 39 ? 2.519   -4.678  7.941   1.00 18.95 ? 39  TYR A CA  1 
ATOM   295  C C   . TYR A 1 39 ? 2.397   -4.496  6.433   1.00 19.34 ? 39  TYR A C   1 
ATOM   296  O O   . TYR A 1 39 ? 1.282   -4.460  5.900   1.00 18.77 ? 39  TYR A O   1 
ATOM   297  C CB  . TYR A 1 39 ? 1.827   -5.954  8.422   1.00 19.74 ? 39  TYR A CB  1 
ATOM   298  C CG  . TYR A 1 39 ? 2.532   -7.285  8.209   1.00 21.39 ? 39  TYR A CG  1 
ATOM   299  C CD1 . TYR A 1 39 ? 2.534   -8.243  9.217   1.00 21.40 ? 39  TYR A CD1 1 
ATOM   300  C CD2 . TYR A 1 39 ? 3.127   -7.620  6.986   1.00 22.04 ? 39  TYR A CD2 1 
ATOM   301  C CE1 . TYR A 1 39 ? 3.133   -9.482  9.035   1.00 21.08 ? 39  TYR A CE1 1 
ATOM   302  C CE2 . TYR A 1 39 ? 3.734   -8.864  6.800   1.00 18.65 ? 39  TYR A CE2 1 
ATOM   303  C CZ  . TYR A 1 39 ? 3.726   -9.785  7.831   1.00 20.02 ? 39  TYR A CZ  1 
ATOM   304  O OH  . TYR A 1 39 ? 4.299   -11.023 7.671   1.00 20.28 ? 39  TYR A OH  1 
ATOM   305  N N   . VAL A 1 40 ? 3.533   -4.321  5.760   1.00 18.85 ? 40  VAL A N   1 
ATOM   306  C CA  . VAL A 1 40 ? 3.590   -4.197  4.308   1.00 18.89 ? 40  VAL A CA  1 
ATOM   307  C C   . VAL A 1 40 ? 4.049   -5.528  3.734   1.00 19.52 ? 40  VAL A C   1 
ATOM   308  O O   . VAL A 1 40 ? 5.029   -6.117  4.207   1.00 21.59 ? 40  VAL A O   1 
ATOM   309  C CB  . VAL A 1 40 ? 4.528   -3.060  3.873   1.00 20.36 ? 40  VAL A CB  1 
ATOM   310  C CG1 . VAL A 1 40 ? 4.588   -2.979  2.359   1.00 19.79 ? 40  VAL A CG1 1 
ATOM   311  C CG2 . VAL A 1 40 ? 4.058   -1.739  4.457   1.00 21.35 ? 40  VAL A CG2 1 
ATOM   312  N N   . LEU A 1 41 ? 3.344   -6.004  2.717   1.00 17.38 ? 41  LEU A N   1 
ATOM   313  C CA  . LEU A 1 41 ? 3.646   -7.280  2.088   1.00 17.37 ? 41  LEU A CA  1 
ATOM   314  C C   . LEU A 1 41 ? 3.796   -7.047  0.593   1.00 20.43 ? 41  LEU A C   1 
ATOM   315  O O   . LEU A 1 41 ? 2.909   -6.459  -0.029  1.00 19.30 ? 41  LEU A O   1 
ATOM   316  C CB  . LEU A 1 41 ? 2.536   -8.297  2.373   1.00 18.56 ? 41  LEU A CB  1 
ATOM   317  C CG  . LEU A 1 41 ? 2.684   -9.616  1.625   1.00 22.39 ? 41  LEU A CG  1 
ATOM   318  C CD1 . LEU A 1 41 ? 3.872   -10.391 2.201   1.00 22.84 ? 41  LEU A CD1 1 
ATOM   319  C CD2 . LEU A 1 41 ? 1.402   -10.397 1.774   1.00 23.46 ? 41  LEU A CD2 1 
ATOM   320  N N   . ILE A 1 42 ? 4.916   -7.492  0.022   1.00 18.13 ? 42  ILE A N   1 
ATOM   321  C CA  . ILE A 1 42 ? 5.221   -7.284  -1.388  1.00 17.94 ? 42  ILE A CA  1 
ATOM   322  C C   . ILE A 1 42 ? 5.153   -8.622  -2.110  1.00 18.43 ? 42  ILE A C   1 
ATOM   323  O O   . ILE A 1 42 ? 5.746   -9.612  -1.659  1.00 19.01 ? 42  ILE A O   1 
ATOM   324  C CB  . ILE A 1 42 ? 6.610   -6.652  -1.578  1.00 18.31 ? 42  ILE A CB  1 
ATOM   325  C CG1 . ILE A 1 42 ? 6.681   -5.294  -0.871  1.00 18.74 ? 42  ILE A CG1 1 
ATOM   326  C CG2 . ILE A 1 42 ? 6.918   -6.522  -3.067  1.00 20.18 ? 42  ILE A CG2 1 
ATOM   327  C CD1 . ILE A 1 42 ? 8.115   -4.767  -0.721  1.00 22.46 ? 42  ILE A CD1 1 
ATOM   328  N N   . ARG A 1 43 ? 4.440   -8.656  -3.232  1.00 17.64 ? 43  ARG A N   1 
ATOM   329  C CA  . ARG A 1 43 ? 4.417   -9.818  -4.110  1.00 17.45 ? 43  ARG A CA  1 
ATOM   330  C C   . ARG A 1 43 ? 4.772   -9.371  -5.519  1.00 18.77 ? 43  ARG A C   1 
ATOM   331  O O   . ARG A 1 43 ? 4.233   -8.372  -6.003  1.00 18.61 ? 43  ARG A O   1 
ATOM   332  C CB  . ARG A 1 43 ? 3.035   -10.490 -4.119  1.00 17.66 ? 43  ARG A CB  1 
ATOM   333  C CG  . ARG A 1 43 ? 2.675   -11.198 -2.818  1.00 18.21 ? 43  ARG A CG  1 
ATOM   334  C CD  . ARG A 1 43 ? 1.302   -11.891 -2.932  1.00 17.83 ? 43  ARG A CD  1 
ATOM   335  N NE  . ARG A 1 43 ? 0.236   -10.900 -3.094  1.00 16.58 ? 43  ARG A NE  1 
ATOM   336  C CZ  . ARG A 1 43 ? -0.620  -10.538 -2.138  1.00 18.46 ? 43  ARG A CZ  1 
ATOM   337  N NH1 . ARG A 1 43 ? -0.585  -11.100 -0.924  1.00 17.01 ? 43  ARG A NH1 1 
ATOM   338  N NH2 . ARG A 1 43 ? -1.533  -9.609  -2.398  1.00 15.57 ? 43  ARG A NH2 1 
ATOM   339  N N   . GLU A 1 44 ? 5.661   -10.115 -6.178  1.00 20.78 ? 44  GLU A N   1 
ATOM   340  C CA  . GLU A 1 44 ? 6.064   -9.825  -7.551  1.00 20.83 ? 44  GLU A CA  1 
ATOM   341  C C   . GLU A 1 44 ? 5.414   -10.795 -8.524  1.00 21.47 ? 44  GLU A C   1 
ATOM   342  O O   . GLU A 1 44 ? 5.277   -11.988 -8.232  1.00 22.54 ? 44  GLU A O   1 
ATOM   343  C CB  . GLU A 1 44 ? 7.581   -9.922  -7.714  1.00 22.60 ? 44  GLU A CB  1 
ATOM   344  C CG  . GLU A 1 44 ? 8.354   -8.906  -6.928  1.00 23.98 ? 44  GLU A CG  1 
ATOM   345  C CD  . GLU A 1 44 ? 9.844   -9.199  -6.950  1.00 27.66 ? 44  GLU A CD  1 
ATOM   346  O OE1 . GLU A 1 44 ? 10.240  -10.341 -6.626  1.00 30.66 ? 44  GLU A OE1 1 
ATOM   347  O OE2 . GLU A 1 44 ? 10.607  -8.294  -7.321  1.00 27.70 ? 44  GLU A OE2 1 
ATOM   348  N N   . THR A 1 45 ? 5.061   -10.281 -9.694  1.00 21.01 ? 45  THR A N   1 
ATOM   349  C CA  . THR A 1 45 ? 4.484   -11.054 -10.781 1.00 21.47 ? 45  THR A CA  1 
ATOM   350  C C   . THR A 1 45 ? 5.049   -10.557 -12.100 1.00 21.62 ? 45  THR A C   1 
ATOM   351  O O   . THR A 1 45 ? 5.518   -9.416  -12.196 1.00 21.47 ? 45  THR A O   1 
ATOM   352  C CB  . THR A 1 45 ? 2.948   -10.960 -10.805 1.00 23.64 ? 45  THR A CB  1 
ATOM   353  O OG1 . THR A 1 45 ? 2.533   -9.635  -10.445 1.00 23.60 ? 45  THR A OG1 1 
ATOM   354  C CG2 . THR A 1 45 ? 2.340   -11.980 -9.852  1.00 24.13 ? 45  THR A CG2 1 
ATOM   355  N N   . PRO A 1 46 ? 5.015   -11.385 -13.140 1.00 21.78 ? 46  PRO A N   1 
ATOM   356  C CA  . PRO A 1 46 ? 5.366   -10.890 -14.472 1.00 23.42 ? 46  PRO A CA  1 
ATOM   357  C C   . PRO A 1 46 ? 4.388   -9.817  -14.925 1.00 24.80 ? 46  PRO A C   1 
ATOM   358  O O   . PRO A 1 46 ? 3.225   -9.779  -14.509 1.00 21.15 ? 46  PRO A O   1 
ATOM   359  C CB  . PRO A 1 46 ? 5.266   -12.138 -15.358 1.00 26.26 ? 46  PRO A CB  1 
ATOM   360  C CG  . PRO A 1 46 ? 5.310   -13.286 -14.441 1.00 29.23 ? 46  PRO A CG  1 
ATOM   361  C CD  . PRO A 1 46 ? 4.707   -12.827 -13.149 1.00 24.84 ? 46  PRO A CD  1 
ATOM   362  N N   . GLY A 1 47 ? 4.872   -8.936  -15.799 1.00 24.57 ? 47  GLY A N   1 
ATOM   363  C CA  . GLY A 1 47 ? 3.997   -7.921  -16.352 1.00 23.77 ? 47  GLY A CA  1 
ATOM   364  C C   . GLY A 1 47 ? 2.769   -8.499  -17.024 1.00 24.16 ? 47  GLY A C   1 
ATOM   365  O O   . GLY A 1 47 ? 1.692   -7.903  -16.968 1.00 23.12 ? 47  GLY A O   1 
ATOM   366  N N   . ALA A 1 48 ? 2.915   -9.665  -17.666 1.00 24.84 ? 48  ALA A N   1 
ATOM   367  C CA  . ALA A 1 48 ? 1.805   -10.305 -18.360 1.00 25.23 ? 48  ALA A CA  1 
ATOM   368  C C   . ALA A 1 48 ? 0.673   -10.700 -17.426 1.00 23.62 ? 48  ALA A C   1 
ATOM   369  O O   . ALA A 1 48 ? -0.451  -10.923 -17.893 1.00 25.45 ? 48  ALA A O   1 
ATOM   370  C CB  . ALA A 1 48 ? 2.304   -11.537 -19.120 1.00 28.84 ? 48  ALA A CB  1 
ATOM   371  N N   . HIS A 1 49 ? 0.938   -10.786 -16.123 1.00 23.80 ? 49  HIS A N   1 
ATOM   372  C CA  . HIS A 1 49 ? -0.092  -11.124 -15.151 1.00 21.63 ? 49  HIS A CA  1 
ATOM   373  C C   . HIS A 1 49 ? -0.867  -9.908  -14.670 1.00 21.35 ? 49  HIS A C   1 
ATOM   374  O O   . HIS A 1 49 ? -1.751  -10.053 -13.816 1.00 20.77 ? 49  HIS A O   1 
ATOM   375  C CB  . HIS A 1 49 ? 0.530   -11.839 -13.949 1.00 20.25 ? 49  HIS A CB  1 
ATOM   376  C CG  . HIS A 1 49 ? 0.965   -13.244 -14.236 1.00 22.52 ? 49  HIS A CG  1 
ATOM   377  N ND1 . HIS A 1 49 ? 1.263   -14.146 -13.238 1.00 23.75 ? 49  HIS A ND1 1 
ATOM   378  C CD2 . HIS A 1 49 ? 1.152   -13.902 -15.406 1.00 26.65 ? 49  HIS A CD2 1 
ATOM   379  C CE1 . HIS A 1 49 ? 1.621   -15.299 -13.780 1.00 26.01 ? 49  HIS A CE1 1 
ATOM   380  N NE2 . HIS A 1 49 ? 1.556   -15.179 -15.094 1.00 26.88 ? 49  HIS A NE2 1 
ATOM   381  N N   . HIS A 1 50 ? -0.541  -8.721  -15.171 1.00 20.60 ? 50  HIS A N   1 
ATOM   382  C CA  . HIS A 1 50 ? -1.269  -7.490  -14.880 1.00 20.43 ? 50  HIS A CA  1 
ATOM   383  C C   . HIS A 1 50 ? -1.998  -7.097  -16.153 1.00 23.50 ? 50  HIS A C   1 
ATOM   384  O O   . HIS A 1 50 ? -1.364  -6.672  -17.122 1.00 24.02 ? 50  HIS A O   1 
ATOM   385  C CB  . HIS A 1 50 ? -0.327  -6.370  -14.450 1.00 20.94 ? 50  HIS A CB  1 
ATOM   386  C CG  . HIS A 1 50 ? 0.408   -6.652  -13.182 1.00 20.23 ? 50  HIS A CG  1 
ATOM   387  N ND1 . HIS A 1 50 ? 0.273   -5.866  -12.058 1.00 20.58 ? 50  HIS A ND1 1 
ATOM   388  C CD2 . HIS A 1 50 ? 1.283   -7.634  -12.857 1.00 20.15 ? 50  HIS A CD2 1 
ATOM   389  C CE1 . HIS A 1 50 ? 1.032   -6.356  -11.092 1.00 20.50 ? 50  HIS A CE1 1 
ATOM   390  N NE2 . HIS A 1 50 ? 1.657   -7.424  -11.554 1.00 20.68 ? 50  HIS A NE2 1 
ATOM   391  N N   . VAL A 1 51 ? -3.319  -7.246  -16.161 1.00 22.20 ? 51  VAL A N   1 
ATOM   392  C CA  . VAL A 1 51 ? -4.115  -6.955  -17.353 1.00 22.86 ? 51  VAL A CA  1 
ATOM   393  C C   . VAL A 1 51 ? -5.089  -5.844  -16.981 1.00 23.74 ? 51  VAL A C   1 
ATOM   394  O O   . VAL A 1 51 ? -6.102  -6.074  -16.305 1.00 22.59 ? 51  VAL A O   1 
ATOM   395  C CB  . VAL A 1 51 ? -4.826  -8.199  -17.892 1.00 23.10 ? 51  VAL A CB  1 
ATOM   396  C CG1 . VAL A 1 51 ? -5.537  -7.890  -19.204 1.00 25.36 ? 51  VAL A CG1 1 
ATOM   397  C CG2 . VAL A 1 51 ? -3.809  -9.316  -18.098 1.00 25.12 ? 51  VAL A CG2 1 
ATOM   398  N N   . LYS A 1 52 ? -4.765  -4.623  -17.399 1.00 22.35 ? 52  LYS A N   1 
ATOM   399  C CA  . LYS A 1 52 ? -5.496  -3.424  -17.015 1.00 23.70 ? 52  LYS A CA  1 
ATOM   400  C C   . LYS A 1 52 ? -6.234  -2.910  -18.240 1.00 29.68 ? 52  LYS A C   1 
ATOM   401  O O   . LYS A 1 52 ? -5.616  -2.685  -19.286 1.00 26.91 ? 52  LYS A O   1 
ATOM   402  C CB  . LYS A 1 52 ? -4.550  -2.355  -16.465 1.00 25.69 ? 52  LYS A CB  1 
ATOM   403  C CG  . LYS A 1 52 ? -5.244  -1.036  -16.105 1.00 28.89 ? 52  LYS A CG  1 
ATOM   404  C CD  . LYS A 1 52 ? -4.270  -0.039  -15.486 1.00 33.64 ? 52  LYS A CD  1 
ATOM   405  C CE  . LYS A 1 52 ? -3.413  0.646   -16.553 1.00 36.62 ? 52  LYS A CE  1 
ATOM   406  N NZ  . LYS A 1 52 ? -4.207  1.312   -17.642 1.00 37.94 ? 52  LYS A NZ  1 
ATOM   407  N N   . ALA A 1 53 ? -7.548  -2.731  -18.110 1.00 27.30 ? 53  ALA A N   1 
ATOM   408  C CA  . ALA A 1 53 ? -8.391  -2.294  -19.225 1.00 29.59 ? 53  ALA A CA  1 
ATOM   409  C C   . ALA A 1 53 ? -8.204  -3.190  -20.447 1.00 30.86 ? 53  ALA A C   1 
ATOM   410  O O   . ALA A 1 53 ? -8.181  -2.726  -21.591 1.00 34.31 ? 53  ALA A O   1 
ATOM   411  C CB  . ALA A 1 53 ? -8.125  -0.829  -19.568 1.00 29.54 ? 53  ALA A CB  1 
ATOM   412  N N   . GLY A 1 54 ? -8.078  -4.494  -20.202 1.00 27.02 ? 54  GLY A N   1 
ATOM   413  C CA  . GLY A 1 54 ? -7.923  -5.476  -21.252 1.00 27.92 ? 54  GLY A CA  1 
ATOM   414  C C   . GLY A 1 54 ? -6.528  -5.628  -21.813 1.00 32.52 ? 54  GLY A C   1 
ATOM   415  O O   . GLY A 1 54 ? -6.306  -6.535  -22.630 1.00 36.30 ? 54  GLY A O   1 
ATOM   416  N N   . ARG A 1 55 ? -5.574  -4.796  -21.403 1.00 30.90 ? 55  ARG A N   1 
ATOM   417  C CA  . ARG A 1 55 ? -4.236  -4.799  -21.987 1.00 32.75 ? 55  ARG A CA  1 
ATOM   418  C C   . ARG A 1 55 ? -3.192  -5.270  -20.981 1.00 29.88 ? 55  ARG A C   1 
ATOM   419  O O   . ARG A 1 55 ? -3.184  -4.833  -19.825 1.00 26.63 ? 55  ARG A O   1 
ATOM   420  C CB  . ARG A 1 55 ? -3.858  -3.413  -22.519 1.00 35.72 ? 55  ARG A CB  1 
ATOM   421  C CG  . ARG A 1 55 ? -5.034  -2.576  -22.975 1.00 41.84 ? 55  ARG A CG  1 
ATOM   422  C CD  . ARG A 1 55 ? -4.749  -1.859  -24.297 1.00 49.38 ? 55  ARG A CD  1 
ATOM   423  N NE  . ARG A 1 55 ? -4.763  -2.765  -25.447 1.00 53.30 ? 55  ARG A NE  1 
ATOM   424  C CZ  . ARG A 1 55 ? -3.920  -2.690  -26.474 1.00 55.43 ? 55  ARG A CZ  1 
ATOM   425  N NH1 . ARG A 1 55 ? -4.008  -3.561  -27.474 1.00 56.55 ? 55  ARG A NH1 1 
ATOM   426  N NH2 . ARG A 1 55 ? -2.986  -1.745  -26.502 1.00 53.22 ? 55  ARG A NH2 1 
ATOM   427  N N   . THR A 1 56 ? -2.314  -6.152  -21.437 1.00 29.12 ? 56  THR A N   1 
ATOM   428  C CA  . THR A 1 56 ? -1.201  -6.621  -20.631 1.00 30.26 ? 56  THR A CA  1 
ATOM   429  C C   . THR A 1 56 ? -0.204  -5.492  -20.375 1.00 32.11 ? 56  THR A C   1 
ATOM   430  O O   . THR A 1 56 ? 0.068   -4.668  -21.255 1.00 32.58 ? 56  THR A O   1 
ATOM   431  C CB  . THR A 1 56 ? -0.519  -7.788  -21.352 1.00 33.76 ? 56  THR A CB  1 
ATOM   432  O OG1 . THR A 1 56 ? -1.383  -8.935  -21.326 1.00 40.26 ? 56  THR A OG1 1 
ATOM   433  C CG2 . THR A 1 56 ? 0.767   -8.138  -20.708 1.00 34.51 ? 56  THR A CG2 1 
ATOM   434  N N   . LEU A 1 57 ? 0.336   -5.444  -19.156 1.00 27.14 ? 57  LEU A N   1 
ATOM   435  C CA  . LEU A 1 57 ? 1.373   -4.469  -18.874 1.00 26.79 ? 57  LEU A CA  1 
ATOM   436  C C   . LEU A 1 57 ? 2.736   -4.999  -19.318 1.00 27.05 ? 57  LEU A C   1 
ATOM   437  O O   . LEU A 1 57 ? 2.962   -6.214  -19.344 1.00 27.40 ? 57  LEU A O   1 
ATOM   438  C CB  . LEU A 1 57 ? 1.410   -4.136  -17.382 1.00 26.64 ? 57  LEU A CB  1 
ATOM   439  C CG  . LEU A 1 57 ? 0.156   -3.502  -16.771 1.00 28.42 ? 57  LEU A CG  1 
ATOM   440  C CD1 . LEU A 1 57 ? 0.452   -2.892  -15.400 1.00 24.42 ? 57  LEU A CD1 1 
ATOM   441  C CD2 . LEU A 1 57 ? -0.471  -2.473  -17.696 1.00 31.11 ? 57  LEU A CD2 1 
ATOM   442  N N   . PRO A 1 58 ? 3.656   -4.113  -19.692 1.00 28.33 ? 58  PRO A N   1 
ATOM   443  C CA  . PRO A 1 58 ? 4.986   -4.569  -20.103 1.00 30.70 ? 58  PRO A CA  1 
ATOM   444  C C   . PRO A 1 58 ? 5.816   -5.009  -18.907 1.00 30.73 ? 58  PRO A C   1 
ATOM   445  O O   . PRO A 1 58 ? 5.500   -4.726  -17.748 1.00 28.72 ? 58  PRO A O   1 
ATOM   446  C CB  . PRO A 1 58 ? 5.589   -3.333  -20.779 1.00 30.13 ? 58  PRO A CB  1 
ATOM   447  C CG  . PRO A 1 58 ? 4.910   -2.185  -20.125 1.00 31.60 ? 58  PRO A CG  1 
ATOM   448  C CD  . PRO A 1 58 ? 3.502   -2.655  -19.841 1.00 30.05 ? 58  PRO A CD  1 
ATOM   449  N N   . GLU A 1 59 ? 6.893   -5.731  -19.205 1.00 30.45 ? 59  GLU A N   1 
ATOM   450  C CA  . GLU A 1 59 ? 7.860   -6.088  -18.178 1.00 28.10 ? 59  GLU A CA  1 
ATOM   451  C C   . GLU A 1 59 ? 8.595   -4.852  -17.685 1.00 30.07 ? 59  GLU A C   1 
ATOM   452  O O   . GLU A 1 59 ? 8.915   -3.948  -18.463 1.00 31.15 ? 59  GLU A O   1 
ATOM   453  C CB  . GLU A 1 59 ? 8.874   -7.096  -18.719 1.00 29.48 ? 59  GLU A CB  1 
ATOM   454  C CG  . GLU A 1 59 ? 8.330   -8.486  -18.875 1.00 30.07 ? 59  GLU A CG  1 
ATOM   455  C CD  . GLU A 1 59 ? 7.995   -9.105  -17.535 1.00 34.78 ? 59  GLU A CD  1 
ATOM   456  O OE1 . GLU A 1 59 ? 8.881   -9.137  -16.646 1.00 37.30 ? 59  GLU A OE1 1 
ATOM   457  O OE2 . GLU A 1 59 ? 6.850   -9.544  -17.383 1.00 31.75 ? 59  GLU A OE2 1 
ATOM   458  N N   . TYR A 1 60 ? 8.864   -4.811  -16.383 1.00 28.48 ? 60  TYR A N   1 
ATOM   459  C CA  . TYR A 1 60 ? 9.713   -3.778  -15.811 1.00 29.50 ? 60  TYR A CA  1 
ATOM   460  C C   . TYR A 1 60 ? 11.175  -4.192  -15.933 1.00 28.51 ? 60  TYR A C   1 
ATOM   461  O O   . TYR A 1 60 ? 11.555  -5.288  -15.506 1.00 27.90 ? 60  TYR A O   1 
ATOM   462  C CB  . TYR A 1 60 ? 9.365   -3.521  -14.343 1.00 27.60 ? 60  TYR A CB  1 
ATOM   463  C CG  . TYR A 1 60 ? 10.261  -2.489  -13.714 1.00 28.41 ? 60  TYR A CG  1 
ATOM   464  C CD1 . TYR A 1 60 ? 11.429  -2.861  -13.060 1.00 27.16 ? 60  TYR A CD1 1 
ATOM   465  C CD2 . TYR A 1 60 ? 9.953   -1.133  -13.800 1.00 28.75 ? 60  TYR A CD2 1 
ATOM   466  C CE1 . TYR A 1 60 ? 12.254  -1.924  -12.503 1.00 28.92 ? 60  TYR A CE1 1 
ATOM   467  C CE2 . TYR A 1 60 ? 10.777  -0.188  -13.236 1.00 28.99 ? 60  TYR A CE2 1 
ATOM   468  C CZ  . TYR A 1 60 ? 11.923  -0.586  -12.593 1.00 25.50 ? 60  TYR A CZ  1 
ATOM   469  O OH  . TYR A 1 60 ? 12.753  0.343   -12.027 1.00 33.16 ? 60  TYR A OH  1 
ATOM   470  N N   . THR A 1 61 ? 12.004  -3.299  -16.486 1.00 30.09 ? 61  THR A N   1 
ATOM   471  C CA  . THR A 1 61 ? 13.426  -3.573  -16.664 1.00 34.40 ? 61  THR A CA  1 
ATOM   472  C C   . THR A 1 61 ? 14.355  -2.611  -15.933 1.00 35.34 ? 61  THR A C   1 
ATOM   473  O O   . THR A 1 61 ? 15.549  -2.916  -15.808 1.00 41.79 ? 61  THR A O   1 
ATOM   474  C CB  . THR A 1 61 ? 13.796  -3.550  -18.155 1.00 34.53 ? 61  THR A CB  1 
ATOM   475  O OG1 . THR A 1 61 ? 13.404  -2.292  -18.719 1.00 33.35 ? 61  THR A OG1 1 
ATOM   476  C CG2 . THR A 1 61 ? 13.093  -4.670  -18.899 1.00 35.12 ? 61  THR A CG2 1 
ATOM   477  N N   . GLY A 1 62 ? 13.862  -1.471  -15.457 1.00 28.60 ? 62  GLY A N   1 
ATOM   478  C CA  . GLY A 1 62 ? 14.718  -0.422  -14.952 1.00 30.61 ? 62  GLY A CA  1 
ATOM   479  C C   . GLY A 1 62 ? 15.264  0.494   -16.023 1.00 32.32 ? 62  GLY A C   1 
ATOM   480  O O   . GLY A 1 62 ? 15.747  1.587   -15.694 1.00 35.05 ? 62  GLY A O   1 
ATOM   481  N N   . ASP A 1 63 ? 15.189  0.089   -17.291 1.00 33.96 ? 63  ASP A N   1 
ATOM   482  C CA  . ASP A 1 63 ? 15.575  0.890   -18.445 1.00 34.75 ? 63  ASP A CA  1 
ATOM   483  C C   . ASP A 1 63 ? 14.347  1.480   -19.124 1.00 33.95 ? 63  ASP A C   1 
ATOM   484  O O   . ASP A 1 63 ? 13.216  1.033   -18.922 1.00 34.56 ? 63  ASP A O   1 
ATOM   485  C CB  . ASP A 1 63 ? 16.339  0.046   -19.468 1.00 34.36 ? 63  ASP A CB  1 
ATOM   486  C CG  . ASP A 1 63 ? 17.519  -0.657  -18.876 1.00 34.24 ? 63  ASP A CG  1 
ATOM   487  O OD1 . ASP A 1 63 ? 18.049  -0.162  -17.860 1.00 38.75 ? 63  ASP A OD1 1 
ATOM   488  O OD2 . ASP A 1 63 ? 17.918  -1.695  -19.435 1.00 35.80 ? 63  ASP A OD2 1 
ATOM   489  N N   . GLY A 1 64 ? 14.590  2.462   -19.987 1.00 31.74 ? 64  GLY A N   1 
ATOM   490  C CA  . GLY A 1 64 ? 13.514  3.120   -20.710 1.00 30.84 ? 64  GLY A CA  1 
ATOM   491  C C   . GLY A 1 64 ? 14.028  3.912   -21.896 1.00 34.22 ? 64  GLY A C   1 
ATOM   492  O O   . GLY A 1 64 ? 15.241  4.110   -21.995 1.00 30.83 ? 64  GLY A O   1 
ATOM   493  N N   . PRO B 1 1  ? 0.485   -1.356  -10.617 1.00 20.83 ? 1   PRO B N   1 
ATOM   494  C CA  . PRO B 1 1  ? 0.424   -2.286  -9.480  1.00 20.50 ? 1   PRO B CA  1 
ATOM   495  C C   . PRO B 1 1  ? -0.870  -2.121  -8.719  1.00 19.90 ? 1   PRO B C   1 
ATOM   496  O O   . PRO B 1 1  ? -1.531  -1.090  -8.854  1.00 20.10 ? 1   PRO B O   1 
ATOM   497  C CB  . PRO B 1 1  ? 1.605   -1.861  -8.606  1.00 19.95 ? 1   PRO B CB  1 
ATOM   498  C CG  . PRO B 1 1  ? 1.783   -0.398  -8.935  1.00 21.52 ? 1   PRO B CG  1 
ATOM   499  C CD  . PRO B 1 1  ? 1.537   -0.340  -10.422 1.00 21.77 ? 1   PRO B CD  1 
ATOM   500  N N   . VAL B 1 2  ? -1.226  -3.118  -7.911  1.00 18.20 ? 2   VAL B N   1 
ATOM   501  C CA  . VAL B 1 2  ? -2.394  -3.042  -7.040  1.00 17.72 ? 2   VAL B CA  1 
ATOM   502  C C   . VAL B 1 2  ? -1.895  -2.894  -5.609  1.00 17.56 ? 2   VAL B C   1 
ATOM   503  O O   . VAL B 1 2  ? -1.062  -3.689  -5.157  1.00 17.87 ? 2   VAL B O   1 
ATOM   504  C CB  . VAL B 1 2  ? -3.287  -4.290  -7.180  1.00 19.65 ? 2   VAL B CB  1 
ATOM   505  C CG1 . VAL B 1 2  ? -4.497  -4.205  -6.230  1.00 19.00 ? 2   VAL B CG1 1 
ATOM   506  C CG2 . VAL B 1 2  ? -3.747  -4.477  -8.619  1.00 20.92 ? 2   VAL B CG2 1 
ATOM   507  N N   . ILE B 1 3  ? -2.389  -1.880  -4.897  1.00 17.37 ? 3   ILE B N   1 
ATOM   508  C CA  . ILE B 1 3  ? -2.034  -1.678  -3.490  1.00 17.04 ? 3   ILE B CA  1 
ATOM   509  C C   . ILE B 1 3  ? -3.317  -1.796  -2.673  1.00 17.78 ? 3   ILE B C   1 
ATOM   510  O O   . ILE B 1 3  ? -4.190  -0.927  -2.766  1.00 19.59 ? 3   ILE B O   1 
ATOM   511  C CB  . ILE B 1 3  ? -1.360  -0.321  -3.237  1.00 19.82 ? 3   ILE B CB  1 
ATOM   512  C CG1 . ILE B 1 3  ? -0.287  -0.001  -4.299  1.00 19.39 ? 3   ILE B CG1 1 
ATOM   513  C CG2 . ILE B 1 3  ? -0.797  -0.285  -1.816  1.00 18.59 ? 3   ILE B CG2 1 
ATOM   514  C CD1 . ILE B 1 3  ? 0.940   -0.935  -4.281  1.00 19.86 ? 3   ILE B CD1 1 
ATOM   515  N N   . GLN B 1 4  ? -3.441  -2.861  -1.881  1.00 17.11 ? 4   GLN B N   1 
ATOM   516  C CA  . GLN B 1 4  ? -4.624  -3.079  -1.054  1.00 17.95 ? 4   GLN B CA  1 
ATOM   517  C C   . GLN B 1 4  ? -4.326  -2.644  0.369   1.00 17.20 ? 4   GLN B C   1 
ATOM   518  O O   . GLN B 1 4  ? -3.320  -3.065  0.951   1.00 17.67 ? 4   GLN B O   1 
ATOM   519  C CB  . GLN B 1 4  ? -5.054  -4.545  -1.058  1.00 16.96 ? 4   GLN B CB  1 
ATOM   520  C CG  . GLN B 1 4  ? -5.559  -5.032  -2.410  1.00 16.95 ? 4   GLN B CG  1 
ATOM   521  C CD  . GLN B 1 4  ? -5.750  -6.523  -2.435  1.00 18.37 ? 4   GLN B CD  1 
ATOM   522  O OE1 . GLN B 1 4  ? -6.816  -7.032  -2.049  1.00 18.25 ? 4   GLN B OE1 1 
ATOM   523  N NE2 . GLN B 1 4  ? -4.717  -7.249  -2.864  1.00 19.97 ? 4   GLN B NE2 1 
ATOM   524  N N   . CYS B 1 5  ? -5.206  -1.818  0.929   1.00 15.91 ? 5   CYS B N   1 
ATOM   525  C CA  . CYS B 1 5  ? -5.010  -1.232  2.254   1.00 17.19 ? 5   CYS B CA  1 
ATOM   526  C C   . CYS B 1 5  ? -6.166  -1.663  3.135   1.00 16.19 ? 5   CYS B C   1 
ATOM   527  O O   . CYS B 1 5  ? -7.265  -1.121  3.010   1.00 16.80 ? 5   CYS B O   1 
ATOM   528  C CB  . CYS B 1 5  ? -4.951  0.285   2.178   1.00 18.12 ? 5   CYS B CB  1 
ATOM   529  S SG  . CYS B 1 5  ? -3.752  0.883   0.991   1.00 19.77 ? 5   CYS B SG  1 
ATOM   530  N N   . ASP B 1 6  ? -5.926  -2.621  4.028   1.00 16.25 ? 6   ASP B N   1 
ATOM   531  C CA  . ASP B 1 6  ? -6.928  -3.051  5.000   1.00 16.96 ? 6   ASP B CA  1 
ATOM   532  C C   . ASP B 1 6  ? -6.649  -2.292  6.289   1.00 17.95 ? 6   ASP B C   1 
ATOM   533  O O   . ASP B 1 6  ? -5.701  -2.614  7.016   1.00 16.78 ? 6   ASP B O   1 
ATOM   534  C CB  . ASP B 1 6  ? -6.864  -4.557  5.224   1.00 17.13 ? 6   ASP B CB  1 
ATOM   535  C CG  . ASP B 1 6  ? -7.489  -5.343  4.079   1.00 17.38 ? 6   ASP B CG  1 
ATOM   536  O OD1 . ASP B 1 6  ? -8.730  -5.496  4.083   1.00 17.81 ? 6   ASP B OD1 1 
ATOM   537  O OD2 . ASP B 1 6  ? -6.723  -5.822  3.213   1.00 18.22 ? 6   ASP B OD2 1 
ATOM   538  N N   . ILE B 1 7  ? -7.475  -1.282  6.560   1.00 18.83 ? 7   ILE B N   1 
ATOM   539  C CA  . ILE B 1 7  ? -7.261  -0.372  7.676   1.00 17.86 ? 7   ILE B CA  1 
ATOM   540  C C   . ILE B 1 7  ? -8.460  -0.446  8.610   1.00 19.59 ? 7   ILE B C   1 
ATOM   541  O O   . ILE B 1 7  ? -9.537  -0.937  8.257   1.00 19.11 ? 7   ILE B O   1 
ATOM   542  C CB  . ILE B 1 7  ? -7.027  1.078   7.192   1.00 17.86 ? 7   ILE B CB  1 
ATOM   543  C CG1 . ILE B 1 7  ? -8.326  1.674   6.629   1.00 18.70 ? 7   ILE B CG1 1 
ATOM   544  C CG2 . ILE B 1 7  ? -5.916  1.105   6.142   1.00 18.24 ? 7   ILE B CG2 1 
ATOM   545  C CD1 . ILE B 1 7  ? -8.229  3.169   6.228   1.00 19.17 ? 7   ILE B CD1 1 
ATOM   546  N N   . ARG B 1 8  ? -8.268  0.056   9.826   1.00 19.02 ? 8   ARG B N   1 
ATOM   547  C CA  . ARG B 1 8  ? -9.380  0.110   10.765  1.00 17.63 ? 8   ARG B CA  1 
ATOM   548  C C   . ARG B 1 8  ? -10.317 1.269   10.409  1.00 19.52 ? 8   ARG B C   1 
ATOM   549  O O   . ARG B 1 8  ? -9.881  2.326   9.946   1.00 21.77 ? 8   ARG B O   1 
ATOM   550  C CB  . ARG B 1 8  ? -8.862  0.252   12.199  1.00 19.90 ? 8   ARG B CB  1 
ATOM   551  C CG  . ARG B 1 8  ? -8.351  -1.056  12.811  1.00 20.19 ? 8   ARG B CG  1 
ATOM   552  C CD  . ARG B 1 8  ? -7.600  -0.800  14.127  1.00 24.69 ? 8   ARG B CD  1 
ATOM   553  N NE  . ARG B 1 8  ? -6.411  0.004   13.862  1.00 23.31 ? 8   ARG B NE  1 
ATOM   554  C CZ  . ARG B 1 8  ? -5.966  0.997   14.626  1.00 25.61 ? 8   ARG B CZ  1 
ATOM   555  N NH1 . ARG B 1 8  ? -6.591  1.323   15.751  1.00 26.88 ? 8   ARG B NH1 1 
ATOM   556  N NH2 . ARG B 1 8  ? -4.889  1.669   14.249  1.00 25.09 ? 8   ARG B NH2 1 
ATOM   557  N N   . GLN B 1 9  ? -11.609 1.035   10.593  1.00 19.99 ? 9   GLN B N   1 
ATOM   558  C CA  . GLN B 1 9  ? -12.636 2.045   10.377  1.00 21.35 ? 9   GLN B CA  1 
ATOM   559  C C   . GLN B 1 9  ? -12.417 3.245   11.303  1.00 22.76 ? 9   GLN B C   1 
ATOM   560  O O   . GLN B 1 9  ? -11.727 3.163   12.320  1.00 22.09 ? 9   GLN B O   1 
ATOM   561  C CB  . GLN B 1 9  ? -14.014 1.435   10.637  1.00 23.26 ? 9   GLN B CB  1 
ATOM   562  C CG  . GLN B 1 9  ? -14.204 1.012   12.108  1.00 22.54 ? 9   GLN B CG  1 
ATOM   563  C CD  . GLN B 1 9  ? -15.460 0.173   12.349  1.00 25.53 ? 9   GLN B CD  1 
ATOM   564  O OE1 . GLN B 1 9  ? -16.177 -0.177  11.411  1.00 30.47 ? 9   GLN B OE1 1 
ATOM   565  N NE2 . GLN B 1 9  ? -15.725 -0.147  13.614  1.00 26.51 ? 9   GLN B NE2 1 
ATOM   566  N N   . GLY B 1 10 ? -13.010 4.378   10.929  1.00 22.00 ? 10  GLY B N   1 
ATOM   567  C CA  . GLY B 1 10 ? -13.017 5.556   11.800  1.00 25.30 ? 10  GLY B CA  1 
ATOM   568  C C   . GLY B 1 10 ? -12.266 6.768   11.279  1.00 24.67 ? 10  GLY B C   1 
ATOM   569  O O   . GLY B 1 10 ? -12.289 7.819   11.944  1.00 25.43 ? 10  GLY B O   1 
ATOM   570  N N   . ARG B 1 11 ? -11.580 6.677   10.146  1.00 23.08 ? 11  ARG B N   1 
ATOM   571  C CA  . ARG B 1 11 ? -10.926 7.826   9.545   1.00 23.67 ? 11  ARG B CA  1 
ATOM   572  C C   . ARG B 1 11 ? -11.918 8.622   8.701   1.00 23.63 ? 11  ARG B C   1 
ATOM   573  O O   . ARG B 1 11 ? -12.927 8.103   8.216   1.00 24.41 ? 11  ARG B O   1 
ATOM   574  C CB  . ARG B 1 11 ? -9.743  7.385   8.673   1.00 22.50 ? 11  ARG B CB  1 
ATOM   575  C CG  . ARG B 1 11 ? -8.439  7.173   9.435   1.00 24.17 ? 11  ARG B CG  1 
ATOM   576  C CD  . ARG B 1 11 ? -8.404  5.835   10.140  1.00 22.82 ? 11  ARG B CD  1 
ATOM   577  N NE  . ARG B 1 11 ? -7.116  5.651   10.810  1.00 21.82 ? 11  ARG B NE  1 
ATOM   578  C CZ  . ARG B 1 11 ? -6.612  4.478   11.163  1.00 22.91 ? 11  ARG B CZ  1 
ATOM   579  N NH1 . ARG B 1 11 ? -7.294  3.356   10.913  1.00 23.19 ? 11  ARG B NH1 1 
ATOM   580  N NH2 . ARG B 1 11 ? -5.423  4.422   11.749  1.00 22.68 ? 11  ARG B NH2 1 
ATOM   581  N N   . THR B 1 12 ? -11.615 9.905   8.521   1.00 26.19 ? 12  THR B N   1 
ATOM   582  C CA  . THR B 1 12 ? -12.419 10.726  7.635   1.00 27.13 ? 12  THR B CA  1 
ATOM   583  C C   . THR B 1 12 ? -12.120 10.399  6.175   1.00 27.44 ? 12  THR B C   1 
ATOM   584  O O   . THR B 1 12 ? -11.088 9.807   5.838   1.00 24.00 ? 12  THR B O   1 
ATOM   585  C CB  . THR B 1 12 ? -12.157 12.211  7.886   1.00 25.50 ? 12  THR B CB  1 
ATOM   586  O OG1 . THR B 1 12 ? -10.837 12.548  7.435   1.00 27.41 ? 12  THR B OG1 1 
ATOM   587  C CG2 . THR B 1 12 ? -12.296 12.530  9.376   1.00 26.96 ? 12  THR B CG2 1 
ATOM   588  N N   . ALA B 1 13 ? -13.037 10.819  5.298   1.00 25.90 ? 13  ALA B N   1 
ATOM   589  C CA  . ALA B 1 13 ? -12.806 10.699  3.861   1.00 26.18 ? 13  ALA B CA  1 
ATOM   590  C C   . ALA B 1 13 ? -11.507 11.375  3.451   1.00 27.47 ? 13  ALA B C   1 
ATOM   591  O O   . ALA B 1 13 ? -10.769 10.856  2.606   1.00 24.55 ? 13  ALA B O   1 
ATOM   592  C CB  . ALA B 1 13 ? -13.978 11.301  3.086   1.00 29.30 ? 13  ALA B CB  1 
ATOM   593  N N   . GLU B 1 14 ? -11.193 12.525  4.062   1.00 28.59 ? 14  GLU B N   1 
ATOM   594  C CA  . GLU B 1 14 ? -9.991  13.260  3.694   1.00 27.07 ? 14  GLU B CA  1 
ATOM   595  C C   . GLU B 1 14 ? -8.727  12.507  4.100   1.00 25.11 ? 14  GLU B C   1 
ATOM   596  O O   . GLU B 1 14 ? -7.734  12.513  3.363   1.00 25.12 ? 14  GLU B O   1 
ATOM   597  C CB  . GLU B 1 14 ? -10.020 14.651  4.331   1.00 31.32 ? 14  GLU B CB  1 
ATOM   598  C CG  . GLU B 1 14 ? -11.057 15.591  3.725   1.00 35.99 ? 14  GLU B CG  1 
ATOM   599  C CD  . GLU B 1 14 ? -12.494 15.280  4.147   1.00 38.81 ? 14  GLU B CD  1 
ATOM   600  O OE1 . GLU B 1 14 ? -13.423 15.696  3.416   1.00 45.44 ? 14  GLU B OE1 1 
ATOM   601  O OE2 . GLU B 1 14 ? -12.704 14.628  5.196   1.00 34.39 ? 14  GLU B OE2 1 
ATOM   602  N N   . GLN B 1 15 ? -8.740  11.867  5.273   1.00 24.10 ? 15  GLN B N   1 
ATOM   603  C CA  . GLN B 1 15 ? -7.582  11.088  5.706   1.00 24.00 ? 15  GLN B CA  1 
ATOM   604  C C   . GLN B 1 15 ? -7.329  9.923   4.755   1.00 24.91 ? 15  GLN B C   1 
ATOM   605  O O   . GLN B 1 15 ? -6.182  9.650   4.383   1.00 24.34 ? 15  GLN B O   1 
ATOM   606  C CB  . GLN B 1 15 ? -7.790  10.555  7.124   1.00 25.33 ? 15  GLN B CB  1 
ATOM   607  C CG  . GLN B 1 15 ? -7.716  11.575  8.254   1.00 27.39 ? 15  GLN B CG  1 
ATOM   608  C CD  . GLN B 1 15 ? -7.995  10.919  9.585   1.00 26.55 ? 15  GLN B CD  1 
ATOM   609  O OE1 . GLN B 1 15 ? -9.127  10.522  9.859   1.00 27.43 ? 15  GLN B OE1 1 
ATOM   610  N NE2 . GLN B 1 15 ? -6.954  10.754  10.405  1.00 30.23 ? 15  GLN B NE2 1 
ATOM   611  N N   . LYS B 1 16 ? -8.396  9.229   4.350   1.00 24.09 ? 16  LYS B N   1 
ATOM   612  C CA  . LYS B 1 16 ? -8.239  8.086   3.456   1.00 23.97 ? 16  LYS B CA  1 
ATOM   613  C C   . LYS B 1 16 ? -7.744  8.522   2.083   1.00 24.30 ? 16  LYS B C   1 
ATOM   614  O O   . LYS B 1 16 ? -6.880  7.864   1.488   1.00 23.08 ? 16  LYS B O   1 
ATOM   615  C CB  . LYS B 1 16 ? -9.561  7.324   3.354   1.00 23.53 ? 16  LYS B CB  1 
ATOM   616  C CG  . LYS B 1 16 ? -9.916  6.617   4.663   1.00 23.31 ? 16  LYS B CG  1 
ATOM   617  C CD  . LYS B 1 16 ? -11.191 5.800   4.560   1.00 23.54 ? 16  LYS B CD  1 
ATOM   618  C CE  . LYS B 1 16 ? -12.430 6.674   4.585   1.00 26.31 ? 16  LYS B CE  1 
ATOM   619  N NZ  . LYS B 1 16 ? -13.651 5.821   4.587   1.00 22.42 ? 16  LYS B NZ  1 
ATOM   620  N N   . GLN B 1 17 ? -8.256  9.646   1.571   1.00 25.38 ? 17  GLN B N   1 
ATOM   621  C CA  . GLN B 1 17 ? -7.778  10.133  0.283   1.00 23.30 ? 17  GLN B CA  1 
ATOM   622  C C   . GLN B 1 17 ? -6.329  10.594  0.367   1.00 23.53 ? 17  GLN B C   1 
ATOM   623  O O   . GLN B 1 17 ? -5.539  10.344  -0.554  1.00 23.61 ? 17  GLN B O   1 
ATOM   624  C CB  . GLN B 1 17 ? -8.682  11.261  -0.226  1.00 27.28 ? 17  GLN B CB  1 
ATOM   625  C CG  . GLN B 1 17 ? -8.257  11.828  -1.586  1.00 27.57 ? 17  GLN B CG  1 
ATOM   626  C CD  . GLN B 1 17 ? -8.184  10.777  -2.688  1.00 33.38 ? 17  GLN B CD  1 
ATOM   627  O OE1 . GLN B 1 17 ? -8.731  9.678   -2.560  1.00 34.49 ? 17  GLN B OE1 1 
ATOM   628  N NE2 . GLN B 1 17 ? -7.506  11.110  -3.781  1.00 32.97 ? 17  GLN B NE2 1 
ATOM   629  N N   . ALA B 1 18 ? -5.960  11.271  1.465   1.00 24.38 ? 18  ALA B N   1 
ATOM   630  C CA  . ALA B 1 18 ? -4.565  11.637  1.675   1.00 23.15 ? 18  ALA B CA  1 
ATOM   631  C C   . ALA B 1 18 ? -3.674  10.404  1.687   1.00 23.70 ? 18  ALA B C   1 
ATOM   632  O O   . ALA B 1 18 ? -2.587  10.412  1.099   1.00 23.58 ? 18  ALA B O   1 
ATOM   633  C CB  . ALA B 1 18 ? -4.413  12.420  2.983   1.00 25.03 ? 18  ALA B CB  1 
ATOM   634  N N   . MET B 1 19 ? -4.121  9.336   2.354   1.00 21.59 ? 19  MET B N   1 
ATOM   635  C CA  . MET B 1 19 ? -3.369  8.086   2.352   1.00 20.40 ? 19  MET B CA  1 
ATOM   636  C C   . MET B 1 19 ? -3.201  7.544   0.937   1.00 20.85 ? 19  MET B C   1 
ATOM   637  O O   . MET B 1 19 ? -2.096  7.160   0.539   1.00 22.23 ? 19  MET B O   1 
ATOM   638  C CB  . MET B 1 19 ? -4.055  7.045   3.243   1.00 21.60 ? 19  MET B CB  1 
ATOM   639  C CG  . MET B 1 19 ? -3.255  5.733   3.333   1.00 20.85 ? 19  MET B CG  1 
ATOM   640  S SD  . MET B 1 19 ? -4.124  4.395   4.176   1.00 21.00 ? 19  MET B SD  1 
ATOM   641  C CE  . MET B 1 19 ? -5.375  3.989   2.968   1.00 21.32 ? 19  MET B CE  1 
ATOM   642  N N   . ALA B 1 20 ? -4.290  7.494   0.168   1.00 21.76 ? 20  ALA B N   1 
ATOM   643  C CA  . ALA B 1 20 ? -4.205  6.920   -1.172  1.00 20.61 ? 20  ALA B CA  1 
ATOM   644  C C   . ALA B 1 20 ? -3.289  7.745   -2.067  1.00 23.22 ? 20  ALA B C   1 
ATOM   645  O O   . ALA B 1 20 ? -2.532  7.192   -2.869  1.00 21.67 ? 20  ALA B O   1 
ATOM   646  C CB  . ALA B 1 20 ? -5.599  6.806   -1.791  1.00 20.89 ? 20  ALA B CB  1 
ATOM   647  N N   . GLU B 1 21 ? -3.344  9.073   -1.943  1.00 24.08 ? 21  GLU B N   1 
ATOM   648  C CA  . GLU B 1 21 ? -2.458  9.911   -2.749  1.00 24.36 ? 21  GLU B CA  1 
ATOM   649  C C   . GLU B 1 21 ? -1.001  9.759   -2.327  1.00 24.42 ? 21  GLU B C   1 
ATOM   650  O O   . GLU B 1 21 ? -0.107  9.710   -3.180  1.00 24.94 ? 21  GLU B O   1 
ATOM   651  C CB  . GLU B 1 21 ? -2.917  11.371  -2.666  1.00 25.89 ? 21  GLU B CB  1 
ATOM   652  C CG  . GLU B 1 21 ? -4.239  11.598  -3.377  1.00 27.62 ? 21  GLU B CG  1 
ATOM   653  C CD  . GLU B 1 21 ? -4.837  12.974  -3.119  1.00 33.34 ? 21  GLU B CD  1 
ATOM   654  O OE1 . GLU B 1 21 ? -4.302  13.706  -2.262  1.00 39.09 ? 21  GLU B OE1 1 
ATOM   655  O OE2 . GLU B 1 21 ? -5.854  13.307  -3.759  1.00 31.38 ? 21  GLU B OE2 1 
ATOM   656  N N   . ALA B 1 22 ? -0.738  9.680   -1.018  1.00 22.95 ? 22  ALA B N   1 
ATOM   657  C CA  . ALA B 1 22 ? 0.636   9.510   -0.548  1.00 21.78 ? 22  ALA B CA  1 
ATOM   658  C C   . ALA B 1 22 ? 1.199   8.153   -0.955  1.00 24.31 ? 22  ALA B C   1 
ATOM   659  O O   . ALA B 1 22 ? 2.380   8.046   -1.311  1.00 24.65 ? 22  ALA B O   1 
ATOM   660  C CB  . ALA B 1 22 ? 0.697   9.692   0.971   1.00 23.48 ? 22  ALA B CB  1 
ATOM   661  N N   . ILE B 1 23 ? 0.371   7.105   -0.913  1.00 21.86 ? 23  ILE B N   1 
ATOM   662  C CA  . ILE B 1 23 ? 0.827   5.788   -1.357  1.00 22.43 ? 23  ILE B CA  1 
ATOM   663  C C   . ILE B 1 23 ? 1.108   5.795   -2.855  1.00 22.29 ? 23  ILE B C   1 
ATOM   664  O O   . ILE B 1 23 ? 2.101   5.217   -3.319  1.00 23.82 ? 23  ILE B O   1 
ATOM   665  C CB  . ILE B 1 23 ? -0.209  4.714   -0.974  1.00 20.78 ? 23  ILE B CB  1 
ATOM   666  C CG1 . ILE B 1 23 ? -0.147  4.440   0.521   1.00 22.33 ? 23  ILE B CG1 1 
ATOM   667  C CG2 . ILE B 1 23 ? 0.031   3.413   -1.769  1.00 19.61 ? 23  ILE B CG2 1 
ATOM   668  C CD1 . ILE B 1 23 ? -1.243  3.481   0.998   1.00 20.96 ? 23  ILE B CD1 1 
ATOM   669  N N   . THR B 1 24 ? 0.244   6.448   -3.632  1.00 20.15 ? 24  THR B N   1 
ATOM   670  C CA  . THR B 1 24 ? 0.450   6.539   -5.072  1.00 22.06 ? 24  THR B CA  1 
ATOM   671  C C   . THR B 1 24 ? 1.777   7.218   -5.385  1.00 24.15 ? 24  THR B C   1 
ATOM   672  O O   . THR B 1 24 ? 2.567   6.715   -6.190  1.00 24.30 ? 24  THR B O   1 
ATOM   673  C CB  . THR B 1 24 ? -0.716  7.288   -5.719  1.00 22.77 ? 24  THR B CB  1 
ATOM   674  O OG1 . THR B 1 24 ? -1.936  6.575   -5.466  1.00 23.30 ? 24  THR B OG1 1 
ATOM   675  C CG2 . THR B 1 24 ? -0.527  7.413   -7.234  1.00 22.53 ? 24  THR B CG2 1 
ATOM   676  N N   . ARG B 1 25 ? 2.046   8.356   -4.738  1.00 24.16 ? 25  ARG B N   1 
ATOM   677  C CA  . ARG B 1 25 ? 3.333   9.023   -4.927  1.00 26.11 ? 25  ARG B CA  1 
ATOM   678  C C   . ARG B 1 25 ? 4.488   8.130   -4.490  1.00 27.24 ? 25  ARG B C   1 
ATOM   679  O O   . ARG B 1 25 ? 5.498   8.011   -5.194  1.00 26.13 ? 25  ARG B O   1 
ATOM   680  C CB  . ARG B 1 25 ? 3.360   10.345  -4.158  1.00 29.58 ? 25  ARG B CB  1 
ATOM   681  C CG  . ARG B 1 25 ? 2.427   11.404  -4.713  1.00 32.53 ? 25  ARG B CG  1 
ATOM   682  C CD  . ARG B 1 25 ? 2.722   12.765  -4.085  1.00 36.01 ? 25  ARG B CD  1 
ATOM   683  N NE  . ARG B 1 25 ? 2.594   12.742  -2.627  1.00 36.12 ? 25  ARG B NE  1 
ATOM   684  C CZ  . ARG B 1 25 ? 1.462   12.975  -1.966  1.00 31.74 ? 25  ARG B CZ  1 
ATOM   685  N NH1 . ARG B 1 25 ? 0.343   13.258  -2.621  1.00 33.15 ? 25  ARG B NH1 1 
ATOM   686  N NH2 . ARG B 1 25 ? 1.452   12.934  -0.639  1.00 34.33 ? 25  ARG B NH2 1 
ATOM   687  N N   . ALA B 1 26 ? 4.357   7.496   -3.319  1.00 24.73 ? 26  ALA B N   1 
ATOM   688  C CA  . ALA B 1 26 ? 5.436   6.669   -2.788  1.00 24.01 ? 26  ALA B CA  1 
ATOM   689  C C   . ALA B 1 26 ? 5.785   5.534   -3.740  1.00 25.28 ? 26  ALA B C   1 
ATOM   690  O O   . ALA B 1 26 ? 6.965   5.254   -3.981  1.00 23.65 ? 26  ALA B O   1 
ATOM   691  C CB  . ALA B 1 26 ? 5.048   6.108   -1.420  1.00 26.85 ? 26  ALA B CB  1 
ATOM   692  N N   . VAL B 1 27 ? 4.769   4.875   -4.296  1.00 23.10 ? 27  VAL B N   1 
ATOM   693  C CA  . VAL B 1 27 ? 5.005   3.771   -5.220  1.00 21.32 ? 27  VAL B CA  1 
ATOM   694  C C   . VAL B 1 27 ? 5.652   4.279   -6.504  1.00 24.98 ? 27  VAL B C   1 
ATOM   695  O O   . VAL B 1 27 ? 6.649   3.722   -6.979  1.00 25.13 ? 27  VAL B O   1 
ATOM   696  C CB  . VAL B 1 27 ? 3.683   3.032   -5.500  1.00 22.93 ? 27  VAL B CB  1 
ATOM   697  C CG1 . VAL B 1 27 ? 3.837   2.060   -6.668  1.00 20.54 ? 27  VAL B CG1 1 
ATOM   698  C CG2 . VAL B 1 27 ? 3.232   2.310   -4.240  1.00 22.57 ? 27  VAL B CG2 1 
ATOM   699  N N   . HIS B 1 28 ? 5.091   5.345   -7.076  1.00 24.42 ? 28  HIS B N   1 
ATOM   700  C CA  . HIS B 1 28 ? 5.645   5.944   -8.288  1.00 25.79 ? 28  HIS B CA  1 
ATOM   701  C C   . HIS B 1 28 ? 7.117   6.305   -8.105  1.00 27.60 ? 28  HIS B C   1 
ATOM   702  O O   . HIS B 1 28 ? 7.961   5.992   -8.953  1.00 28.83 ? 28  HIS B O   1 
ATOM   703  C CB  . HIS B 1 28 ? 4.816   7.180   -8.655  1.00 27.00 ? 28  HIS B CB  1 
ATOM   704  C CG  . HIS B 1 28 ? 5.370   7.978   -9.797  1.00 29.69 ? 28  HIS B CG  1 
ATOM   705  N ND1 . HIS B 1 28 ? 5.676   7.422   -11.020 1.00 32.01 ? 28  HIS B ND1 1 
ATOM   706  C CD2 . HIS B 1 28 ? 5.663   9.297   -9.901  1.00 30.68 ? 28  HIS B CD2 1 
ATOM   707  C CE1 . HIS B 1 28 ? 6.143   8.362   -11.826 1.00 32.08 ? 28  HIS B CE1 1 
ATOM   708  N NE2 . HIS B 1 28 ? 6.143   9.509   -11.171 1.00 33.91 ? 28  HIS B NE2 1 
ATOM   709  N N   . GLU B 1 29 ? 7.446   6.931   -6.978  1.00 26.44 ? 29  GLU B N   1 
ATOM   710  C CA  . GLU B 1 29 ? 8.797   7.455   -6.780  1.00 28.98 ? 29  GLU B CA  1 
ATOM   711  C C   . GLU B 1 29 ? 9.821   6.368   -6.461  1.00 31.22 ? 29  GLU B C   1 
ATOM   712  O O   . GLU B 1 29 ? 10.982  6.485   -6.876  1.00 32.06 ? 29  GLU B O   1 
ATOM   713  C CB  . GLU B 1 29 ? 8.779   8.516   -5.677  1.00 31.39 ? 29  GLU B CB  1 
ATOM   714  C CG  . GLU B 1 29 ? 8.065   9.796   -6.101  1.00 34.14 ? 29  GLU B CG  1 
ATOM   715  C CD  . GLU B 1 29 ? 7.813   10.755  -4.950  1.00 40.77 ? 29  GLU B CD  1 
ATOM   716  O OE1 . GLU B 1 29 ? 7.041   11.719  -5.144  1.00 46.30 ? 29  GLU B OE1 1 
ATOM   717  O OE2 . GLU B 1 29 ? 8.383   10.549  -3.855  1.00 45.01 ? 29  GLU B OE2 1 
ATOM   718  N N   . THR B 1 30 ? 9.429   5.305   -5.746  1.00 24.50 ? 30  THR B N   1 
ATOM   719  C CA  . THR B 1 30 ? 10.402  4.316   -5.286  1.00 24.64 ? 30  THR B CA  1 
ATOM   720  C C   . THR B 1 30 ? 10.647  3.190   -6.288  1.00 26.05 ? 30  THR B C   1 
ATOM   721  O O   . THR B 1 30 ? 11.781  2.717   -6.411  1.00 26.85 ? 30  THR B O   1 
ATOM   722  C CB  . THR B 1 30 ? 9.962   3.708   -3.952  1.00 25.81 ? 30  THR B CB  1 
ATOM   723  O OG1 . THR B 1 30 ? 8.622   3.209   -4.078  1.00 24.50 ? 30  THR B OG1 1 
ATOM   724  C CG2 . THR B 1 30 ? 10.018  4.753   -2.829  1.00 25.68 ? 30  THR B CG2 1 
ATOM   725  N N   . ILE B 1 31 ? 9.621   2.721   -7.003  1.00 23.85 ? 31  ILE B N   1 
ATOM   726  C CA  . ILE B 1 31 ? 9.796   1.610   -7.930  1.00 24.14 ? 31  ILE B CA  1 
ATOM   727  C C   . ILE B 1 31 ? 9.553   2.006   -9.378  1.00 23.30 ? 31  ILE B C   1 
ATOM   728  O O   . ILE B 1 31 ? 9.652   1.154   -10.266 1.00 25.53 ? 31  ILE B O   1 
ATOM   729  C CB  . ILE B 1 31 ? 8.923   0.393   -7.546  1.00 24.70 ? 31  ILE B CB  1 
ATOM   730  C CG1 . ILE B 1 31 ? 7.431   0.665   -7.745  1.00 23.11 ? 31  ILE B CG1 1 
ATOM   731  C CG2 . ILE B 1 31 ? 9.213   -0.045  -6.107  1.00 23.26 ? 31  ILE B CG2 1 
ATOM   732  C CD1 . ILE B 1 31 ? 6.595   -0.621  -7.652  1.00 22.17 ? 31  ILE B CD1 1 
ATOM   733  N N   . GLY B 1 32 ? 9.273   3.278   -9.649  1.00 25.15 ? 32  GLY B N   1 
ATOM   734  C CA  . GLY B 1 32 ? 9.149   3.728   -11.019 1.00 26.19 ? 32  GLY B CA  1 
ATOM   735  C C   . GLY B 1 32 ? 7.914   3.259   -11.750 1.00 29.64 ? 32  GLY B C   1 
ATOM   736  O O   . GLY B 1 32 ? 7.898   3.255   -12.981 1.00 30.65 ? 32  GLY B O   1 
ATOM   737  N N   . ALA B 1 33 ? 6.877   2.849   -11.036 1.00 24.22 ? 33  ALA B N   1 
ATOM   738  C CA  . ALA B 1 33 ? 5.635   2.509   -11.705 1.00 23.35 ? 33  ALA B CA  1 
ATOM   739  C C   . ALA B 1 33 ? 4.951   3.789   -12.170 1.00 25.57 ? 33  ALA B C   1 
ATOM   740  O O   . ALA B 1 33 ? 4.827   4.734   -11.383 1.00 26.49 ? 33  ALA B O   1 
ATOM   741  C CB  . ALA B 1 33 ? 4.709   1.734   -10.760 1.00 24.00 ? 33  ALA B CB  1 
ATOM   742  N N   . PRO B 1 34 ? 4.514   3.868   -13.426 1.00 25.48 ? 34  PRO B N   1 
ATOM   743  C CA  . PRO B 1 34 ? 3.747   5.040   -13.857 1.00 27.48 ? 34  PRO B CA  1 
ATOM   744  C C   . PRO B 1 34 ? 2.482   5.186   -13.026 1.00 28.75 ? 34  PRO B C   1 
ATOM   745  O O   . PRO B 1 34 ? 1.857   4.194   -12.641 1.00 25.95 ? 34  PRO B O   1 
ATOM   746  C CB  . PRO B 1 34 ? 3.425   4.753   -15.329 1.00 28.50 ? 34  PRO B CB  1 
ATOM   747  C CG  . PRO B 1 34 ? 3.871   3.379   -15.599 1.00 31.32 ? 34  PRO B CG  1 
ATOM   748  C CD  . PRO B 1 34 ? 4.766   2.911   -14.516 1.00 27.41 ? 34  PRO B CD  1 
ATOM   749  N N   . VAL B 1 35 ? 2.116   6.440   -12.745 1.00 26.45 ? 35  VAL B N   1 
ATOM   750  C CA  . VAL B 1 35 ? 0.909   6.705   -11.967 1.00 26.97 ? 35  VAL B CA  1 
ATOM   751  C C   . VAL B 1 35 ? -0.300  6.038   -12.615 1.00 27.90 ? 35  VAL B C   1 
ATOM   752  O O   . VAL B 1 35 ? -1.190  5.528   -11.922 1.00 25.63 ? 35  VAL B O   1 
ATOM   753  C CB  . VAL B 1 35 ? 0.703   8.223   -11.797 1.00 28.20 ? 35  VAL B CB  1 
ATOM   754  C CG1 . VAL B 1 35 ? -0.615  8.519   -11.091 1.00 25.35 ? 35  VAL B CG1 1 
ATOM   755  C CG2 . VAL B 1 35 ? 1.860   8.833   -11.032 1.00 27.80 ? 35  VAL B CG2 1 
ATOM   756  N N   . GLU B 1 36 ? -0.341  6.006   -13.952 1.00 27.22 ? 36  GLU B N   1 
ATOM   757  C CA  . GLU B 1 36 ? -1.477  5.422   -14.660 1.00 30.19 ? 36  GLU B CA  1 
ATOM   758  C C   . GLU B 1 36 ? -1.668  3.934   -14.362 1.00 28.35 ? 36  GLU B C   1 
ATOM   759  O O   . GLU B 1 36 ? -2.783  3.428   -14.527 1.00 27.67 ? 36  GLU B O   1 
ATOM   760  C CB  . GLU B 1 36 ? -1.321  5.624   -16.168 1.00 32.23 ? 36  GLU B CB  1 
ATOM   761  C CG  . GLU B 1 36 ? -1.783  6.998   -16.669 1.00 40.69 ? 36  GLU B CG  1 
ATOM   762  C CD  . GLU B 1 36 ? -3.280  7.250   -16.465 1.00 48.67 ? 36  GLU B CD  1 
ATOM   763  O OE1 . GLU B 1 36 ? -3.639  8.310   -15.902 1.00 51.48 ? 36  GLU B OE1 1 
ATOM   764  O OE2 . GLU B 1 36 ? -4.100  6.397   -16.872 1.00 49.60 ? 36  GLU B OE2 1 
ATOM   765  N N   . TYR B 1 37 ? -0.618  3.228   -13.941 1.00 25.37 ? 37  TYR B N   1 
ATOM   766  C CA  . TYR B 1 37 ? -0.716  1.807   -13.612 1.00 24.08 ? 37  TYR B CA  1 
ATOM   767  C C   . TYR B 1 37 ? -1.137  1.540   -12.171 1.00 21.98 ? 37  TYR B C   1 
ATOM   768  O O   . TYR B 1 37 ? -1.401  0.378   -11.834 1.00 22.49 ? 37  TYR B O   1 
ATOM   769  C CB  . TYR B 1 37 ? 0.624   1.089   -13.825 1.00 23.73 ? 37  TYR B CB  1 
ATOM   770  C CG  . TYR B 1 37 ? 1.122   0.978   -15.251 1.00 26.12 ? 37  TYR B CG  1 
ATOM   771  C CD1 . TYR B 1 37 ? 0.397   1.482   -16.323 1.00 24.58 ? 37  TYR B CD1 1 
ATOM   772  C CD2 . TYR B 1 37 ? 2.338   0.355   -15.509 1.00 26.60 ? 37  TYR B CD2 1 
ATOM   773  C CE1 . TYR B 1 37 ? 0.886   1.366   -17.635 1.00 27.74 ? 37  TYR B CE1 1 
ATOM   774  C CE2 . TYR B 1 37 ? 2.829   0.241   -16.796 1.00 27.99 ? 37  TYR B CE2 1 
ATOM   775  C CZ  . TYR B 1 37 ? 2.107   0.742   -17.851 1.00 30.41 ? 37  TYR B CZ  1 
ATOM   776  O OH  . TYR B 1 37 ? 2.633   0.607   -19.119 1.00 30.63 ? 37  TYR B OH  1 
ATOM   777  N N   . ILE B 1 38 ? -1.200  2.559   -11.323 1.00 22.36 ? 38  ILE B N   1 
ATOM   778  C CA  . ILE B 1 38 ? -1.345  2.361   -9.882  1.00 21.16 ? 38  ILE B CA  1 
ATOM   779  C C   . ILE B 1 38 ? -2.823  2.342   -9.521  1.00 22.92 ? 38  ILE B C   1 
ATOM   780  O O   . ILE B 1 38 ? -3.592  3.222   -9.932  1.00 23.26 ? 38  ILE B O   1 
ATOM   781  C CB  . ILE B 1 38 ? -0.589  3.449   -9.100  1.00 23.34 ? 38  ILE B CB  1 
ATOM   782  C CG1 . ILE B 1 38 ? 0.914   3.392   -9.442  1.00 21.42 ? 38  ILE B CG1 1 
ATOM   783  C CG2 . ILE B 1 38 ? -0.829  3.291   -7.596  1.00 23.34 ? 38  ILE B CG2 1 
ATOM   784  C CD1 . ILE B 1 38 ? 1.749   4.474   -8.742  1.00 24.65 ? 38  ILE B CD1 1 
ATOM   785  N N   . TYR B 1 39 ? -3.230  1.327   -8.759  1.00 20.36 ? 39  TYR B N   1 
ATOM   786  C CA  . TYR B 1 39 ? -4.615  1.172   -8.320  1.00 20.66 ? 39  TYR B CA  1 
ATOM   787  C C   . TYR B 1 39 ? -4.571  0.890   -6.826  1.00 18.97 ? 39  TYR B C   1 
ATOM   788  O O   . TYR B 1 39 ? -4.059  -0.156  -6.412  1.00 19.02 ? 39  TYR B O   1 
ATOM   789  C CB  . TYR B 1 39 ? -5.293  0.033   -9.088  1.00 18.56 ? 39  TYR B CB  1 
ATOM   790  C CG  . TYR B 1 39 ? -6.812  -0.037  -9.057  1.00 19.47 ? 39  TYR B CG  1 
ATOM   791  C CD1 . TYR B 1 39 ? -7.535  0.132   -7.873  1.00 18.31 ? 39  TYR B CD1 1 
ATOM   792  C CD2 . TYR B 1 39 ? -7.519  -0.339  -10.211 1.00 22.27 ? 39  TYR B CD2 1 
ATOM   793  C CE1 . TYR B 1 39 ? -8.931  0.022   -7.856  1.00 19.76 ? 39  TYR B CE1 1 
ATOM   794  C CE2 . TYR B 1 39 ? -8.913  -0.439  -10.201 1.00 22.78 ? 39  TYR B CE2 1 
ATOM   795  C CZ  . TYR B 1 39 ? -9.607  -0.258  -9.022  1.00 20.18 ? 39  TYR B CZ  1 
ATOM   796  O OH  . TYR B 1 39 ? -10.986 -0.381  -9.026  1.00 19.39 ? 39  TYR B OH  1 
ATOM   797  N N   . VAL B 1 40 ? -5.050  1.843   -6.022  1.00 19.76 ? 40  VAL B N   1 
ATOM   798  C CA  . VAL B 1 40 ? -5.104  1.704   -4.570  1.00 19.86 ? 40  VAL B CA  1 
ATOM   799  C C   . VAL B 1 40 ? -6.527  1.342   -4.190  1.00 19.07 ? 40  VAL B C   1 
ATOM   800  O O   . VAL B 1 40 ? -7.487  1.966   -4.664  1.00 20.91 ? 40  VAL B O   1 
ATOM   801  C CB  . VAL B 1 40 ? -4.655  2.994   -3.859  1.00 20.60 ? 40  VAL B CB  1 
ATOM   802  C CG1 . VAL B 1 40 ? -4.768  2.843   -2.332  1.00 21.25 ? 40  VAL B CG1 1 
ATOM   803  C CG2 . VAL B 1 40 ? -3.232  3.356   -4.259  1.00 23.57 ? 40  VAL B CG2 1 
ATOM   804  N N   . LEU B 1 41 ? -6.670  0.328   -3.343  1.00 17.08 ? 41  LEU B N   1 
ATOM   805  C CA  . LEU B 1 41 ? -7.970  -0.123  -2.883  1.00 17.68 ? 41  LEU B CA  1 
ATOM   806  C C   . LEU B 1 41 ? -7.971  -0.083  -1.362  1.00 18.44 ? 41  LEU B C   1 
ATOM   807  O O   . LEU B 1 41 ? -7.062  -0.629  -0.721  1.00 18.75 ? 41  LEU B O   1 
ATOM   808  C CB  . LEU B 1 41 ? -8.253  -1.532  -3.412  1.00 18.94 ? 41  LEU B CB  1 
ATOM   809  C CG  . LEU B 1 41 ? -9.553  -2.142  -2.938  1.00 21.97 ? 41  LEU B CG  1 
ATOM   810  C CD1 . LEU B 1 41 ? -10.725 -1.382  -3.551  1.00 24.30 ? 41  LEU B CD1 1 
ATOM   811  C CD2 . LEU B 1 41 ? -9.530  -3.573  -3.398  1.00 25.23 ? 41  LEU B CD2 1 
ATOM   812  N N   . ILE B 1 42 ? -8.969  0.590   -0.789  1.00 15.81 ? 42  ILE B N   1 
ATOM   813  C CA  . ILE B 1 42 ? -9.098  0.762   0.656   1.00 16.99 ? 42  ILE B CA  1 
ATOM   814  C C   . ILE B 1 42 ? -10.264 -0.074  1.167   1.00 17.72 ? 42  ILE B C   1 
ATOM   815  O O   . ILE B 1 42 ? -11.387 0.028   0.652   1.00 18.71 ? 42  ILE B O   1 
ATOM   816  C CB  . ILE B 1 42 ? -9.303  2.244   1.018   1.00 18.32 ? 42  ILE B CB  1 
ATOM   817  C CG1 . ILE B 1 42 ? -8.116  3.065   0.515   1.00 19.32 ? 42  ILE B CG1 1 
ATOM   818  C CG2 . ILE B 1 42 ? -9.485  2.422   2.509   1.00 19.24 ? 42  ILE B CG2 1 
ATOM   819  C CD1 . ILE B 1 42 ? -8.283  4.570   0.757   1.00 23.10 ? 42  ILE B CD1 1 
ATOM   820  N N   . ARG B 1 43 ? -10.012 -0.876  2.199   1.00 16.96 ? 43  ARG B N   1 
ATOM   821  C CA  . ARG B 1 43 ? -11.064 -1.614  2.892   1.00 18.20 ? 43  ARG B CA  1 
ATOM   822  C C   . ARG B 1 43 ? -10.983 -1.327  4.382   1.00 18.28 ? 43  ARG B C   1 
ATOM   823  O O   . ARG B 1 43 ? -9.914  -1.472  4.985   1.00 18.04 ? 43  ARG B O   1 
ATOM   824  C CB  . ARG B 1 43 ? -10.951 -3.136  2.658   1.00 18.39 ? 43  ARG B CB  1 
ATOM   825  C CG  . ARG B 1 43 ? -11.337 -3.584  1.242   1.00 17.03 ? 43  ARG B CG  1 
ATOM   826  C CD  . ARG B 1 43 ? -11.241 -5.113  1.054   1.00 16.98 ? 43  ARG B CD  1 
ATOM   827  N NE  . ARG B 1 43 ? -9.874  -5.600  1.289   1.00 15.42 ? 43  ARG B NE  1 
ATOM   828  C CZ  . ARG B 1 43 ? -9.052  -6.007  0.327   1.00 17.24 ? 43  ARG B CZ  1 
ATOM   829  N NH1 . ARG B 1 43 ? -9.456  -6.026  -0.949  1.00 17.31 ? 43  ARG B NH1 1 
ATOM   830  N NH2 . ARG B 1 43 ? -7.815  -6.392  0.629   1.00 16.74 ? 43  ARG B NH2 1 
ATOM   831  N N   . GLU B 1 44 ? -12.125 -0.990  4.985   1.00 18.85 ? 44  GLU B N   1 
ATOM   832  C CA  . GLU B 1 44 ? -12.219 -0.721  6.416   1.00 18.73 ? 44  GLU B CA  1 
ATOM   833  C C   . GLU B 1 44 ? -12.830 -1.899  7.159   1.00 20.58 ? 44  GLU B C   1 
ATOM   834  O O   . GLU B 1 44 ? -13.770 -2.537  6.672   1.00 20.39 ? 44  GLU B O   1 
ATOM   835  C CB  . GLU B 1 44 ? -13.082 0.513   6.683   1.00 21.31 ? 44  GLU B CB  1 
ATOM   836  C CG  . GLU B 1 44 ? -12.506 1.797   6.155   1.00 21.31 ? 44  GLU B CG  1 
ATOM   837  C CD  . GLU B 1 44 ? -13.483 2.951   6.305   1.00 24.07 ? 44  GLU B CD  1 
ATOM   838  O OE1 . GLU B 1 44 ? -14.643 2.829   5.851   1.00 26.09 ? 44  GLU B OE1 1 
ATOM   839  O OE2 . GLU B 1 44 ? -13.089 3.971   6.896   1.00 26.66 ? 44  GLU B OE2 1 
ATOM   840  N N   . THR B 1 45 ? -12.322 -2.150  8.360   1.00 20.80 ? 45  THR B N   1 
ATOM   841  C CA  . THR B 1 45 ? -12.836 -3.170  9.258   1.00 19.73 ? 45  THR B CA  1 
ATOM   842  C C   . THR B 1 45 ? -12.757 -2.664  10.692  1.00 19.89 ? 45  THR B C   1 
ATOM   843  O O   . THR B 1 45 ? -11.983 -1.750  10.993  1.00 19.35 ? 45  THR B O   1 
ATOM   844  C CB  . THR B 1 45 ? -12.038 -4.479  9.130   1.00 21.16 ? 45  THR B CB  1 
ATOM   845  O OG1 . THR B 1 45 ? -10.657 -4.179  8.913   1.00 23.93 ? 45  THR B OG1 1 
ATOM   846  C CG2 . THR B 1 45 ? -12.566 -5.327  7.972   1.00 21.30 ? 45  THR B CG2 1 
ATOM   847  N N   . PRO B 1 46 ? -13.537 -3.249  11.600  1.00 20.80 ? 46  PRO B N   1 
ATOM   848  C CA  . PRO B 1 46 ? -13.360 -2.929  13.020  1.00 20.78 ? 46  PRO B CA  1 
ATOM   849  C C   . PRO B 1 46 ? -12.001 -3.383  13.528  1.00 22.10 ? 46  PRO B C   1 
ATOM   850  O O   . PRO B 1 46 ? -11.376 -4.308  12.997  1.00 19.85 ? 46  PRO B O   1 
ATOM   851  C CB  . PRO B 1 46 ? -14.495 -3.700  13.714  1.00 25.09 ? 46  PRO B CB  1 
ATOM   852  C CG  . PRO B 1 46 ? -15.458 -4.052  12.641  1.00 27.69 ? 46  PRO B CG  1 
ATOM   853  C CD  . PRO B 1 46 ? -14.635 -4.208  11.385  1.00 23.03 ? 46  PRO B CD  1 
ATOM   854  N N   . GLY B 1 47 ? -11.545 -2.723  14.599  1.00 21.64 ? 47  GLY B N   1 
ATOM   855  C CA  . GLY B 1 47 ? -10.291 -3.121  15.219  1.00 22.14 ? 47  GLY B CA  1 
ATOM   856  C C   . GLY B 1 47 ? -10.264 -4.577  15.634  1.00 20.67 ? 47  GLY B C   1 
ATOM   857  O O   . GLY B 1 47 ? -9.216  -5.225  15.567  1.00 21.57 ? 47  GLY B O   1 
ATOM   858  N N   . ALA B 1 48 ? -11.412 -5.114  16.061  1.00 20.22 ? 48  ALA B N   1 
ATOM   859  C CA  . ALA B 1 48 ? -11.493 -6.500  16.508  1.00 22.50 ? 48  ALA B CA  1 
ATOM   860  C C   . ALA B 1 48 ? -11.213 -7.482  15.385  1.00 22.74 ? 48  ALA B C   1 
ATOM   861  O O   . ALA B 1 48 ? -10.961 -8.662  15.658  1.00 22.88 ? 48  ALA B O   1 
ATOM   862  C CB  . ALA B 1 48 ? -12.878 -6.784  17.099  1.00 23.95 ? 48  ALA B CB  1 
ATOM   863  N N   . HIS B 1 49 ? -11.280 -7.035  14.135  1.00 20.21 ? 49  HIS B N   1 
ATOM   864  C CA  . HIS B 1 49 ? -10.966 -7.896  12.999  1.00 19.07 ? 49  HIS B CA  1 
ATOM   865  C C   . HIS B 1 49 ? -9.487  -7.868  12.633  1.00 20.11 ? 49  HIS B C   1 
ATOM   866  O O   . HIS B 1 49 ? -9.083  -8.556  11.687  1.00 21.26 ? 49  HIS B O   1 
ATOM   867  C CB  . HIS B 1 49 ? -11.807 -7.498  11.785  1.00 20.25 ? 49  HIS B CB  1 
ATOM   868  C CG  . HIS B 1 49 ? -13.248 -7.896  11.889  1.00 19.91 ? 49  HIS B CG  1 
ATOM   869  N ND1 . HIS B 1 49 ? -14.088 -7.920  10.798  1.00 20.02 ? 49  HIS B ND1 1 
ATOM   870  C CD2 . HIS B 1 49 ? -14.004 -8.262  12.955  1.00 23.53 ? 49  HIS B CD2 1 
ATOM   871  C CE1 . HIS B 1 49 ? -15.298 -8.298  11.182  1.00 21.48 ? 49  HIS B CE1 1 
ATOM   872  N NE2 . HIS B 1 49 ? -15.275 -8.507  12.487  1.00 23.92 ? 49  HIS B NE2 1 
ATOM   873  N N   . HIS B 1 50 ? -8.672  -7.097  13.356  1.00 18.08 ? 50  HIS B N   1 
ATOM   874  C CA  . HIS B 1 50 ? -7.219  -7.096  13.215  1.00 19.55 ? 50  HIS B CA  1 
ATOM   875  C C   . HIS B 1 50 ? -6.633  -7.765  14.449  1.00 22.83 ? 50  HIS B C   1 
ATOM   876  O O   . HIS B 1 50 ? -6.663  -7.187  15.537  1.00 22.54 ? 50  HIS B O   1 
ATOM   877  C CB  . HIS B 1 50 ? -6.683  -5.673  13.073  1.00 19.19 ? 50  HIS B CB  1 
ATOM   878  C CG  . HIS B 1 50 ? -7.170  -4.964  11.852  1.00 19.66 ? 50  HIS B CG  1 
ATOM   879  N ND1 . HIS B 1 50 ? -6.318  -4.497  10.875  1.00 20.60 ? 50  HIS B ND1 1 
ATOM   880  C CD2 . HIS B 1 50 ? -8.423  -4.646  11.446  1.00 18.50 ? 50  HIS B CD2 1 
ATOM   881  C CE1 . HIS B 1 50 ? -7.026  -3.925  9.916   1.00 20.30 ? 50  HIS B CE1 1 
ATOM   882  N NE2 . HIS B 1 50 ? -8.305  -3.998  10.240  1.00 18.62 ? 50  HIS B NE2 1 
ATOM   883  N N   . VAL B 1 51 ? -6.110  -8.979  14.295  1.00 20.97 ? 51  VAL B N   1 
ATOM   884  C CA  . VAL B 1 51 ? -5.590  -9.733  15.432  1.00 21.58 ? 51  VAL B CA  1 
ATOM   885  C C   . VAL B 1 51 ? -4.104  -9.965  15.175  1.00 22.66 ? 51  VAL B C   1 
ATOM   886  O O   . VAL B 1 51 ? -3.716  -10.816 14.361  1.00 21.78 ? 51  VAL B O   1 
ATOM   887  C CB  . VAL B 1 51 ? -6.355  -11.042 15.659  1.00 23.01 ? 51  VAL B CB  1 
ATOM   888  C CG1 . VAL B 1 51 ? -5.849  -11.746 16.919  1.00 24.79 ? 51  VAL B CG1 1 
ATOM   889  C CG2 . VAL B 1 51 ? -7.859  -10.752 15.787  1.00 23.63 ? 51  VAL B CG2 1 
ATOM   890  N N   . LYS B 1 52 ? -3.267  -9.191  15.859  1.00 22.98 ? 52  LYS B N   1 
ATOM   891  C CA  . LYS B 1 52 ? -1.830  -9.161  15.623  1.00 22.49 ? 52  LYS B CA  1 
ATOM   892  C C   . LYS B 1 52 ? -1.135  -9.763  16.836  1.00 26.30 ? 52  LYS B C   1 
ATOM   893  O O   . LYS B 1 52 ? -1.348  -9.306  17.966  1.00 26.95 ? 52  LYS B O   1 
ATOM   894  C CB  . LYS B 1 52 ? -1.348  -7.733  15.362  1.00 24.94 ? 52  LYS B CB  1 
ATOM   895  C CG  . LYS B 1 52 ? 0.165   -7.601  15.133  1.00 26.54 ? 52  LYS B CG  1 
ATOM   896  C CD  . LYS B 1 52 ? 0.569   -6.150  14.868  1.00 31.46 ? 52  LYS B CD  1 
ATOM   897  C CE  . LYS B 1 52 ? 0.461   -5.280  16.124  1.00 37.19 ? 52  LYS B CE  1 
ATOM   898  N NZ  . LYS B 1 52 ? 1.420   -5.635  17.225  1.00 37.20 ? 52  LYS B NZ  1 
ATOM   899  N N   . ALA B 1 53 ? -0.337  -10.802 16.602  1.00 26.34 ? 53  ALA B N   1 
ATOM   900  C CA  . ALA B 1 53 ? 0.318   -11.546 17.680  1.00 27.14 ? 53  ALA B CA  1 
ATOM   901  C C   . ALA B 1 53 ? -0.694  -12.033 18.714  1.00 28.00 ? 53  ALA B C   1 
ATOM   902  O O   . ALA B 1 53 ? -0.428  -12.057 19.920  1.00 32.70 ? 53  ALA B O   1 
ATOM   903  C CB  . ALA B 1 53 ? 1.413   -10.705 18.335  1.00 30.97 ? 53  ALA B CB  1 
ATOM   904  N N   . GLY B 1 54 ? -1.874  -12.427 18.241  1.00 25.80 ? 54  GLY B N   1 
ATOM   905  C CA  . GLY B 1 54 ? -2.911  -12.960 19.096  1.00 28.30 ? 54  GLY B CA  1 
ATOM   906  C C   . GLY B 1 54 ? -3.783  -11.934 19.787  1.00 28.68 ? 54  GLY B C   1 
ATOM   907  O O   . GLY B 1 54 ? -4.770  -12.321 20.432  1.00 32.81 ? 54  GLY B O   1 
ATOM   908  N N   . ARG B 1 55 ? -3.485  -10.645 19.654  1.00 26.96 ? 55  ARG B N   1 
ATOM   909  C CA  . ARG B 1 55 ? -4.208  -9.583  20.348  1.00 27.51 ? 55  ARG B CA  1 
ATOM   910  C C   . ARG B 1 55 ? -5.021  -8.759  19.358  1.00 26.46 ? 55  ARG B C   1 
ATOM   911  O O   . ARG B 1 55 ? -4.500  -8.361  18.310  1.00 24.58 ? 55  ARG B O   1 
ATOM   912  C CB  . ARG B 1 55 ? -3.232  -8.672  21.093  1.00 29.66 ? 55  ARG B CB  1 
ATOM   913  C CG  . ARG B 1 55 ? -2.204  -9.424  21.917  1.00 39.13 ? 55  ARG B CG  1 
ATOM   914  C CD  . ARG B 1 55 ? -2.588  -9.451  23.384  1.00 46.24 ? 55  ARG B CD  1 
ATOM   915  N NE  . ARG B 1 55 ? -1.866  -8.442  24.157  1.00 55.34 ? 55  ARG B NE  1 
ATOM   916  C CZ  . ARG B 1 55 ? -0.601  -8.566  24.553  1.00 59.47 ? 55  ARG B CZ  1 
ATOM   917  N NH1 . ARG B 1 55 ? 0.093   -9.656  24.246  1.00 57.15 ? 55  ARG B NH1 1 
ATOM   918  N NH2 . ARG B 1 55 ? -0.026  -7.597  25.255  1.00 62.35 ? 55  ARG B NH2 1 
ATOM   919  N N   . THR B 1 56 ? -6.279  -8.479  19.698  1.00 26.96 ? 56  THR B N   1 
ATOM   920  C CA  . THR B 1 56 ? -7.064  -7.573  18.868  1.00 24.58 ? 56  THR B CA  1 
ATOM   921  C C   . THR B 1 56 ? -6.520  -6.154  18.972  1.00 27.68 ? 56  THR B C   1 
ATOM   922  O O   . THR B 1 56 ? -5.953  -5.753  19.995  1.00 28.41 ? 56  THR B O   1 
ATOM   923  C CB  . THR B 1 56 ? -8.541  -7.559  19.260  1.00 29.59 ? 56  THR B CB  1 
ATOM   924  O OG1 . THR B 1 56 ? -8.679  -7.069  20.602  1.00 33.69 ? 56  THR B OG1 1 
ATOM   925  C CG2 . THR B 1 56 ? -9.153  -8.936  19.148  1.00 31.57 ? 56  THR B CG2 1 
ATOM   926  N N   . LEU B 1 57 ? -6.701  -5.406  17.921  1.00 22.33 ? 57  LEU B N   1 
ATOM   927  C CA  . LEU B 1 57 ? -6.329  -4.002  17.929  1.00 23.07 ? 57  LEU B CA  1 
ATOM   928  C C   . LEU B 1 57 ? -7.493  -3.146  18.424  1.00 24.95 ? 57  LEU B C   1 
ATOM   929  O O   . LEU B 1 57 ? -8.662  -3.501  18.236  1.00 23.76 ? 57  LEU B O   1 
ATOM   930  C CB  . LEU B 1 57 ? -5.922  -3.551  16.523  1.00 25.25 ? 57  LEU B CB  1 
ATOM   931  C CG  . LEU B 1 57 ? -4.706  -4.224  15.882  1.00 24.80 ? 57  LEU B CG  1 
ATOM   932  C CD1 . LEU B 1 57 ? -4.236  -3.448  14.655  1.00 22.49 ? 57  LEU B CD1 1 
ATOM   933  C CD2 . LEU B 1 57 ? -3.567  -4.389  16.875  1.00 28.05 ? 57  LEU B CD2 1 
ATOM   934  N N   . PRO B 1 58 ? -7.205  -2.023  19.076  1.00 26.32 ? 58  PRO B N   1 
ATOM   935  C CA  . PRO B 1 58 ? -8.281  -1.139  19.529  1.00 26.32 ? 58  PRO B CA  1 
ATOM   936  C C   . PRO B 1 58 ? -8.959  -0.448  18.360  1.00 25.21 ? 58  PRO B C   1 
ATOM   937  O O   . PRO B 1 58 ? -8.427  -0.370  17.251  1.00 24.45 ? 58  PRO B O   1 
ATOM   938  C CB  . PRO B 1 58 ? -7.555  -0.125  20.419  1.00 25.35 ? 58  PRO B CB  1 
ATOM   939  C CG  . PRO B 1 58 ? -6.176  -0.071  19.848  1.00 28.04 ? 58  PRO B CG  1 
ATOM   940  C CD  . PRO B 1 58 ? -5.869  -1.472  19.361  1.00 27.08 ? 58  PRO B CD  1 
ATOM   941  N N   . GLU B 1 59 ? -10.166 0.049   18.623  1.00 25.93 ? 59  GLU B N   1 
ATOM   942  C CA  . GLU B 1 59 ? -10.838 0.918   17.669  1.00 24.39 ? 59  GLU B CA  1 
ATOM   943  C C   . GLU B 1 59 ? -10.047 2.203   17.480  1.00 27.28 ? 59  GLU B C   1 
ATOM   944  O O   . GLU B 1 59 ? -9.508  2.763   18.440  1.00 28.90 ? 59  GLU B O   1 
ATOM   945  C CB  . GLU B 1 59 ? -12.246 1.262   18.148  1.00 25.19 ? 59  GLU B CB  1 
ATOM   946  C CG  . GLU B 1 59 ? -13.243 0.162   17.965  1.00 26.37 ? 59  GLU B CG  1 
ATOM   947  C CD  . GLU B 1 59 ? -13.506 -0.120  16.499  1.00 28.32 ? 59  GLU B CD  1 
ATOM   948  O OE1 . GLU B 1 59 ? -13.916 0.799   15.752  1.00 30.61 ? 59  GLU B OE1 1 
ATOM   949  O OE2 . GLU B 1 59 ? -13.284 -1.268  16.109  1.00 28.04 ? 59  GLU B OE2 1 
ATOM   950  N N   . TYR B 1 60 ? -9.987  2.678   16.234  1.00 24.56 ? 60  TYR B N   1 
ATOM   951  C CA  . TYR B 1 60 ? -9.391  3.980   15.952  1.00 26.01 ? 60  TYR B CA  1 
ATOM   952  C C   . TYR B 1 60 ? -10.406 5.093   16.187  1.00 26.25 ? 60  TYR B C   1 
ATOM   953  O O   . TYR B 1 60 ? -11.525 5.047   15.663  1.00 26.57 ? 60  TYR B O   1 
ATOM   954  C CB  . TYR B 1 60 ? -8.883  4.058   14.508  1.00 24.30 ? 60  TYR B CB  1 
ATOM   955  C CG  . TYR B 1 60 ? -8.411  5.460   14.128  1.00 23.69 ? 60  TYR B CG  1 
ATOM   956  C CD1 . TYR B 1 60 ? -9.290  6.394   13.573  1.00 23.80 ? 60  TYR B CD1 1 
ATOM   957  C CD2 . TYR B 1 60 ? -7.094  5.848   14.345  1.00 26.44 ? 60  TYR B CD2 1 
ATOM   958  C CE1 . TYR B 1 60 ? -8.863  7.667   13.240  1.00 24.88 ? 60  TYR B CE1 1 
ATOM   959  C CE2 . TYR B 1 60 ? -6.657  7.123   14.015  1.00 24.17 ? 60  TYR B CE2 1 
ATOM   960  C CZ  . TYR B 1 60 ? -7.547  8.025   13.466  1.00 25.29 ? 60  TYR B CZ  1 
ATOM   961  O OH  . TYR B 1 60 ? -7.114  9.290   13.144  1.00 27.70 ? 60  TYR B OH  1 
ATOM   962  N N   . THR B 1 61 ? -10.005 6.118   16.950  1.00 29.51 ? 61  THR B N   1 
ATOM   963  C CA  . THR B 1 61 ? -10.798 7.334   17.066  1.00 32.35 ? 61  THR B CA  1 
ATOM   964  C C   . THR B 1 61 ? -10.043 8.600   16.692  1.00 32.48 ? 61  THR B C   1 
ATOM   965  O O   . THR B 1 61 ? -10.687 9.617   16.402  1.00 37.94 ? 61  THR B O   1 
ATOM   966  C CB  . THR B 1 61 ? -11.343 7.508   18.496  1.00 33.34 ? 61  THR B CB  1 
ATOM   967  O OG1 . THR B 1 61 ? -10.256 7.727   19.404  1.00 31.48 ? 61  THR B OG1 1 
ATOM   968  C CG2 . THR B 1 61 ? -12.138 6.278   18.936  1.00 34.09 ? 61  THR B CG2 1 
ATOM   969  N N   . GLY B 1 62 ? -8.713  8.571   16.680  1.00 30.72 ? 62  GLY B N   1 
ATOM   970  C CA  . GLY B 1 62 ? -7.936  9.773   16.495  1.00 34.14 ? 62  GLY B CA  1 
ATOM   971  C C   . GLY B 1 62 ? -7.803  10.620  17.738  1.00 34.41 ? 62  GLY B C   1 
ATOM   972  O O   . GLY B 1 62 ? -7.020  11.579  17.732  1.00 35.58 ? 62  GLY B O   1 
ATOM   973  N N   . ASP B 1 63 ? -8.540  10.300  18.803  1.00 30.97 ? 63  ASP B N   1 
ATOM   974  C CA  . ASP B 1 63 ? -8.341  10.978  20.078  1.00 31.88 ? 63  ASP B CA  1 
ATOM   975  C C   . ASP B 1 63 ? -6.929  10.737  20.584  1.00 35.12 ? 63  ASP B C   1 
ATOM   976  O O   . ASP B 1 63 ? -6.423  9.611   20.551  1.00 34.82 ? 63  ASP B O   1 
ATOM   977  C CB  . ASP B 1 63 ? -9.342  10.478  21.123  1.00 30.69 ? 63  ASP B CB  1 
ATOM   978  C CG  . ASP B 1 63 ? -10.715 11.075  20.948  1.00 31.65 ? 63  ASP B CG  1 
ATOM   979  O OD1 . ASP B 1 63 ? -11.570 10.849  21.831  1.00 36.74 ? 63  ASP B OD1 1 
ATOM   980  O OD2 . ASP B 1 63 ? -10.945 11.753  19.930  1.00 36.14 ? 63  ASP B OD2 1 
ATOM   981  N N   . GLY B 1 64 ? -6.301  11.797  21.074  1.00 28.11 ? 64  GLY B N   1 
ATOM   982  C CA  . GLY B 1 64 ? -4.978  11.694  21.644  1.00 32.76 ? 64  GLY B CA  1 
ATOM   983  C C   . GLY B 1 64 ? -4.638  12.823  22.597  1.00 30.37 ? 64  GLY B C   1 
ATOM   984  O O   . GLY B 1 64 ? -3.591  12.741  23.240  1.00 35.50 ? 64  GLY B O   1 
HETATM 985  O O   . HOH C 2 .  ? 7.345   -12.987 -10.802 1.00 37.29 ? 101 HOH A O   1 
HETATM 986  O O   . HOH C 2 .  ? 11.668  -7.855  -15.712 1.00 36.43 ? 102 HOH A O   1 
HETATM 987  O O   . HOH C 2 .  ? -2.013  -2.411  21.033  1.00 44.02 ? 103 HOH A O   1 
HETATM 988  O O   . HOH C 2 .  ? 18.490  -0.047  -6.811  1.00 38.67 ? 104 HOH A O   1 
HETATM 989  O O   . HOH C 2 .  ? -2.391  -5.914  -3.618  1.00 18.88 ? 105 HOH A O   1 
HETATM 990  O O   . HOH C 2 .  ? 4.912   -4.783  15.130  1.00 38.42 ? 106 HOH A O   1 
HETATM 991  O O   . HOH C 2 .  ? -3.931  -0.372  -19.698 1.00 39.29 ? 107 HOH A O   1 
HETATM 992  O O   . HOH C 2 .  ? 9.154   -1.277  -18.435 1.00 35.66 ? 108 HOH A O   1 
HETATM 993  O O   . HOH C 2 .  ? 9.399   -12.749 -5.769  1.00 34.60 ? 109 HOH A O   1 
HETATM 994  O O   . HOH C 2 .  ? 12.072  -4.840  1.319   1.00 33.91 ? 110 HOH A O   1 
HETATM 995  O O   . HOH C 2 .  ? 2.063   -9.627  -7.535  1.00 24.77 ? 111 HOH A O   1 
HETATM 996  O O   . HOH C 2 .  ? 12.760  -8.342  -8.973  1.00 33.79 ? 112 HOH A O   1 
HETATM 997  O O   . HOH C 2 .  ? 9.999   -5.948  -8.559  1.00 22.56 ? 113 HOH A O   1 
HETATM 998  O O   . HOH C 2 .  ? 13.893  -5.648  -0.567  1.00 33.66 ? 114 HOH A O   1 
HETATM 999  O O   . HOH C 2 .  ? 8.073   -7.092  -14.846 1.00 25.19 ? 115 HOH A O   1 
HETATM 1000 O O   . HOH C 2 .  ? 15.008  -8.630  -4.463  1.00 38.98 ? 116 HOH A O   1 
HETATM 1001 O O   . HOH C 2 .  ? 6.164   8.420   2.260   1.00 36.79 ? 117 HOH A O   1 
HETATM 1002 O O   . HOH C 2 .  ? -4.852  -1.903  11.761  1.00 24.06 ? 118 HOH A O   1 
HETATM 1003 O O   . HOH C 2 .  ? 19.906  -2.961  -20.921 1.00 32.33 ? 119 HOH A O   1 
HETATM 1004 O O   . HOH C 2 .  ? 4.304   -8.307  -20.657 1.00 36.49 ? 120 HOH A O   1 
HETATM 1005 O O   . HOH C 2 .  ? 11.656  -0.423  -17.089 1.00 35.69 ? 121 HOH A O   1 
HETATM 1006 O O   . HOH C 2 .  ? 18.677  -6.401  -5.571  1.00 35.94 ? 122 HOH A O   1 
HETATM 1007 O O   . HOH C 2 .  ? 6.006   -1.591  7.860   1.00 24.81 ? 123 HOH A O   1 
HETATM 1008 O O   . HOH C 2 .  ? 15.617  -1.121  -11.430 1.00 39.54 ? 124 HOH A O   1 
HETATM 1009 O O   . HOH C 2 .  ? 16.450  1.012   0.164   1.00 39.50 ? 125 HOH A O   1 
HETATM 1010 O O   . HOH C 2 .  ? 7.580   -6.393  -21.879 1.00 35.91 ? 126 HOH A O   1 
HETATM 1011 O O   . HOH C 2 .  ? 15.422  2.541   1.887   1.00 44.13 ? 127 HOH A O   1 
HETATM 1012 O O   . HOH C 2 .  ? 0.578   10.503  12.305  1.00 39.85 ? 128 HOH A O   1 
HETATM 1013 O O   . HOH C 2 .  ? 11.753  5.366   1.126   1.00 30.40 ? 129 HOH A O   1 
HETATM 1014 O O   . HOH C 2 .  ? -4.324  13.116  6.913   1.00 32.84 ? 130 HOH A O   1 
HETATM 1015 O O   . HOH C 2 .  ? 9.685   -4.285  -21.201 1.00 42.04 ? 131 HOH A O   1 
HETATM 1016 O O   . HOH C 2 .  ? -2.584  -6.712  -24.278 1.00 41.35 ? 132 HOH A O   1 
HETATM 1017 O O   . HOH C 2 .  ? 4.598   2.484   16.707  1.00 33.22 ? 133 HOH A O   1 
HETATM 1018 O O   . HOH C 2 .  ? 7.214   -12.028 -4.528  1.00 25.03 ? 134 HOH A O   1 
HETATM 1019 O O   . HOH C 2 .  ? 15.310  -5.612  -14.149 1.00 42.52 ? 135 HOH A O   1 
HETATM 1020 O O   . HOH C 2 .  ? 11.862  2.996   -13.344 1.00 38.12 ? 136 HOH A O   1 
HETATM 1021 O O   . HOH C 2 .  ? -5.031  -10.812 -1.605  0.33 35.03 ? 137 HOH A O   1 
HETATM 1022 O O   . HOH C 2 .  ? 4.446   -2.266  -10.946 1.00 11.56 ? 138 HOH A O   1 
HETATM 1023 O O   . HOH C 2 .  ? 15.866  -3.469  -21.352 1.00 41.86 ? 139 HOH A O   1 
HETATM 1024 O O   . HOH C 2 .  ? 11.927  2.098   -15.940 1.00 37.17 ? 140 HOH A O   1 
HETATM 1025 O O   . HOH C 2 .  ? 17.901  -3.601  0.680   1.00 44.36 ? 141 HOH A O   1 
HETATM 1026 O O   . HOH C 2 .  ? 14.285  -7.933  -1.762  1.00 36.09 ? 142 HOH A O   1 
HETATM 1027 O O   . HOH C 2 .  ? 10.705  5.083   8.419   1.00 48.04 ? 143 HOH A O   1 
HETATM 1028 O O   . HOH C 2 .  ? 5.719   -12.665 -19.314 1.00 45.05 ? 144 HOH A O   1 
HETATM 1029 O O   . HOH C 2 .  ? 6.477   7.707   10.000  1.00 39.01 ? 145 HOH A O   1 
HETATM 1030 O O   . HOH C 2 .  ? -2.249  14.164  5.708   1.00 41.60 ? 146 HOH A O   1 
HETATM 1031 O O   . HOH C 2 .  ? 2.301   -14.635 -5.143  0.33 27.94 ? 147 HOH A O   1 
HETATM 1032 O O   . HOH D 2 .  ? -5.543  12.589  16.150  1.00 35.28 ? 101 HOH B O   1 
HETATM 1033 O O   . HOH D 2 .  ? -13.421 -3.438  17.350  1.00 30.08 ? 102 HOH B O   1 
HETATM 1034 O O   . HOH D 2 .  ? -10.197 8.152   -1.066  1.00 32.13 ? 103 HOH B O   1 
HETATM 1035 O O   . HOH D 2 .  ? -4.237  -5.450  2.470   1.00 19.61 ? 104 HOH B O   1 
HETATM 1036 O O   . HOH D 2 .  ? -13.802 3.731   15.594  1.00 33.35 ? 105 HOH B O   1 
HETATM 1037 O O   . HOH D 2 .  ? -10.933 4.412   8.394   1.00 22.17 ? 106 HOH B O   1 
HETATM 1038 O O   . HOH D 2 .  ? -11.884 9.035   0.989   1.00 29.00 ? 107 HOH B O   1 
HETATM 1039 O O   . HOH D 2 .  ? 13.944  3.721   -5.190  1.00 34.03 ? 108 HOH B O   1 
HETATM 1040 O O   . HOH D 2 .  ? -13.501 12.397  22.857  1.00 31.42 ? 109 HOH B O   1 
HETATM 1041 O O   . HOH D 2 .  ? -7.419  14.540  1.588   1.00 36.39 ? 110 HOH B O   1 
HETATM 1042 O O   . HOH D 2 .  ? -0.276  -6.985  18.891  1.00 36.13 ? 111 HOH B O   1 
HETATM 1043 O O   . HOH D 2 .  ? -7.067  3.504   19.427  1.00 36.40 ? 112 HOH B O   1 
HETATM 1044 O O   . HOH D 2 .  ? -14.315 5.669   8.670   1.00 31.40 ? 113 HOH B O   1 
HETATM 1045 O O   . HOH D 2 .  ? -15.885 -1.368  8.948   1.00 34.57 ? 114 HOH B O   1 
HETATM 1046 O O   . HOH D 2 .  ? -11.450 1.216   14.259  1.00 21.86 ? 115 HOH B O   1 
HETATM 1047 O O   . HOH D 2 .  ? -11.205 -3.676  19.337  1.00 31.35 ? 116 HOH B O   1 
HETATM 1048 O O   . HOH D 2 .  ? 1.869   -3.117  -12.260 1.00 24.08 ? 117 HOH B O   1 
HETATM 1049 O O   . HOH D 2 .  ? -10.150 -4.122  6.035   1.00 26.16 ? 118 HOH B O   1 
HETATM 1050 O O   . HOH D 2 .  ? -7.496  6.205   18.150  1.00 33.61 ? 119 HOH B O   1 
HETATM 1051 O O   . HOH D 2 .  ? -16.331 1.046   4.524   1.00 32.81 ? 120 HOH B O   1 
HETATM 1052 O O   . HOH D 2 .  ? -1.260  12.848  0.732   1.00 30.85 ? 121 HOH B O   1 
HETATM 1053 O O   . HOH D 2 .  ? -2.367  -13.039 15.555  1.00 24.27 ? 122 HOH B O   1 
HETATM 1054 O O   . HOH D 2 .  ? 4.402   9.682   -0.255  1.00 36.39 ? 123 HOH B O   1 
HETATM 1055 O O   . HOH D 2 .  ? -10.619 3.217   21.006  1.00 39.39 ? 124 HOH B O   1 
HETATM 1056 O O   . HOH D 2 .  ? -15.454 11.994  6.288   1.00 33.97 ? 125 HOH B O   1 
HETATM 1057 O O   . HOH D 2 .  ? -11.149 -0.082  21.326  1.00 34.39 ? 126 HOH B O   1 
HETATM 1058 O O   . HOH D 2 .  ? -6.987  -9.520  22.304  1.00 36.12 ? 127 HOH B O   1 
HETATM 1059 O O   . HOH D 2 .  ? 1.329   7.752   -15.603 1.00 33.28 ? 128 HOH B O   1 
HETATM 1060 O O   . HOH D 2 .  ? -14.389 -0.446  3.195   1.00 23.97 ? 129 HOH B O   1 
HETATM 1061 O O   . HOH D 2 .  ? -17.971 -1.759  14.697  1.00 45.13 ? 130 HOH B O   1 
HETATM 1062 O O   . HOH D 2 .  ? -6.909  -9.833  -0.698  0.33 34.12 ? 131 HOH B O   1 
HETATM 1063 O O   . HOH D 2 .  ? -13.275 -4.939  4.750   1.00 31.20 ? 132 HOH B O   1 
HETATM 1064 O O   . HOH D 2 .  ? -5.235  0.970   10.879  1.00 10.85 ? 133 HOH B O   1 
HETATM 1065 O O   . HOH D 2 .  ? -11.941 13.531  0.528   1.00 38.51 ? 134 HOH B O   1 
HETATM 1066 O O   . HOH D 2 .  ? -14.337 8.051   1.813   1.00 35.40 ? 135 HOH B O   1 
HETATM 1067 O O   . HOH D 2 .  ? 3.421   11.326  -13.337 1.00 43.49 ? 136 HOH B O   1 
HETATM 1068 O O   . HOH D 2 .  ? -12.372 11.266  -1.087  1.00 39.84 ? 137 HOH B O   1 
HETATM 1069 O O   . HOH D 2 .  ? 3.854   10.996  -8.024  1.00 40.69 ? 138 HOH B O   1 
HETATM 1070 O O   . HOH D 2 .  ? 13.502  6.005   -3.493  1.00 41.43 ? 139 HOH B O   1 
HETATM 1071 O O   . HOH D 2 .  ? -15.792 -4.551  17.421  1.00 42.46 ? 140 HOH B O   1 
HETATM 1072 O O   . HOH D 2 .  ? -13.228 3.611   20.929  1.00 44.43 ? 141 HOH B O   1 
HETATM 1073 O O   . HOH D 2 .  ? -14.276 -5.992  2.858   0.33 30.89 ? 142 HOH B O   1 
HETATM 1074 O O   . HOH D 2 .  ? -13.872 -7.637  20.684  1.00 47.11 ? 143 HOH B O   1 
HETATM 1075 O O   . HOH D 2 .  ? -16.195 10.058  0.534   1.00 42.50 ? 144 HOH B O   1 
# 
loop_
_pdbx_poly_seq_scheme.asym_id 
_pdbx_poly_seq_scheme.entity_id 
_pdbx_poly_seq_scheme.seq_id 
_pdbx_poly_seq_scheme.mon_id 
_pdbx_poly_seq_scheme.ndb_seq_num 
_pdbx_poly_seq_scheme.pdb_seq_num 
_pdbx_poly_seq_scheme.auth_seq_num 
_pdbx_poly_seq_scheme.pdb_mon_id 
_pdbx_poly_seq_scheme.auth_mon_id 
_pdbx_poly_seq_scheme.pdb_strand_id 
_pdbx_poly_seq_scheme.pdb_ins_code 
_pdbx_poly_seq_scheme.hetero 
A 1 1  PRO 1  1  1  PRO PRO A . n 
A 1 2  VAL 2  2  2  VAL VAL A . n 
A 1 3  ILE 3  3  3  ILE ILE A . n 
A 1 4  GLN 4  4  4  GLN GLN A . n 
A 1 5  CYS 5  5  5  CYS CYS A . n 
A 1 6  ASP 6  6  6  ASP ASP A . n 
A 1 7  ILE 7  7  7  ILE ILE A . n 
A 1 8  ARG 8  8  8  ARG ARG A . n 
A 1 9  GLN 9  9  9  GLN GLN A . n 
A 1 10 GLY 10 10 10 GLY GLY A . n 
A 1 11 ARG 11 11 11 ARG ARG A . n 
A 1 12 THR 12 12 12 THR THR A . n 
A 1 13 ALA 13 13 13 ALA ALA A . n 
A 1 14 GLU 14 14 14 GLU GLU A . n 
A 1 15 GLN 15 15 15 GLN GLN A . n 
A 1 16 LYS 16 16 16 LYS LYS A . n 
A 1 17 GLN 17 17 17 GLN GLN A . n 
A 1 18 ALA 18 18 18 ALA ALA A . n 
A 1 19 MET 19 19 19 MET MET A . n 
A 1 20 ALA 20 20 20 ALA ALA A . n 
A 1 21 GLU 21 21 21 GLU GLU A . n 
A 1 22 ALA 22 22 22 ALA ALA A . n 
A 1 23 ILE 23 23 23 ILE ILE A . n 
A 1 24 THR 24 24 24 THR THR A . n 
A 1 25 ARG 25 25 25 ARG ARG A . n 
A 1 26 ALA 26 26 26 ALA ALA A . n 
A 1 27 VAL 27 27 27 VAL VAL A . n 
A 1 28 HIS 28 28 28 HIS HIS A . n 
A 1 29 GLU 29 29 29 GLU GLU A . n 
A 1 30 THR 30 30 30 THR THR A . n 
A 1 31 ILE 31 31 31 ILE ILE A . n 
A 1 32 GLY 32 32 32 GLY GLY A . n 
A 1 33 ALA 33 33 33 ALA ALA A . n 
A 1 34 PRO 34 34 34 PRO PRO A . n 
A 1 35 VAL 35 35 35 VAL VAL A . n 
A 1 36 GLU 36 36 36 GLU GLU A . n 
A 1 37 TYR 37 37 37 TYR TYR A . n 
A 1 38 ILE 38 38 38 ILE ILE A . n 
A 1 39 TYR 39 39 39 TYR TYR A . n 
A 1 40 VAL 40 40 40 VAL VAL A . n 
A 1 41 LEU 41 41 41 LEU LEU A . n 
A 1 42 ILE 42 42 42 ILE ILE A . n 
A 1 43 ARG 43 43 43 ARG ARG A . n 
A 1 44 GLU 44 44 44 GLU GLU A . n 
A 1 45 THR 45 45 45 THR THR A . n 
A 1 46 PRO 46 46 46 PRO PRO A . n 
A 1 47 GLY 47 47 47 GLY GLY A . n 
A 1 48 ALA 48 48 48 ALA ALA A . n 
A 1 49 HIS 49 49 49 HIS HIS A . n 
A 1 50 HIS 50 50 50 HIS HIS A . n 
A 1 51 VAL 51 51 51 VAL VAL A . n 
A 1 52 LYS 52 52 52 LYS LYS A . n 
A 1 53 ALA 53 53 53 ALA ALA A . n 
A 1 54 GLY 54 54 54 GLY GLY A . n 
A 1 55 ARG 55 55 55 ARG ARG A . n 
A 1 56 THR 56 56 56 THR THR A . n 
A 1 57 LEU 57 57 57 LEU LEU A . n 
A 1 58 PRO 58 58 58 PRO PRO A . n 
A 1 59 GLU 59 59 59 GLU GLU A . n 
A 1 60 TYR 60 60 60 TYR TYR A . n 
A 1 61 THR 61 61 61 THR THR A . n 
A 1 62 GLY 62 62 62 GLY GLY A . n 
A 1 63 ASP 63 63 63 ASP ASP A . n 
A 1 64 GLY 64 64 64 GLY GLY A . n 
B 1 1  PRO 1  1  1  PRO PRO B . n 
B 1 2  VAL 2  2  2  VAL VAL B . n 
B 1 3  ILE 3  3  3  ILE ILE B . n 
B 1 4  GLN 4  4  4  GLN GLN B . n 
B 1 5  CYS 5  5  5  CYS CYS B . n 
B 1 6  ASP 6  6  6  ASP ASP B . n 
B 1 7  ILE 7  7  7  ILE ILE B . n 
B 1 8  ARG 8  8  8  ARG ARG B . n 
B 1 9  GLN 9  9  9  GLN GLN B . n 
B 1 10 GLY 10 10 10 GLY GLY B . n 
B 1 11 ARG 11 11 11 ARG ARG B . n 
B 1 12 THR 12 12 12 THR THR B . n 
B 1 13 ALA 13 13 13 ALA ALA B . n 
B 1 14 GLU 14 14 14 GLU GLU B . n 
B 1 15 GLN 15 15 15 GLN GLN B . n 
B 1 16 LYS 16 16 16 LYS LYS B . n 
B 1 17 GLN 17 17 17 GLN GLN B . n 
B 1 18 ALA 18 18 18 ALA ALA B . n 
B 1 19 MET 19 19 19 MET MET B . n 
B 1 20 ALA 20 20 20 ALA ALA B . n 
B 1 21 GLU 21 21 21 GLU GLU B . n 
B 1 22 ALA 22 22 22 ALA ALA B . n 
B 1 23 ILE 23 23 23 ILE ILE B . n 
B 1 24 THR 24 24 24 THR THR B . n 
B 1 25 ARG 25 25 25 ARG ARG B . n 
B 1 26 ALA 26 26 26 ALA ALA B . n 
B 1 27 VAL 27 27 27 VAL VAL B . n 
B 1 28 HIS 28 28 28 HIS HIS B . n 
B 1 29 GLU 29 29 29 GLU GLU B . n 
B 1 30 THR 30 30 30 THR THR B . n 
B 1 31 ILE 31 31 31 ILE ILE B . n 
B 1 32 GLY 32 32 32 GLY GLY B . n 
B 1 33 ALA 33 33 33 ALA ALA B . n 
B 1 34 PRO 34 34 34 PRO PRO B . n 
B 1 35 VAL 35 35 35 VAL VAL B . n 
B 1 36 GLU 36 36 36 GLU GLU B . n 
B 1 37 TYR 37 37 37 TYR TYR B . n 
B 1 38 ILE 38 38 38 ILE ILE B . n 
B 1 39 TYR 39 39 39 TYR TYR B . n 
B 1 40 VAL 40 40 40 VAL VAL B . n 
B 1 41 LEU 41 41 41 LEU LEU B . n 
B 1 42 ILE 42 42 42 ILE ILE B . n 
B 1 43 ARG 43 43 43 ARG ARG B . n 
B 1 44 GLU 44 44 44 GLU GLU B . n 
B 1 45 THR 45 45 45 THR THR B . n 
B 1 46 PRO 46 46 46 PRO PRO B . n 
B 1 47 GLY 47 47 47 GLY GLY B . n 
B 1 48 ALA 48 48 48 ALA ALA B . n 
B 1 49 HIS 49 49 49 HIS HIS B . n 
B 1 50 HIS 50 50 50 HIS HIS B . n 
B 1 51 VAL 51 51 51 VAL VAL B . n 
B 1 52 LYS 52 52 52 LYS LYS B . n 
B 1 53 ALA 53 53 53 ALA ALA B . n 
B 1 54 GLY 54 54 54 GLY GLY B . n 
B 1 55 ARG 55 55 55 ARG ARG B . n 
B 1 56 THR 56 56 56 THR THR B . n 
B 1 57 LEU 57 57 57 LEU LEU B . n 
B 1 58 PRO 58 58 58 PRO PRO B . n 
B 1 59 GLU 59 59 59 GLU GLU B . n 
B 1 60 TYR 60 60 60 TYR TYR B . n 
B 1 61 THR 61 61 61 THR THR B . n 
B 1 62 GLY 62 62 62 GLY GLY B . n 
B 1 63 ASP 63 63 63 ASP ASP B . n 
B 1 64 GLY 64 64 64 GLY GLY B . n 
# 
loop_
_pdbx_nonpoly_scheme.asym_id 
_pdbx_nonpoly_scheme.entity_id 
_pdbx_nonpoly_scheme.mon_id 
_pdbx_nonpoly_scheme.ndb_seq_num 
_pdbx_nonpoly_scheme.pdb_seq_num 
_pdbx_nonpoly_scheme.auth_seq_num 
_pdbx_nonpoly_scheme.pdb_mon_id 
_pdbx_nonpoly_scheme.auth_mon_id 
_pdbx_nonpoly_scheme.pdb_strand_id 
_pdbx_nonpoly_scheme.pdb_ins_code 
C 2 HOH 1  101 57  HOH HOH A . 
C 2 HOH 2  102 69  HOH HOH A . 
C 2 HOH 3  103 71  HOH HOH A . 
C 2 HOH 4  104 91  HOH HOH A . 
C 2 HOH 5  105 3   HOH HOH A . 
C 2 HOH 6  106 74  HOH HOH A . 
C 2 HOH 7  107 51  HOH HOH A . 
C 2 HOH 8  108 33  HOH HOH A . 
C 2 HOH 9  109 31  HOH HOH A . 
C 2 HOH 10 110 32  HOH HOH A . 
C 2 HOH 11 111 13  HOH HOH A . 
C 2 HOH 12 112 30  HOH HOH A . 
C 2 HOH 13 113 6   HOH HOH A . 
C 2 HOH 14 114 29  HOH HOH A . 
C 2 HOH 15 115 11  HOH HOH A . 
C 2 HOH 16 116 77  HOH HOH A . 
C 2 HOH 17 117 67  HOH HOH A . 
C 2 HOH 18 118 14  HOH HOH A . 
C 2 HOH 19 119 26  HOH HOH A . 
C 2 HOH 20 120 40  HOH HOH A . 
C 2 HOH 21 121 41  HOH HOH A . 
C 2 HOH 22 122 25  HOH HOH A . 
C 2 HOH 23 123 9   HOH HOH A . 
C 2 HOH 24 124 62  HOH HOH A . 
C 2 HOH 25 125 72  HOH HOH A . 
C 2 HOH 26 126 39  HOH HOH A . 
C 2 HOH 27 127 98  HOH HOH A . 
C 2 HOH 28 128 82  HOH HOH A . 
C 2 HOH 29 129 22  HOH HOH A . 
C 2 HOH 30 130 46  HOH HOH A . 
C 2 HOH 31 131 95  HOH HOH A . 
C 2 HOH 32 132 81  HOH HOH A . 
C 2 HOH 33 133 36  HOH HOH A . 
C 2 HOH 34 134 12  HOH HOH A . 
C 2 HOH 35 135 94  HOH HOH A . 
C 2 HOH 36 136 103 HOH HOH A . 
C 2 HOH 37 137 105 HOH HOH A . 
C 2 HOH 38 138 2   HOH HOH A . 
C 2 HOH 39 139 63  HOH HOH A . 
C 2 HOH 40 140 100 HOH HOH A . 
C 2 HOH 41 141 114 HOH HOH A . 
C 2 HOH 42 142 37  HOH HOH A . 
C 2 HOH 43 143 107 HOH HOH A . 
C 2 HOH 44 144 75  HOH HOH A . 
C 2 HOH 45 145 76  HOH HOH A . 
C 2 HOH 46 146 83  HOH HOH A . 
C 2 HOH 47 147 19  HOH HOH A . 
D 2 HOH 1  101 34  HOH HOH B . 
D 2 HOH 2  102 16  HOH HOH B . 
D 2 HOH 3  103 48  HOH HOH B . 
D 2 HOH 4  104 4   HOH HOH B . 
D 2 HOH 5  105 79  HOH HOH B . 
D 2 HOH 6  106 5   HOH HOH B . 
D 2 HOH 7  107 17  HOH HOH B . 
D 2 HOH 8  108 44  HOH HOH B . 
D 2 HOH 9  109 18  HOH HOH B . 
D 2 HOH 10 110 50  HOH HOH B . 
D 2 HOH 11 111 35  HOH HOH B . 
D 2 HOH 12 112 52  HOH HOH B . 
D 2 HOH 13 113 28  HOH HOH B . 
D 2 HOH 14 114 54  HOH HOH B . 
D 2 HOH 15 115 7   HOH HOH B . 
D 2 HOH 16 116 42  HOH HOH B . 
D 2 HOH 17 117 20  HOH HOH B . 
D 2 HOH 18 118 15  HOH HOH B . 
D 2 HOH 19 119 49  HOH HOH B . 
D 2 HOH 20 120 24  HOH HOH B . 
D 2 HOH 21 121 43  HOH HOH B . 
D 2 HOH 22 122 10  HOH HOH B . 
D 2 HOH 23 123 59  HOH HOH B . 
D 2 HOH 24 124 58  HOH HOH B . 
D 2 HOH 25 125 47  HOH HOH B . 
D 2 HOH 26 126 27  HOH HOH B . 
D 2 HOH 27 127 38  HOH HOH B . 
D 2 HOH 28 128 23  HOH HOH B . 
D 2 HOH 29 129 8   HOH HOH B . 
D 2 HOH 30 130 117 HOH HOH B . 
D 2 HOH 31 131 102 HOH HOH B . 
D 2 HOH 32 132 53  HOH HOH B . 
D 2 HOH 33 133 1   HOH HOH B . 
D 2 HOH 34 134 87  HOH HOH B . 
D 2 HOH 35 135 45  HOH HOH B . 
D 2 HOH 36 136 65  HOH HOH B . 
D 2 HOH 37 137 66  HOH HOH B . 
D 2 HOH 38 138 108 HOH HOH B . 
D 2 HOH 39 139 60  HOH HOH B . 
D 2 HOH 40 140 86  HOH HOH B . 
D 2 HOH 41 141 89  HOH HOH B . 
D 2 HOH 42 142 55  HOH HOH B . 
D 2 HOH 43 143 106 HOH HOH B . 
D 2 HOH 44 144 104 HOH HOH B . 
# 
_pdbx_struct_assembly.id                   1 
_pdbx_struct_assembly.details              author_and_software_defined_assembly 
_pdbx_struct_assembly.method_details       PISA 
_pdbx_struct_assembly.oligomeric_details   hexameric 
_pdbx_struct_assembly.oligomeric_count     6 
# 
_pdbx_struct_assembly_gen.assembly_id       1 
_pdbx_struct_assembly_gen.oper_expression   1,2,3 
_pdbx_struct_assembly_gen.asym_id_list      A,B,C,D 
# 
loop_
_pdbx_struct_assembly_prop.biol_id 
_pdbx_struct_assembly_prop.type 
_pdbx_struct_assembly_prop.value 
_pdbx_struct_assembly_prop.details 
1 'ABSA (A^2)' 14180 ? 
1 MORE         -70   ? 
1 'SSA (A^2)'  14570 ? 
# 
loop_
_pdbx_struct_oper_list.id 
_pdbx_struct_oper_list.type 
_pdbx_struct_oper_list.name 
_pdbx_struct_oper_list.symmetry_operation 
_pdbx_struct_oper_list.matrix[1][1] 
_pdbx_struct_oper_list.matrix[1][2] 
_pdbx_struct_oper_list.matrix[1][3] 
_pdbx_struct_oper_list.vector[1] 
_pdbx_struct_oper_list.matrix[2][1] 
_pdbx_struct_oper_list.matrix[2][2] 
_pdbx_struct_oper_list.matrix[2][3] 
_pdbx_struct_oper_list.vector[2] 
_pdbx_struct_oper_list.matrix[3][1] 
_pdbx_struct_oper_list.matrix[3][2] 
_pdbx_struct_oper_list.matrix[3][3] 
_pdbx_struct_oper_list.vector[3] 
1 'identity operation'         1_555 x,y,z       1.0000000000 0.0000000000  0.0000000000  0.0000000000   0.0000000000  1.0000000000  0.0000000000  0.0000000000   0.0000000000  0.0000000000  1.0000000000  0.0000000000   
2 'crystal symmetry operation' 2_565 -y,x-y+1,z  0.4967565077 -0.8605039606 -0.1129863080 -12.0176631148 -0.1790094219 -0.2289739109 0.9568315291  -12.6540026861 -0.8492282372 -0.4550866752 -0.2677825969 -11.2276027760 
3 'crystal symmetry operation' 3_455 -x+y-1,-x,z 0.4967565077 -0.1790094219 -0.8492282372 -5.8301306599  -0.8605039606 -0.2289739109 -0.4550866752 -18.3482156078 -0.1129863080 0.9568315291  -0.2677825969 7.7433607236 
# 
loop_
_pdbx_struct_special_symmetry.id 
_pdbx_struct_special_symmetry.PDB_model_num 
_pdbx_struct_special_symmetry.auth_asym_id 
_pdbx_struct_special_symmetry.auth_comp_id 
_pdbx_struct_special_symmetry.auth_seq_id 
_pdbx_struct_special_symmetry.PDB_ins_code 
_pdbx_struct_special_symmetry.label_asym_id 
_pdbx_struct_special_symmetry.label_comp_id 
_pdbx_struct_special_symmetry.label_seq_id 
1 1 A HOH 137 ? C HOH . 
2 1 A HOH 147 ? C HOH . 
3 1 B HOH 131 ? D HOH . 
4 1 B HOH 142 ? D HOH . 
# 
loop_
_pdbx_audit_revision_history.ordinal 
_pdbx_audit_revision_history.data_content_type 
_pdbx_audit_revision_history.major_revision 
_pdbx_audit_revision_history.minor_revision 
_pdbx_audit_revision_history.revision_date 
1 'Structure model' 1 0 2021-06-02 
2 'Structure model' 1 1 2021-06-23 
3 'Structure model' 1 2 2023-10-18 
# 
_pdbx_audit_revision_details.ordinal             1 
_pdbx_audit_revision_details.revision_ordinal    1 
_pdbx_audit_revision_details.data_content_type   'Structure model' 
_pdbx_audit_revision_details.provider            repository 
_pdbx_audit_revision_details.type                'Initial release' 
_pdbx_audit_revision_details.description         ? 
_pdbx_audit_revision_details.details             ? 
# 
loop_
_pdbx_audit_revision_group.ordinal 
_pdbx_audit_revision_group.revision_ordinal 
_pdbx_audit_revision_group.data_content_type 
_pdbx_audit_revision_group.group 
1 2 'Structure model' 'Database references'    
2 3 'Structure model' 'Data collection'        
3 3 'Structure model' 'Database references'    
4 3 'Structure model' 'Refinement description' 
# 
loop_
_pdbx_audit_revision_category.ordinal 
_pdbx_audit_revision_category.revision_ordinal 
_pdbx_audit_revision_category.data_content_type 
_pdbx_audit_revision_category.category 
1 2 'Structure model' citation                      
2 2 'Structure model' citation_author               
3 3 'Structure model' chem_comp_atom                
4 3 'Structure model' chem_comp_bond                
5 3 'Structure model' database_2                    
6 3 'Structure model' pdbx_initial_refinement_model 
# 
loop_
_pdbx_audit_revision_item.ordinal 
_pdbx_audit_revision_item.revision_ordinal 
_pdbx_audit_revision_item.data_content_type 
_pdbx_audit_revision_item.item 
1 2 'Structure model' '_citation.journal_volume'            
2 2 'Structure model' '_citation.page_first'                
3 2 'Structure model' '_citation.page_last'                 
4 2 'Structure model' '_citation_author.identifier_ORCID'   
5 3 'Structure model' '_database_2.pdbx_DOI'                
6 3 'Structure model' '_database_2.pdbx_database_accession' 
# 
loop_
_software.citation_id 
_software.classification 
_software.compiler_name 
_software.compiler_version 
_software.contact_author 
_software.contact_author_email 
_software.date 
_software.description 
_software.dependencies 
_software.hardware 
_software.language 
_software.location 
_software.mods 
_software.name 
_software.os 
_software.os_version 
_software.type 
_software.version 
_software.pdbx_ordinal 
? 'data scaling'    ? ? ? ? ? ? ? ? ? ? ? HKL-2000    ? ? ? .           1 
? refinement        ? ? ? ? ? ? ? ? ? ? ? PHENIX      ? ? ? 1.11.1_2575 2 
? 'data extraction' ? ? ? ? ? ? ? ? ? ? ? PDB_EXTRACT ? ? ? 3.27        3 
? 'data reduction'  ? ? ? ? ? ? ? ? ? ? ? HKL-2000    ? ? ? .           4 
? phasing           ? ? ? ? ? ? ? ? ? ? ? PHENIX      ? ? ? .           5 
# 
loop_
_chem_comp_atom.comp_id 
_chem_comp_atom.atom_id 
_chem_comp_atom.type_symbol 
_chem_comp_atom.pdbx_aromatic_flag 
_chem_comp_atom.pdbx_stereo_config 
_chem_comp_atom.pdbx_ordinal 
ALA N    N N N 1   
ALA CA   C N S 2   
ALA C    C N N 3   
ALA O    O N N 4   
ALA CB   C N N 5   
ALA OXT  O N N 6   
ALA H    H N N 7   
ALA H2   H N N 8   
ALA HA   H N N 9   
ALA HB1  H N N 10  
ALA HB2  H N N 11  
ALA HB3  H N N 12  
ALA HXT  H N N 13  
ARG N    N N N 14  
ARG CA   C N S 15  
ARG C    C N N 16  
ARG O    O N N 17  
ARG CB   C N N 18  
ARG CG   C N N 19  
ARG CD   C N N 20  
ARG NE   N N N 21  
ARG CZ   C N N 22  
ARG NH1  N N N 23  
ARG NH2  N N N 24  
ARG OXT  O N N 25  
ARG H    H N N 26  
ARG H2   H N N 27  
ARG HA   H N N 28  
ARG HB2  H N N 29  
ARG HB3  H N N 30  
ARG HG2  H N N 31  
ARG HG3  H N N 32  
ARG HD2  H N N 33  
ARG HD3  H N N 34  
ARG HE   H N N 35  
ARG HH11 H N N 36  
ARG HH12 H N N 37  
ARG HH21 H N N 38  
ARG HH22 H N N 39  
ARG HXT  H N N 40  
ASP N    N N N 41  
ASP CA   C N S 42  
ASP C    C N N 43  
ASP O    O N N 44  
ASP CB   C N N 45  
ASP CG   C N N 46  
ASP OD1  O N N 47  
ASP OD2  O N N 48  
ASP OXT  O N N 49  
ASP H    H N N 50  
ASP H2   H N N 51  
ASP HA   H N N 52  
ASP HB2  H N N 53  
ASP HB3  H N N 54  
ASP HD2  H N N 55  
ASP HXT  H N N 56  
CYS N    N N N 57  
CYS CA   C N R 58  
CYS C    C N N 59  
CYS O    O N N 60  
CYS CB   C N N 61  
CYS SG   S N N 62  
CYS OXT  O N N 63  
CYS H    H N N 64  
CYS H2   H N N 65  
CYS HA   H N N 66  
CYS HB2  H N N 67  
CYS HB3  H N N 68  
CYS HG   H N N 69  
CYS HXT  H N N 70  
GLN N    N N N 71  
GLN CA   C N S 72  
GLN C    C N N 73  
GLN O    O N N 74  
GLN CB   C N N 75  
GLN CG   C N N 76  
GLN CD   C N N 77  
GLN OE1  O N N 78  
GLN NE2  N N N 79  
GLN OXT  O N N 80  
GLN H    H N N 81  
GLN H2   H N N 82  
GLN HA   H N N 83  
GLN HB2  H N N 84  
GLN HB3  H N N 85  
GLN HG2  H N N 86  
GLN HG3  H N N 87  
GLN HE21 H N N 88  
GLN HE22 H N N 89  
GLN HXT  H N N 90  
GLU N    N N N 91  
GLU CA   C N S 92  
GLU C    C N N 93  
GLU O    O N N 94  
GLU CB   C N N 95  
GLU CG   C N N 96  
GLU CD   C N N 97  
GLU OE1  O N N 98  
GLU OE2  O N N 99  
GLU OXT  O N N 100 
GLU H    H N N 101 
GLU H2   H N N 102 
GLU HA   H N N 103 
GLU HB2  H N N 104 
GLU HB3  H N N 105 
GLU HG2  H N N 106 
GLU HG3  H N N 107 
GLU HE2  H N N 108 
GLU HXT  H N N 109 
GLY N    N N N 110 
GLY CA   C N N 111 
GLY C    C N N 112 
GLY O    O N N 113 
GLY OXT  O N N 114 
GLY H    H N N 115 
GLY H2   H N N 116 
GLY HA2  H N N 117 
GLY HA3  H N N 118 
GLY HXT  H N N 119 
HIS N    N N N 120 
HIS CA   C N S 121 
HIS C    C N N 122 
HIS O    O N N 123 
HIS CB   C N N 124 
HIS CG   C Y N 125 
HIS ND1  N Y N 126 
HIS CD2  C Y N 127 
HIS CE1  C Y N 128 
HIS NE2  N Y N 129 
HIS OXT  O N N 130 
HIS H    H N N 131 
HIS H2   H N N 132 
HIS HA   H N N 133 
HIS HB2  H N N 134 
HIS HB3  H N N 135 
HIS HD1  H N N 136 
HIS HD2  H N N 137 
HIS HE1  H N N 138 
HIS HE2  H N N 139 
HIS HXT  H N N 140 
HOH O    O N N 141 
HOH H1   H N N 142 
HOH H2   H N N 143 
ILE N    N N N 144 
ILE CA   C N S 145 
ILE C    C N N 146 
ILE O    O N N 147 
ILE CB   C N S 148 
ILE CG1  C N N 149 
ILE CG2  C N N 150 
ILE CD1  C N N 151 
ILE OXT  O N N 152 
ILE H    H N N 153 
ILE H2   H N N 154 
ILE HA   H N N 155 
ILE HB   H N N 156 
ILE HG12 H N N 157 
ILE HG13 H N N 158 
ILE HG21 H N N 159 
ILE HG22 H N N 160 
ILE HG23 H N N 161 
ILE HD11 H N N 162 
ILE HD12 H N N 163 
ILE HD13 H N N 164 
ILE HXT  H N N 165 
LEU N    N N N 166 
LEU CA   C N S 167 
LEU C    C N N 168 
LEU O    O N N 169 
LEU CB   C N N 170 
LEU CG   C N N 171 
LEU CD1  C N N 172 
LEU CD2  C N N 173 
LEU OXT  O N N 174 
LEU H    H N N 175 
LEU H2   H N N 176 
LEU HA   H N N 177 
LEU HB2  H N N 178 
LEU HB3  H N N 179 
LEU HG   H N N 180 
LEU HD11 H N N 181 
LEU HD12 H N N 182 
LEU HD13 H N N 183 
LEU HD21 H N N 184 
LEU HD22 H N N 185 
LEU HD23 H N N 186 
LEU HXT  H N N 187 
LYS N    N N N 188 
LYS CA   C N S 189 
LYS C    C N N 190 
LYS O    O N N 191 
LYS CB   C N N 192 
LYS CG   C N N 193 
LYS CD   C N N 194 
LYS CE   C N N 195 
LYS NZ   N N N 196 
LYS OXT  O N N 197 
LYS H    H N N 198 
LYS H2   H N N 199 
LYS HA   H N N 200 
LYS HB2  H N N 201 
LYS HB3  H N N 202 
LYS HG2  H N N 203 
LYS HG3  H N N 204 
LYS HD2  H N N 205 
LYS HD3  H N N 206 
LYS HE2  H N N 207 
LYS HE3  H N N 208 
LYS HZ1  H N N 209 
LYS HZ2  H N N 210 
LYS HZ3  H N N 211 
LYS HXT  H N N 212 
MET N    N N N 213 
MET CA   C N S 214 
MET C    C N N 215 
MET O    O N N 216 
MET CB   C N N 217 
MET CG   C N N 218 
MET SD   S N N 219 
MET CE   C N N 220 
MET OXT  O N N 221 
MET H    H N N 222 
MET H2   H N N 223 
MET HA   H N N 224 
MET HB2  H N N 225 
MET HB3  H N N 226 
MET HG2  H N N 227 
MET HG3  H N N 228 
MET HE1  H N N 229 
MET HE2  H N N 230 
MET HE3  H N N 231 
MET HXT  H N N 232 
PRO N    N N N 233 
PRO CA   C N S 234 
PRO C    C N N 235 
PRO O    O N N 236 
PRO CB   C N N 237 
PRO CG   C N N 238 
PRO CD   C N N 239 
PRO OXT  O N N 240 
PRO H    H N N 241 
PRO HA   H N N 242 
PRO HB2  H N N 243 
PRO HB3  H N N 244 
PRO HG2  H N N 245 
PRO HG3  H N N 246 
PRO HD2  H N N 247 
PRO HD3  H N N 248 
PRO HXT  H N N 249 
THR N    N N N 250 
THR CA   C N S 251 
THR C    C N N 252 
THR O    O N N 253 
THR CB   C N R 254 
THR OG1  O N N 255 
THR CG2  C N N 256 
THR OXT  O N N 257 
THR H    H N N 258 
THR H2   H N N 259 
THR HA   H N N 260 
THR HB   H N N 261 
THR HG1  H N N 262 
THR HG21 H N N 263 
THR HG22 H N N 264 
THR HG23 H N N 265 
THR HXT  H N N 266 
TYR N    N N N 267 
TYR CA   C N S 268 
TYR C    C N N 269 
TYR O    O N N 270 
TYR CB   C N N 271 
TYR CG   C Y N 272 
TYR CD1  C Y N 273 
TYR CD2  C Y N 274 
TYR CE1  C Y N 275 
TYR CE2  C Y N 276 
TYR CZ   C Y N 277 
TYR OH   O N N 278 
TYR OXT  O N N 279 
TYR H    H N N 280 
TYR H2   H N N 281 
TYR HA   H N N 282 
TYR HB2  H N N 283 
TYR HB3  H N N 284 
TYR HD1  H N N 285 
TYR HD2  H N N 286 
TYR HE1  H N N 287 
TYR HE2  H N N 288 
TYR HH   H N N 289 
TYR HXT  H N N 290 
VAL N    N N N 291 
VAL CA   C N S 292 
VAL C    C N N 293 
VAL O    O N N 294 
VAL CB   C N N 295 
VAL CG1  C N N 296 
VAL CG2  C N N 297 
VAL OXT  O N N 298 
VAL H    H N N 299 
VAL H2   H N N 300 
VAL HA   H N N 301 
VAL HB   H N N 302 
VAL HG11 H N N 303 
VAL HG12 H N N 304 
VAL HG13 H N N 305 
VAL HG21 H N N 306 
VAL HG22 H N N 307 
VAL HG23 H N N 308 
VAL HXT  H N N 309 
# 
loop_
_chem_comp_bond.comp_id 
_chem_comp_bond.atom_id_1 
_chem_comp_bond.atom_id_2 
_chem_comp_bond.value_order 
_chem_comp_bond.pdbx_aromatic_flag 
_chem_comp_bond.pdbx_stereo_config 
_chem_comp_bond.pdbx_ordinal 
ALA N   CA   sing N N 1   
ALA N   H    sing N N 2   
ALA N   H2   sing N N 3   
ALA CA  C    sing N N 4   
ALA CA  CB   sing N N 5   
ALA CA  HA   sing N N 6   
ALA C   O    doub N N 7   
ALA C   OXT  sing N N 8   
ALA CB  HB1  sing N N 9   
ALA CB  HB2  sing N N 10  
ALA CB  HB3  sing N N 11  
ALA OXT HXT  sing N N 12  
ARG N   CA   sing N N 13  
ARG N   H    sing N N 14  
ARG N   H2   sing N N 15  
ARG CA  C    sing N N 16  
ARG CA  CB   sing N N 17  
ARG CA  HA   sing N N 18  
ARG C   O    doub N N 19  
ARG C   OXT  sing N N 20  
ARG CB  CG   sing N N 21  
ARG CB  HB2  sing N N 22  
ARG CB  HB3  sing N N 23  
ARG CG  CD   sing N N 24  
ARG CG  HG2  sing N N 25  
ARG CG  HG3  sing N N 26  
ARG CD  NE   sing N N 27  
ARG CD  HD2  sing N N 28  
ARG CD  HD3  sing N N 29  
ARG NE  CZ   sing N N 30  
ARG NE  HE   sing N N 31  
ARG CZ  NH1  sing N N 32  
ARG CZ  NH2  doub N N 33  
ARG NH1 HH11 sing N N 34  
ARG NH1 HH12 sing N N 35  
ARG NH2 HH21 sing N N 36  
ARG NH2 HH22 sing N N 37  
ARG OXT HXT  sing N N 38  
ASP N   CA   sing N N 39  
ASP N   H    sing N N 40  
ASP N   H2   sing N N 41  
ASP CA  C    sing N N 42  
ASP CA  CB   sing N N 43  
ASP CA  HA   sing N N 44  
ASP C   O    doub N N 45  
ASP C   OXT  sing N N 46  
ASP CB  CG   sing N N 47  
ASP CB  HB2  sing N N 48  
ASP CB  HB3  sing N N 49  
ASP CG  OD1  doub N N 50  
ASP CG  OD2  sing N N 51  
ASP OD2 HD2  sing N N 52  
ASP OXT HXT  sing N N 53  
CYS N   CA   sing N N 54  
CYS N   H    sing N N 55  
CYS N   H2   sing N N 56  
CYS CA  C    sing N N 57  
CYS CA  CB   sing N N 58  
CYS CA  HA   sing N N 59  
CYS C   O    doub N N 60  
CYS C   OXT  sing N N 61  
CYS CB  SG   sing N N 62  
CYS CB  HB2  sing N N 63  
CYS CB  HB3  sing N N 64  
CYS SG  HG   sing N N 65  
CYS OXT HXT  sing N N 66  
GLN N   CA   sing N N 67  
GLN N   H    sing N N 68  
GLN N   H2   sing N N 69  
GLN CA  C    sing N N 70  
GLN CA  CB   sing N N 71  
GLN CA  HA   sing N N 72  
GLN C   O    doub N N 73  
GLN C   OXT  sing N N 74  
GLN CB  CG   sing N N 75  
GLN CB  HB2  sing N N 76  
GLN CB  HB3  sing N N 77  
GLN CG  CD   sing N N 78  
GLN CG  HG2  sing N N 79  
GLN CG  HG3  sing N N 80  
GLN CD  OE1  doub N N 81  
GLN CD  NE2  sing N N 82  
GLN NE2 HE21 sing N N 83  
GLN NE2 HE22 sing N N 84  
GLN OXT HXT  sing N N 85  
GLU N   CA   sing N N 86  
GLU N   H    sing N N 87  
GLU N   H2   sing N N 88  
GLU CA  C    sing N N 89  
GLU CA  CB   sing N N 90  
GLU CA  HA   sing N N 91  
GLU C   O    doub N N 92  
GLU C   OXT  sing N N 93  
GLU CB  CG   sing N N 94  
GLU CB  HB2  sing N N 95  
GLU CB  HB3  sing N N 96  
GLU CG  CD   sing N N 97  
GLU CG  HG2  sing N N 98  
GLU CG  HG3  sing N N 99  
GLU CD  OE1  doub N N 100 
GLU CD  OE2  sing N N 101 
GLU OE2 HE2  sing N N 102 
GLU OXT HXT  sing N N 103 
GLY N   CA   sing N N 104 
GLY N   H    sing N N 105 
GLY N   H2   sing N N 106 
GLY CA  C    sing N N 107 
GLY CA  HA2  sing N N 108 
GLY CA  HA3  sing N N 109 
GLY C   O    doub N N 110 
GLY C   OXT  sing N N 111 
GLY OXT HXT  sing N N 112 
HIS N   CA   sing N N 113 
HIS N   H    sing N N 114 
HIS N   H2   sing N N 115 
HIS CA  C    sing N N 116 
HIS CA  CB   sing N N 117 
HIS CA  HA   sing N N 118 
HIS C   O    doub N N 119 
HIS C   OXT  sing N N 120 
HIS CB  CG   sing N N 121 
HIS CB  HB2  sing N N 122 
HIS CB  HB3  sing N N 123 
HIS CG  ND1  sing Y N 124 
HIS CG  CD2  doub Y N 125 
HIS ND1 CE1  doub Y N 126 
HIS ND1 HD1  sing N N 127 
HIS CD2 NE2  sing Y N 128 
HIS CD2 HD2  sing N N 129 
HIS CE1 NE2  sing Y N 130 
HIS CE1 HE1  sing N N 131 
HIS NE2 HE2  sing N N 132 
HIS OXT HXT  sing N N 133 
HOH O   H1   sing N N 134 
HOH O   H2   sing N N 135 
ILE N   CA   sing N N 136 
ILE N   H    sing N N 137 
ILE N   H2   sing N N 138 
ILE CA  C    sing N N 139 
ILE CA  CB   sing N N 140 
ILE CA  HA   sing N N 141 
ILE C   O    doub N N 142 
ILE C   OXT  sing N N 143 
ILE CB  CG1  sing N N 144 
ILE CB  CG2  sing N N 145 
ILE CB  HB   sing N N 146 
ILE CG1 CD1  sing N N 147 
ILE CG1 HG12 sing N N 148 
ILE CG1 HG13 sing N N 149 
ILE CG2 HG21 sing N N 150 
ILE CG2 HG22 sing N N 151 
ILE CG2 HG23 sing N N 152 
ILE CD1 HD11 sing N N 153 
ILE CD1 HD12 sing N N 154 
ILE CD1 HD13 sing N N 155 
ILE OXT HXT  sing N N 156 
LEU N   CA   sing N N 157 
LEU N   H    sing N N 158 
LEU N   H2   sing N N 159 
LEU CA  C    sing N N 160 
LEU CA  CB   sing N N 161 
LEU CA  HA   sing N N 162 
LEU C   O    doub N N 163 
LEU C   OXT  sing N N 164 
LEU CB  CG   sing N N 165 
LEU CB  HB2  sing N N 166 
LEU CB  HB3  sing N N 167 
LEU CG  CD1  sing N N 168 
LEU CG  CD2  sing N N 169 
LEU CG  HG   sing N N 170 
LEU CD1 HD11 sing N N 171 
LEU CD1 HD12 sing N N 172 
LEU CD1 HD13 sing N N 173 
LEU CD2 HD21 sing N N 174 
LEU CD2 HD22 sing N N 175 
LEU CD2 HD23 sing N N 176 
LEU OXT HXT  sing N N 177 
LYS N   CA   sing N N 178 
LYS N   H    sing N N 179 
LYS N   H2   sing N N 180 
LYS CA  C    sing N N 181 
LYS CA  CB   sing N N 182 
LYS CA  HA   sing N N 183 
LYS C   O    doub N N 184 
LYS C   OXT  sing N N 185 
LYS CB  CG   sing N N 186 
LYS CB  HB2  sing N N 187 
LYS CB  HB3  sing N N 188 
LYS CG  CD   sing N N 189 
LYS CG  HG2  sing N N 190 
LYS CG  HG3  sing N N 191 
LYS CD  CE   sing N N 192 
LYS CD  HD2  sing N N 193 
LYS CD  HD3  sing N N 194 
LYS CE  NZ   sing N N 195 
LYS CE  HE2  sing N N 196 
LYS CE  HE3  sing N N 197 
LYS NZ  HZ1  sing N N 198 
LYS NZ  HZ2  sing N N 199 
LYS NZ  HZ3  sing N N 200 
LYS OXT HXT  sing N N 201 
MET N   CA   sing N N 202 
MET N   H    sing N N 203 
MET N   H2   sing N N 204 
MET CA  C    sing N N 205 
MET CA  CB   sing N N 206 
MET CA  HA   sing N N 207 
MET C   O    doub N N 208 
MET C   OXT  sing N N 209 
MET CB  CG   sing N N 210 
MET CB  HB2  sing N N 211 
MET CB  HB3  sing N N 212 
MET CG  SD   sing N N 213 
MET CG  HG2  sing N N 214 
MET CG  HG3  sing N N 215 
MET SD  CE   sing N N 216 
MET CE  HE1  sing N N 217 
MET CE  HE2  sing N N 218 
MET CE  HE3  sing N N 219 
MET OXT HXT  sing N N 220 
PRO N   CA   sing N N 221 
PRO N   CD   sing N N 222 
PRO N   H    sing N N 223 
PRO CA  C    sing N N 224 
PRO CA  CB   sing N N 225 
PRO CA  HA   sing N N 226 
PRO C   O    doub N N 227 
PRO C   OXT  sing N N 228 
PRO CB  CG   sing N N 229 
PRO CB  HB2  sing N N 230 
PRO CB  HB3  sing N N 231 
PRO CG  CD   sing N N 232 
PRO CG  HG2  sing N N 233 
PRO CG  HG3  sing N N 234 
PRO CD  HD2  sing N N 235 
PRO CD  HD3  sing N N 236 
PRO OXT HXT  sing N N 237 
THR N   CA   sing N N 238 
THR N   H    sing N N 239 
THR N   H2   sing N N 240 
THR CA  C    sing N N 241 
THR CA  CB   sing N N 242 
THR CA  HA   sing N N 243 
THR C   O    doub N N 244 
THR C   OXT  sing N N 245 
THR CB  OG1  sing N N 246 
THR CB  CG2  sing N N 247 
THR CB  HB   sing N N 248 
THR OG1 HG1  sing N N 249 
THR CG2 HG21 sing N N 250 
THR CG2 HG22 sing N N 251 
THR CG2 HG23 sing N N 252 
THR OXT HXT  sing N N 253 
TYR N   CA   sing N N 254 
TYR N   H    sing N N 255 
TYR N   H2   sing N N 256 
TYR CA  C    sing N N 257 
TYR CA  CB   sing N N 258 
TYR CA  HA   sing N N 259 
TYR C   O    doub N N 260 
TYR C   OXT  sing N N 261 
TYR CB  CG   sing N N 262 
TYR CB  HB2  sing N N 263 
TYR CB  HB3  sing N N 264 
TYR CG  CD1  doub Y N 265 
TYR CG  CD2  sing Y N 266 
TYR CD1 CE1  sing Y N 267 
TYR CD1 HD1  sing N N 268 
TYR CD2 CE2  doub Y N 269 
TYR CD2 HD2  sing N N 270 
TYR CE1 CZ   doub Y N 271 
TYR CE1 HE1  sing N N 272 
TYR CE2 CZ   sing Y N 273 
TYR CE2 HE2  sing N N 274 
TYR CZ  OH   sing N N 275 
TYR OH  HH   sing N N 276 
TYR OXT HXT  sing N N 277 
VAL N   CA   sing N N 278 
VAL N   H    sing N N 279 
VAL N   H2   sing N N 280 
VAL CA  C    sing N N 281 
VAL CA  CB   sing N N 282 
VAL CA  HA   sing N N 283 
VAL C   O    doub N N 284 
VAL C   OXT  sing N N 285 
VAL CB  CG1  sing N N 286 
VAL CB  CG2  sing N N 287 
VAL CB  HB   sing N N 288 
VAL CG1 HG11 sing N N 289 
VAL CG1 HG12 sing N N 290 
VAL CG1 HG13 sing N N 291 
VAL CG2 HG21 sing N N 292 
VAL CG2 HG22 sing N N 293 
VAL CG2 HG23 sing N N 294 
VAL OXT HXT  sing N N 295 
# 
loop_
_pdbx_audit_support.funding_organization 
_pdbx_audit_support.country 
_pdbx_audit_support.grant_number 
_pdbx_audit_support.ordinal 
'National Institutes of Health/National Human Genome Research Institute (NIH/NHGRI)' ? GM-129331 1 
'National Institutes of Health/National Human Genome Research Institute (NIH/NHGRI)' ? GM-104896 2 
'National Institutes of Health/National Human Genome Research Institute (NIH/NHGRI)' ? GM125882  3 
'Robert A. Welch Foundation'                                                         ? F-1778    4 
# 
_pdbx_entity_nonpoly.entity_id   2 
_pdbx_entity_nonpoly.name        water 
_pdbx_entity_nonpoly.comp_id     HOH 
# 
_pdbx_initial_refinement_model.id               1 
_pdbx_initial_refinement_model.entity_id_list   ? 
_pdbx_initial_refinement_model.type             'experimental model' 
_pdbx_initial_refinement_model.source_name      PDB 
_pdbx_initial_refinement_model.accession_code   3RY0 
_pdbx_initial_refinement_model.details          ? 
# 
loop_
_pdbx_struct_assembly_auth_evidence.id 
_pdbx_struct_assembly_auth_evidence.assembly_id 
_pdbx_struct_assembly_auth_evidence.experimental_support 
_pdbx_struct_assembly_auth_evidence.details 
1 1 'gel filtration'   ? 
2 1 'light scattering' ? 
# 
